data_6HFG
# 
_entry.id   6HFG 
# 
_audit_conform.dict_name       mmcif_pdbx.dic 
_audit_conform.dict_version    5.392 
_audit_conform.dict_location   http://mmcif.pdb.org/dictionaries/ascii/mmcif_pdbx.dic 
# 
loop_
_database_2.database_id 
_database_2.database_code 
_database_2.pdbx_database_accession 
_database_2.pdbx_DOI 
PDB   6HFG         pdb_00006hfg 10.2210/pdb6hfg/pdb 
WWPDB D_1200011587 ?            ?                   
# 
loop_
_pdbx_audit_revision_history.ordinal 
_pdbx_audit_revision_history.data_content_type 
_pdbx_audit_revision_history.major_revision 
_pdbx_audit_revision_history.minor_revision 
_pdbx_audit_revision_history.revision_date 
1 'Structure model' 1 0 2019-07-03 
2 'Structure model' 1 1 2024-05-15 
# 
_pdbx_audit_revision_details.ordinal             1 
_pdbx_audit_revision_details.revision_ordinal    1 
_pdbx_audit_revision_details.data_content_type   'Structure model' 
_pdbx_audit_revision_details.provider            repository 
_pdbx_audit_revision_details.type                'Initial release' 
_pdbx_audit_revision_details.description         ? 
_pdbx_audit_revision_details.details             ? 
# 
loop_
_pdbx_audit_revision_group.ordinal 
_pdbx_audit_revision_group.revision_ordinal 
_pdbx_audit_revision_group.data_content_type 
_pdbx_audit_revision_group.group 
1 2 'Structure model' 'Data collection'     
2 2 'Structure model' 'Database references' 
# 
loop_
_pdbx_audit_revision_category.ordinal 
_pdbx_audit_revision_category.revision_ordinal 
_pdbx_audit_revision_category.data_content_type 
_pdbx_audit_revision_category.category 
1 2 'Structure model' chem_comp_atom 
2 2 'Structure model' chem_comp_bond 
3 2 'Structure model' database_2     
# 
loop_
_pdbx_audit_revision_item.ordinal 
_pdbx_audit_revision_item.revision_ordinal 
_pdbx_audit_revision_item.data_content_type 
_pdbx_audit_revision_item.item 
1 2 'Structure model' '_database_2.pdbx_DOI'                
2 2 'Structure model' '_database_2.pdbx_database_accession' 
# 
_pdbx_database_status.status_code                     REL 
_pdbx_database_status.status_code_sf                  REL 
_pdbx_database_status.status_code_mr                  ? 
_pdbx_database_status.entry_id                        6HFG 
_pdbx_database_status.recvd_initial_deposition_date   2018-08-21 
_pdbx_database_status.SG_entry                        N 
_pdbx_database_status.deposit_site                    PDBE 
_pdbx_database_status.process_site                    PDBE 
_pdbx_database_status.status_code_cs                  ? 
_pdbx_database_status.methods_development_category    ? 
_pdbx_database_status.pdb_format_compatible           Y 
_pdbx_database_status.status_code_nmr_data            ? 
# 
loop_
_audit_author.name 
_audit_author.pdbx_ordinal 
_audit_author.identifier_ORCID 
'Juarez-Martinez, A.B.' 1 ?                   
'de Massy, B.'          2 ?                   
'Kadlec, J.'            3 0000-0002-4853-6918 
# 
_citation.abstract                  ? 
_citation.abstract_id_CAS           ? 
_citation.book_id_ISBN              ? 
_citation.book_publisher            ? 
_citation.book_publisher_city       ? 
_citation.book_title                ? 
_citation.coordinate_linkage        ? 
_citation.country                   US 
_citation.database_id_Medline       ? 
_citation.details                   ? 
_citation.id                        primary 
_citation.journal_abbrev            'Life Sci Alliance' 
_citation.journal_id_ASTM           ? 
_citation.journal_id_CSD            ? 
_citation.journal_id_ISSN           2575-1077 
_citation.journal_full              ? 
_citation.journal_issue             ? 
_citation.journal_volume            1 
_citation.language                  ? 
_citation.page_first                e201800259 
_citation.page_last                 e201800259 
_citation.title                     
'Mouse REC114 is essential for meiotic DNA double-strand break formation and forms a complex with MEI4.' 
_citation.year                      2018 
_citation.database_id_CSD           ? 
_citation.pdbx_database_id_DOI      10.26508/lsa.201800259 
_citation.pdbx_database_id_PubMed   30569039 
_citation.unpublished_flag          ? 
# 
loop_
_citation_author.citation_id 
_citation_author.name 
_citation_author.ordinal 
_citation_author.identifier_ORCID 
primary 'Kumar, R.'             1 ?                   
primary 'Oliver, C.'            2 ?                   
primary 'Brun, C.'              3 ?                   
primary 'Juarez-Martinez, A.B.' 4 ?                   
primary 'Tarabay, Y.'           5 ?                   
primary 'Kadlec, J.'            6 ?                   
primary 'de Massy, B.'          7 0000-0002-0950-2758 
# 
_entity.id                         1 
_entity.type                       polymer 
_entity.src_method                 man 
_entity.pdbx_description           'Meiotic recombination protein REC114' 
_entity.formula_weight             16239.387 
_entity.pdbx_number_of_molecules   1 
_entity.pdbx_ec                    ? 
_entity.pdbx_mutation              ? 
_entity.pdbx_fragment              ? 
_entity.details                    ? 
# 
_entity_poly.entity_id                      1 
_entity_poly.type                           'polypeptide(L)' 
_entity_poly.nstd_linkage                   no 
_entity_poly.nstd_monomer                   no 
_entity_poly.pdbx_seq_one_letter_code       
;AMGEVSQWSLKRYGRFMLLDNVGSPGPSSEAAAAGSPTWKVFESSEESGSLVLTIVVSGHFFISQGQTLLEGFSLIGSKN
WLKIVRRMDCLLFGTTIKNKSRMFRVQFSGESKEEALERCCGCVQTLAQYVTVQEPDSTTQELQQSQ
;
_entity_poly.pdbx_seq_one_letter_code_can   
;AMGEVSQWSLKRYGRFMLLDNVGSPGPSSEAAAAGSPTWKVFESSEESGSLVLTIVVSGHFFISQGQTLLEGFSLIGSKN
WLKIVRRMDCLLFGTTIKNKSRMFRVQFSGESKEEALERCCGCVQTLAQYVTVQEPDSTTQELQQSQ
;
_entity_poly.pdbx_strand_id                 B 
_entity_poly.pdbx_target_identifier         ? 
# 
loop_
_entity_poly_seq.entity_id 
_entity_poly_seq.num 
_entity_poly_seq.mon_id 
_entity_poly_seq.hetero 
1 1   ALA n 
1 2   MET n 
1 3   GLY n 
1 4   GLU n 
1 5   VAL n 
1 6   SER n 
1 7   GLN n 
1 8   TRP n 
1 9   SER n 
1 10  LEU n 
1 11  LYS n 
1 12  ARG n 
1 13  TYR n 
1 14  GLY n 
1 15  ARG n 
1 16  PHE n 
1 17  MET n 
1 18  LEU n 
1 19  LEU n 
1 20  ASP n 
1 21  ASN n 
1 22  VAL n 
1 23  GLY n 
1 24  SER n 
1 25  PRO n 
1 26  GLY n 
1 27  PRO n 
1 28  SER n 
1 29  SER n 
1 30  GLU n 
1 31  ALA n 
1 32  ALA n 
1 33  ALA n 
1 34  ALA n 
1 35  GLY n 
1 36  SER n 
1 37  PRO n 
1 38  THR n 
1 39  TRP n 
1 40  LYS n 
1 41  VAL n 
1 42  PHE n 
1 43  GLU n 
1 44  SER n 
1 45  SER n 
1 46  GLU n 
1 47  GLU n 
1 48  SER n 
1 49  GLY n 
1 50  SER n 
1 51  LEU n 
1 52  VAL n 
1 53  LEU n 
1 54  THR n 
1 55  ILE n 
1 56  VAL n 
1 57  VAL n 
1 58  SER n 
1 59  GLY n 
1 60  HIS n 
1 61  PHE n 
1 62  PHE n 
1 63  ILE n 
1 64  SER n 
1 65  GLN n 
1 66  GLY n 
1 67  GLN n 
1 68  THR n 
1 69  LEU n 
1 70  LEU n 
1 71  GLU n 
1 72  GLY n 
1 73  PHE n 
1 74  SER n 
1 75  LEU n 
1 76  ILE n 
1 77  GLY n 
1 78  SER n 
1 79  LYS n 
1 80  ASN n 
1 81  TRP n 
1 82  LEU n 
1 83  LYS n 
1 84  ILE n 
1 85  VAL n 
1 86  ARG n 
1 87  ARG n 
1 88  MET n 
1 89  ASP n 
1 90  CYS n 
1 91  LEU n 
1 92  LEU n 
1 93  PHE n 
1 94  GLY n 
1 95  THR n 
1 96  THR n 
1 97  ILE n 
1 98  LYS n 
1 99  ASN n 
1 100 LYS n 
1 101 SER n 
1 102 ARG n 
1 103 MET n 
1 104 PHE n 
1 105 ARG n 
1 106 VAL n 
1 107 GLN n 
1 108 PHE n 
1 109 SER n 
1 110 GLY n 
1 111 GLU n 
1 112 SER n 
1 113 LYS n 
1 114 GLU n 
1 115 GLU n 
1 116 ALA n 
1 117 LEU n 
1 118 GLU n 
1 119 ARG n 
1 120 CYS n 
1 121 CYS n 
1 122 GLY n 
1 123 CYS n 
1 124 VAL n 
1 125 GLN n 
1 126 THR n 
1 127 LEU n 
1 128 ALA n 
1 129 GLN n 
1 130 TYR n 
1 131 VAL n 
1 132 THR n 
1 133 VAL n 
1 134 GLN n 
1 135 GLU n 
1 136 PRO n 
1 137 ASP n 
1 138 SER n 
1 139 THR n 
1 140 THR n 
1 141 GLN n 
1 142 GLU n 
1 143 LEU n 
1 144 GLN n 
1 145 GLN n 
1 146 SER n 
1 147 GLN n 
# 
_entity_src_gen.entity_id                          1 
_entity_src_gen.pdbx_src_id                        1 
_entity_src_gen.pdbx_alt_source_flag               sample 
_entity_src_gen.pdbx_seq_type                      'Biological sequence' 
_entity_src_gen.pdbx_beg_seq_num                   1 
_entity_src_gen.pdbx_end_seq_num                   147 
_entity_src_gen.gene_src_common_name               Mouse 
_entity_src_gen.gene_src_genus                     ? 
_entity_src_gen.pdbx_gene_src_gene                 Rec114 
_entity_src_gen.gene_src_species                   ? 
_entity_src_gen.gene_src_strain                    ? 
_entity_src_gen.gene_src_tissue                    ? 
_entity_src_gen.gene_src_tissue_fraction           ? 
_entity_src_gen.gene_src_details                   ? 
_entity_src_gen.pdbx_gene_src_fragment             ? 
_entity_src_gen.pdbx_gene_src_scientific_name      'Mus musculus' 
_entity_src_gen.pdbx_gene_src_ncbi_taxonomy_id     10090 
_entity_src_gen.pdbx_gene_src_variant              ? 
_entity_src_gen.pdbx_gene_src_cell_line            ? 
_entity_src_gen.pdbx_gene_src_atcc                 ? 
_entity_src_gen.pdbx_gene_src_organ                ? 
_entity_src_gen.pdbx_gene_src_organelle            ? 
_entity_src_gen.pdbx_gene_src_cell                 ? 
_entity_src_gen.pdbx_gene_src_cellular_location    ? 
_entity_src_gen.host_org_common_name               ? 
_entity_src_gen.pdbx_host_org_scientific_name      'Escherichia coli' 
_entity_src_gen.pdbx_host_org_ncbi_taxonomy_id     469008 
_entity_src_gen.host_org_genus                     ? 
_entity_src_gen.pdbx_host_org_gene                 ? 
_entity_src_gen.pdbx_host_org_organ                ? 
_entity_src_gen.host_org_species                   ? 
_entity_src_gen.pdbx_host_org_tissue               ? 
_entity_src_gen.pdbx_host_org_tissue_fraction      ? 
_entity_src_gen.pdbx_host_org_strain               'BL21(DE3)' 
_entity_src_gen.pdbx_host_org_variant              GOLG 
_entity_src_gen.pdbx_host_org_cell_line            ? 
_entity_src_gen.pdbx_host_org_atcc                 ? 
_entity_src_gen.pdbx_host_org_culture_collection   ? 
_entity_src_gen.pdbx_host_org_cell                 ? 
_entity_src_gen.pdbx_host_org_organelle            ? 
_entity_src_gen.pdbx_host_org_cellular_location    ? 
_entity_src_gen.pdbx_host_org_vector_type          plasmid 
_entity_src_gen.pdbx_host_org_vector               ? 
_entity_src_gen.host_org_details                   ? 
_entity_src_gen.expression_system_id               ? 
_entity_src_gen.plasmid_name                       pProEXHTb 
_entity_src_gen.plasmid_details                    ? 
_entity_src_gen.pdbx_description                   ? 
# 
loop_
_chem_comp.id 
_chem_comp.type 
_chem_comp.mon_nstd_flag 
_chem_comp.name 
_chem_comp.pdbx_synonyms 
_chem_comp.formula 
_chem_comp.formula_weight 
ALA 'L-peptide linking' y ALANINE         ? 'C3 H7 N O2'     89.093  
ARG 'L-peptide linking' y ARGININE        ? 'C6 H15 N4 O2 1' 175.209 
ASN 'L-peptide linking' y ASPARAGINE      ? 'C4 H8 N2 O3'    132.118 
ASP 'L-peptide linking' y 'ASPARTIC ACID' ? 'C4 H7 N O4'     133.103 
CYS 'L-peptide linking' y CYSTEINE        ? 'C3 H7 N O2 S'   121.158 
GLN 'L-peptide linking' y GLUTAMINE       ? 'C5 H10 N2 O3'   146.144 
GLU 'L-peptide linking' y 'GLUTAMIC ACID' ? 'C5 H9 N O4'     147.129 
GLY 'peptide linking'   y GLYCINE         ? 'C2 H5 N O2'     75.067  
HIS 'L-peptide linking' y HISTIDINE       ? 'C6 H10 N3 O2 1' 156.162 
ILE 'L-peptide linking' y ISOLEUCINE      ? 'C6 H13 N O2'    131.173 
LEU 'L-peptide linking' y LEUCINE         ? 'C6 H13 N O2'    131.173 
LYS 'L-peptide linking' y LYSINE          ? 'C6 H15 N2 O2 1' 147.195 
MET 'L-peptide linking' y METHIONINE      ? 'C5 H11 N O2 S'  149.211 
PHE 'L-peptide linking' y PHENYLALANINE   ? 'C9 H11 N O2'    165.189 
PRO 'L-peptide linking' y PROLINE         ? 'C5 H9 N O2'     115.130 
SER 'L-peptide linking' y SERINE          ? 'C3 H7 N O3'     105.093 
THR 'L-peptide linking' y THREONINE       ? 'C4 H9 N O3'     119.119 
TRP 'L-peptide linking' y TRYPTOPHAN      ? 'C11 H12 N2 O2'  204.225 
TYR 'L-peptide linking' y TYROSINE        ? 'C9 H11 N O3'    181.189 
VAL 'L-peptide linking' y VALINE          ? 'C5 H11 N O2'    117.146 
# 
loop_
_pdbx_poly_seq_scheme.asym_id 
_pdbx_poly_seq_scheme.entity_id 
_pdbx_poly_seq_scheme.seq_id 
_pdbx_poly_seq_scheme.mon_id 
_pdbx_poly_seq_scheme.ndb_seq_num 
_pdbx_poly_seq_scheme.pdb_seq_num 
_pdbx_poly_seq_scheme.auth_seq_num 
_pdbx_poly_seq_scheme.pdb_mon_id 
_pdbx_poly_seq_scheme.auth_mon_id 
_pdbx_poly_seq_scheme.pdb_strand_id 
_pdbx_poly_seq_scheme.pdb_ins_code 
_pdbx_poly_seq_scheme.hetero 
A 1 1   ALA 1   13  13  ALA ALA B . n 
A 1 2   MET 2   14  14  MET MET B . n 
A 1 3   GLY 3   15  15  GLY GLY B . n 
A 1 4   GLU 4   16  16  GLU GLU B . n 
A 1 5   VAL 5   17  17  VAL VAL B . n 
A 1 6   SER 6   18  18  SER SER B . n 
A 1 7   GLN 7   19  19  GLN GLN B . n 
A 1 8   TRP 8   20  20  TRP TRP B . n 
A 1 9   SER 9   21  21  SER SER B . n 
A 1 10  LEU 10  22  22  LEU LEU B . n 
A 1 11  LYS 11  23  23  LYS LYS B . n 
A 1 12  ARG 12  24  24  ARG ARG B . n 
A 1 13  TYR 13  25  25  TYR TYR B . n 
A 1 14  GLY 14  26  26  GLY GLY B . n 
A 1 15  ARG 15  27  27  ARG ARG B . n 
A 1 16  PHE 16  28  28  PHE PHE B . n 
A 1 17  MET 17  29  29  MET MET B . n 
A 1 18  LEU 18  30  30  LEU LEU B . n 
A 1 19  LEU 19  31  ?   ?   ?   B . n 
A 1 20  ASP 20  32  ?   ?   ?   B . n 
A 1 21  ASN 21  33  ?   ?   ?   B . n 
A 1 22  VAL 22  34  ?   ?   ?   B . n 
A 1 23  GLY 23  35  ?   ?   ?   B . n 
A 1 24  SER 24  36  ?   ?   ?   B . n 
A 1 25  PRO 25  37  ?   ?   ?   B . n 
A 1 26  GLY 26  38  ?   ?   ?   B . n 
A 1 27  PRO 27  39  ?   ?   ?   B . n 
A 1 28  SER 28  40  ?   ?   ?   B . n 
A 1 29  SER 29  41  ?   ?   ?   B . n 
A 1 30  GLU 30  42  ?   ?   ?   B . n 
A 1 31  ALA 31  43  ?   ?   ?   B . n 
A 1 32  ALA 32  44  ?   ?   ?   B . n 
A 1 33  ALA 33  45  ?   ?   ?   B . n 
A 1 34  ALA 34  46  ?   ?   ?   B . n 
A 1 35  GLY 35  47  47  GLY GLY B . n 
A 1 36  SER 36  48  48  SER SER B . n 
A 1 37  PRO 37  49  49  PRO PRO B . n 
A 1 38  THR 38  50  50  THR THR B . n 
A 1 39  TRP 39  51  51  TRP TRP B . n 
A 1 40  LYS 40  52  52  LYS LYS B . n 
A 1 41  VAL 41  53  53  VAL VAL B . n 
A 1 42  PHE 42  54  54  PHE PHE B . n 
A 1 43  GLU 43  55  55  GLU GLU B . n 
A 1 44  SER 44  56  56  SER SER B . n 
A 1 45  SER 45  57  57  SER SER B . n 
A 1 46  GLU 46  58  58  GLU GLU B . n 
A 1 47  GLU 47  59  59  GLU GLU B . n 
A 1 48  SER 48  60  60  SER SER B . n 
A 1 49  GLY 49  61  61  GLY GLY B . n 
A 1 50  SER 50  62  62  SER SER B . n 
A 1 51  LEU 51  63  63  LEU LEU B . n 
A 1 52  VAL 52  64  64  VAL VAL B . n 
A 1 53  LEU 53  65  65  LEU LEU B . n 
A 1 54  THR 54  66  66  THR THR B . n 
A 1 55  ILE 55  67  67  ILE ILE B . n 
A 1 56  VAL 56  68  68  VAL VAL B . n 
A 1 57  VAL 57  69  69  VAL VAL B . n 
A 1 58  SER 58  70  70  SER SER B . n 
A 1 59  GLY 59  71  71  GLY GLY B . n 
A 1 60  HIS 60  72  72  HIS HIS B . n 
A 1 61  PHE 61  73  73  PHE PHE B . n 
A 1 62  PHE 62  74  74  PHE PHE B . n 
A 1 63  ILE 63  75  75  ILE ILE B . n 
A 1 64  SER 64  76  76  SER SER B . n 
A 1 65  GLN 65  77  77  GLN GLN B . n 
A 1 66  GLY 66  78  78  GLY GLY B . n 
A 1 67  GLN 67  79  79  GLN GLN B . n 
A 1 68  THR 68  80  80  THR THR B . n 
A 1 69  LEU 69  81  81  LEU LEU B . n 
A 1 70  LEU 70  82  82  LEU LEU B . n 
A 1 71  GLU 71  83  83  GLU GLU B . n 
A 1 72  GLY 72  84  84  GLY GLY B . n 
A 1 73  PHE 73  85  85  PHE PHE B . n 
A 1 74  SER 74  86  86  SER SER B . n 
A 1 75  LEU 75  87  87  LEU LEU B . n 
A 1 76  ILE 76  88  88  ILE ILE B . n 
A 1 77  GLY 77  89  89  GLY GLY B . n 
A 1 78  SER 78  90  90  SER SER B . n 
A 1 79  LYS 79  91  91  LYS LYS B . n 
A 1 80  ASN 80  92  92  ASN ASN B . n 
A 1 81  TRP 81  93  93  TRP TRP B . n 
A 1 82  LEU 82  94  94  LEU LEU B . n 
A 1 83  LYS 83  95  95  LYS LYS B . n 
A 1 84  ILE 84  96  96  ILE ILE B . n 
A 1 85  VAL 85  97  97  VAL VAL B . n 
A 1 86  ARG 86  98  98  ARG ARG B . n 
A 1 87  ARG 87  99  99  ARG ARG B . n 
A 1 88  MET 88  100 100 MET MET B . n 
A 1 89  ASP 89  101 101 ASP ASP B . n 
A 1 90  CYS 90  102 102 CYS CYS B . n 
A 1 91  LEU 91  103 103 LEU LEU B . n 
A 1 92  LEU 92  104 104 LEU LEU B . n 
A 1 93  PHE 93  105 105 PHE PHE B . n 
A 1 94  GLY 94  106 106 GLY GLY B . n 
A 1 95  THR 95  107 107 THR THR B . n 
A 1 96  THR 96  108 ?   ?   ?   B . n 
A 1 97  ILE 97  109 ?   ?   ?   B . n 
A 1 98  LYS 98  110 ?   ?   ?   B . n 
A 1 99  ASN 99  111 ?   ?   ?   B . n 
A 1 100 LYS 100 112 ?   ?   ?   B . n 
A 1 101 SER 101 113 ?   ?   ?   B . n 
A 1 102 ARG 102 114 ?   ?   ?   B . n 
A 1 103 MET 103 115 115 MET MET B . n 
A 1 104 PHE 104 116 116 PHE PHE B . n 
A 1 105 ARG 105 117 117 ARG ARG B . n 
A 1 106 VAL 106 118 118 VAL VAL B . n 
A 1 107 GLN 107 119 119 GLN GLN B . n 
A 1 108 PHE 108 120 120 PHE PHE B . n 
A 1 109 SER 109 121 121 SER SER B . n 
A 1 110 GLY 110 122 122 GLY GLY B . n 
A 1 111 GLU 111 123 123 GLU GLU B . n 
A 1 112 SER 112 124 124 SER SER B . n 
A 1 113 LYS 113 125 125 LYS LYS B . n 
A 1 114 GLU 114 126 126 GLU GLU B . n 
A 1 115 GLU 115 127 127 GLU GLU B . n 
A 1 116 ALA 116 128 128 ALA ALA B . n 
A 1 117 LEU 117 129 129 LEU LEU B . n 
A 1 118 GLU 118 130 130 GLU GLU B . n 
A 1 119 ARG 119 131 131 ARG ARG B . n 
A 1 120 CYS 120 132 132 CYS CYS B . n 
A 1 121 CYS 121 133 133 CYS CYS B . n 
A 1 122 GLY 122 134 134 GLY GLY B . n 
A 1 123 CYS 123 135 135 CYS CYS B . n 
A 1 124 VAL 124 136 136 VAL VAL B . n 
A 1 125 GLN 125 137 137 GLN GLN B . n 
A 1 126 THR 126 138 138 THR THR B . n 
A 1 127 LEU 127 139 139 LEU LEU B . n 
A 1 128 ALA 128 140 140 ALA ALA B . n 
A 1 129 GLN 129 141 141 GLN GLN B . n 
A 1 130 TYR 130 142 142 TYR TYR B . n 
A 1 131 VAL 131 143 143 VAL VAL B . n 
A 1 132 THR 132 144 144 THR THR B . n 
A 1 133 VAL 133 145 145 VAL VAL B . n 
A 1 134 GLN 134 146 146 GLN GLN B . n 
A 1 135 GLU 135 147 147 GLU GLU B . n 
A 1 136 PRO 136 148 148 PRO PRO B . n 
A 1 137 ASP 137 149 149 ASP ASP B . n 
A 1 138 SER 138 150 ?   ?   ?   B . n 
A 1 139 THR 139 151 ?   ?   ?   B . n 
A 1 140 THR 140 152 ?   ?   ?   B . n 
A 1 141 GLN 141 153 ?   ?   ?   B . n 
A 1 142 GLU 142 154 ?   ?   ?   B . n 
A 1 143 LEU 143 155 ?   ?   ?   B . n 
A 1 144 GLN 144 156 ?   ?   ?   B . n 
A 1 145 GLN 145 157 ?   ?   ?   B . n 
A 1 146 SER 146 158 ?   ?   ?   B . n 
A 1 147 GLN 147 159 ?   ?   ?   B . n 
# 
loop_
_software.citation_id 
_software.classification 
_software.compiler_name 
_software.compiler_version 
_software.contact_author 
_software.contact_author_email 
_software.date 
_software.description 
_software.dependencies 
_software.hardware 
_software.language 
_software.location 
_software.mods 
_software.name 
_software.os 
_software.os_version 
_software.type 
_software.version 
_software.pdbx_ordinal 
? refinement       ? ? ? ? ? ? ? ? ? ? ? REFMAC    ? ? ? 5.8.0230 1 
? 'data reduction' ? ? ? ? ? ? ? ? ? ? ? XDS       ? ? ? .        2 
? 'data scaling'   ? ? ? ? ? ? ? ? ? ? ? XSCALE    ? ? ? .        3 
? phasing          ? ? ? ? ? ? ? ? ? ? ? autoSHARP ? ? ? .        4 
# 
_cell.angle_alpha                  90.00 
_cell.angle_alpha_esd              ? 
_cell.angle_beta                   90.00 
_cell.angle_beta_esd               ? 
_cell.angle_gamma                  120.00 
_cell.angle_gamma_esd              ? 
_cell.entry_id                     6HFG 
_cell.details                      ? 
_cell.formula_units_Z              ? 
_cell.length_a                     107.490 
_cell.length_a_esd                 ? 
_cell.length_b                     107.490 
_cell.length_b_esd                 ? 
_cell.length_c                     82.790 
_cell.length_c_esd                 ? 
_cell.volume                       ? 
_cell.volume_esd                   ? 
_cell.Z_PDB                        12 
_cell.reciprocal_angle_alpha       ? 
_cell.reciprocal_angle_beta        ? 
_cell.reciprocal_angle_gamma       ? 
_cell.reciprocal_angle_alpha_esd   ? 
_cell.reciprocal_angle_beta_esd    ? 
_cell.reciprocal_angle_gamma_esd   ? 
_cell.reciprocal_length_a          ? 
_cell.reciprocal_length_b          ? 
_cell.reciprocal_length_c          ? 
_cell.reciprocal_length_a_esd      ? 
_cell.reciprocal_length_b_esd      ? 
_cell.reciprocal_length_c_esd      ? 
_cell.pdbx_unique_axis             ? 
# 
_symmetry.entry_id                         6HFG 
_symmetry.cell_setting                     ? 
_symmetry.Int_Tables_number                178 
_symmetry.space_group_name_Hall            ? 
_symmetry.space_group_name_H-M             'P 61 2 2' 
_symmetry.pdbx_full_space_group_name_H-M   ? 
# 
_exptl.absorpt_coefficient_mu     ? 
_exptl.absorpt_correction_T_max   ? 
_exptl.absorpt_correction_T_min   ? 
_exptl.absorpt_correction_type    ? 
_exptl.absorpt_process_details    ? 
_exptl.entry_id                   6HFG 
_exptl.crystals_number            1 
_exptl.details                    ? 
_exptl.method                     'X-RAY DIFFRACTION' 
_exptl.method_details             ? 
# 
_exptl_crystal.colour                      ? 
_exptl_crystal.density_diffrn              ? 
_exptl_crystal.density_Matthews            4.25 
_exptl_crystal.density_method              ? 
_exptl_crystal.density_percent_sol         71.07 
_exptl_crystal.description                 ? 
_exptl_crystal.F_000                       ? 
_exptl_crystal.id                          1 
_exptl_crystal.preparation                 ? 
_exptl_crystal.size_max                    ? 
_exptl_crystal.size_mid                    ? 
_exptl_crystal.size_min                    ? 
_exptl_crystal.size_rad                    ? 
_exptl_crystal.colour_lustre               ? 
_exptl_crystal.colour_modifier             ? 
_exptl_crystal.colour_primary              ? 
_exptl_crystal.density_meas                ? 
_exptl_crystal.density_meas_esd            ? 
_exptl_crystal.density_meas_gt             ? 
_exptl_crystal.density_meas_lt             ? 
_exptl_crystal.density_meas_temp           ? 
_exptl_crystal.density_meas_temp_esd       ? 
_exptl_crystal.density_meas_temp_gt        ? 
_exptl_crystal.density_meas_temp_lt        ? 
_exptl_crystal.pdbx_crystal_image_url      ? 
_exptl_crystal.pdbx_crystal_image_format   ? 
_exptl_crystal.pdbx_mosaicity              ? 
_exptl_crystal.pdbx_mosaicity_esd          ? 
# 
_exptl_crystal_grow.apparatus       ? 
_exptl_crystal_grow.atmosphere      ? 
_exptl_crystal_grow.crystal_id      1 
_exptl_crystal_grow.details         ? 
_exptl_crystal_grow.method          'VAPOR DIFFUSION, SITTING DROP' 
_exptl_crystal_grow.method_ref      ? 
_exptl_crystal_grow.pH              6.5 
_exptl_crystal_grow.pressure        ? 
_exptl_crystal_grow.pressure_esd    ? 
_exptl_crystal_grow.seeding         ? 
_exptl_crystal_grow.seeding_ref     ? 
_exptl_crystal_grow.temp            293.15 
_exptl_crystal_grow.temp_details    ? 
_exptl_crystal_grow.temp_esd        ? 
_exptl_crystal_grow.time            ? 
_exptl_crystal_grow.pdbx_details    '0.25 M ammonium sulphate, 0.1 M MES (pH 6.5), 28% PEG 5000 MME' 
_exptl_crystal_grow.pdbx_pH_range   ? 
# 
_diffrn.ambient_environment              ? 
_diffrn.ambient_temp                     100 
_diffrn.ambient_temp_details             ? 
_diffrn.ambient_temp_esd                 ? 
_diffrn.crystal_id                       1 
_diffrn.crystal_support                  ? 
_diffrn.crystal_treatment                ? 
_diffrn.details                          ? 
_diffrn.id                               1 
_diffrn.ambient_pressure                 ? 
_diffrn.ambient_pressure_esd             ? 
_diffrn.ambient_pressure_gt              ? 
_diffrn.ambient_pressure_lt              ? 
_diffrn.ambient_temp_gt                  ? 
_diffrn.ambient_temp_lt                  ? 
_diffrn.pdbx_serial_crystal_experiment   ? 
# 
_diffrn_detector.details                      ? 
_diffrn_detector.detector                     PIXEL 
_diffrn_detector.diffrn_id                    1 
_diffrn_detector.type                         'DECTRIS PILATUS3 2M' 
_diffrn_detector.area_resol_mean              ? 
_diffrn_detector.dtime                        ? 
_diffrn_detector.pdbx_frames_total            ? 
_diffrn_detector.pdbx_collection_time_total   ? 
_diffrn_detector.pdbx_collection_date         2017-10-29 
_diffrn_detector.pdbx_frequency               ? 
# 
_diffrn_radiation.collimation                      ? 
_diffrn_radiation.diffrn_id                        1 
_diffrn_radiation.filter_edge                      ? 
_diffrn_radiation.inhomogeneity                    ? 
_diffrn_radiation.monochromator                    ? 
_diffrn_radiation.polarisn_norm                    ? 
_diffrn_radiation.polarisn_ratio                   ? 
_diffrn_radiation.probe                            ? 
_diffrn_radiation.type                             ? 
_diffrn_radiation.xray_symbol                      ? 
_diffrn_radiation.wavelength_id                    1 
_diffrn_radiation.pdbx_monochromatic_or_laue_m_l   M 
_diffrn_radiation.pdbx_wavelength_list             ? 
_diffrn_radiation.pdbx_wavelength                  ? 
_diffrn_radiation.pdbx_diffrn_protocol             'SINGLE WAVELENGTH' 
_diffrn_radiation.pdbx_analyzer                    ? 
_diffrn_radiation.pdbx_scattering_type             x-ray 
# 
_diffrn_radiation_wavelength.id           1 
_diffrn_radiation_wavelength.wavelength   0.96600 
_diffrn_radiation_wavelength.wt           1.0 
# 
_diffrn_source.current                     ? 
_diffrn_source.details                     ? 
_diffrn_source.diffrn_id                   1 
_diffrn_source.power                       ? 
_diffrn_source.size                        ? 
_diffrn_source.source                      SYNCHROTRON 
_diffrn_source.target                      ? 
_diffrn_source.type                        'ESRF BEAMLINE MASSIF-1' 
_diffrn_source.voltage                     ? 
_diffrn_source.take-off_angle              ? 
_diffrn_source.pdbx_wavelength_list        0.96600 
_diffrn_source.pdbx_wavelength             ? 
_diffrn_source.pdbx_synchrotron_beamline   MASSIF-1 
_diffrn_source.pdbx_synchrotron_site       ESRF 
# 
_reflns.B_iso_Wilson_estimate            ? 
_reflns.entry_id                         6HFG 
_reflns.data_reduction_details           ? 
_reflns.data_reduction_method            ? 
_reflns.d_resolution_high                2.5 
_reflns.d_resolution_low                 93 
_reflns.details                          ? 
_reflns.limit_h_max                      ? 
_reflns.limit_h_min                      ? 
_reflns.limit_k_max                      ? 
_reflns.limit_k_min                      ? 
_reflns.limit_l_max                      ? 
_reflns.limit_l_min                      ? 
_reflns.number_all                       ? 
_reflns.number_obs                       10262 
_reflns.observed_criterion               ? 
_reflns.observed_criterion_F_max         ? 
_reflns.observed_criterion_F_min         ? 
_reflns.observed_criterion_I_max         ? 
_reflns.observed_criterion_I_min         ? 
_reflns.observed_criterion_sigma_F       ? 
_reflns.observed_criterion_sigma_I       1.1 
_reflns.percent_possible_obs             99.6 
_reflns.R_free_details                   ? 
_reflns.Rmerge_F_all                     ? 
_reflns.Rmerge_F_obs                     ? 
_reflns.Friedel_coverage                 ? 
_reflns.number_gt                        ? 
_reflns.threshold_expression             ? 
_reflns.pdbx_redundancy                  11.2 
_reflns.pdbx_Rmerge_I_obs                0.057 
_reflns.pdbx_Rmerge_I_all                ? 
_reflns.pdbx_Rsym_value                  ? 
_reflns.pdbx_netI_over_av_sigmaI         ? 
_reflns.pdbx_netI_over_sigmaI            24.2 
_reflns.pdbx_res_netI_over_av_sigmaI_2   ? 
_reflns.pdbx_res_netI_over_sigmaI_2      ? 
_reflns.pdbx_chi_squared                 ? 
_reflns.pdbx_scaling_rejects             ? 
_reflns.pdbx_d_res_high_opt              ? 
_reflns.pdbx_d_res_low_opt               ? 
_reflns.pdbx_d_res_opt_method            ? 
_reflns.phase_calculation_details        ? 
_reflns.pdbx_Rrim_I_all                  ? 
_reflns.pdbx_Rpim_I_all                  ? 
_reflns.pdbx_d_opt                       ? 
_reflns.pdbx_number_measured_all         ? 
_reflns.pdbx_diffrn_id                   1 
_reflns.pdbx_ordinal                     1 
_reflns.pdbx_CC_half                     ? 
_reflns.pdbx_R_split                     ? 
# 
_reflns_shell.d_res_high                  2.5 
_reflns_shell.d_res_low                   2.57 
_reflns_shell.meanI_over_sigI_all         ? 
_reflns_shell.meanI_over_sigI_obs         1.1 
_reflns_shell.number_measured_all         ? 
_reflns_shell.number_measured_obs         ? 
_reflns_shell.number_possible             ? 
_reflns_shell.number_unique_all           ? 
_reflns_shell.number_unique_obs           749 
_reflns_shell.percent_possible_all        97.5 
_reflns_shell.percent_possible_obs        ? 
_reflns_shell.Rmerge_F_all                ? 
_reflns_shell.Rmerge_F_obs                ? 
_reflns_shell.Rmerge_I_all                ? 
_reflns_shell.Rmerge_I_obs                ? 
_reflns_shell.meanI_over_sigI_gt          ? 
_reflns_shell.meanI_over_uI_all           ? 
_reflns_shell.meanI_over_uI_gt            ? 
_reflns_shell.number_measured_gt          ? 
_reflns_shell.number_unique_gt            ? 
_reflns_shell.percent_possible_gt         ? 
_reflns_shell.Rmerge_F_gt                 ? 
_reflns_shell.Rmerge_I_gt                 ? 
_reflns_shell.pdbx_redundancy             11.1 
_reflns_shell.pdbx_Rsym_value             ? 
_reflns_shell.pdbx_chi_squared            ? 
_reflns_shell.pdbx_netI_over_sigmaI_all   ? 
_reflns_shell.pdbx_netI_over_sigmaI_obs   ? 
_reflns_shell.pdbx_Rrim_I_all             ? 
_reflns_shell.pdbx_Rpim_I_all             ? 
_reflns_shell.pdbx_rejects                ? 
_reflns_shell.pdbx_ordinal                1 
_reflns_shell.pdbx_diffrn_id              1 
_reflns_shell.pdbx_CC_half                0.548 
_reflns_shell.pdbx_R_split                ? 
# 
_refine.aniso_B[1][1]                            -1.64 
_refine.aniso_B[1][2]                            -0.82 
_refine.aniso_B[1][3]                            0.00 
_refine.aniso_B[2][2]                            -1.64 
_refine.aniso_B[2][3]                            0.00 
_refine.aniso_B[3][3]                            5.33 
_refine.B_iso_max                                ? 
_refine.B_iso_mean                               77.071 
_refine.B_iso_min                                ? 
_refine.correlation_coeff_Fo_to_Fc               0.941 
_refine.correlation_coeff_Fo_to_Fc_free          0.902 
_refine.details                                  'HYDROGENS HAVE BEEN ADDED IN THE RIDING POSITIONS' 
_refine.diff_density_max                         ? 
_refine.diff_density_max_esd                     ? 
_refine.diff_density_min                         ? 
_refine.diff_density_min_esd                     ? 
_refine.diff_density_rms                         ? 
_refine.diff_density_rms_esd                     ? 
_refine.entry_id                                 6HFG 
_refine.pdbx_refine_id                           'X-RAY DIFFRACTION' 
_refine.ls_abs_structure_details                 ? 
_refine.ls_abs_structure_Flack                   ? 
_refine.ls_abs_structure_Flack_esd               ? 
_refine.ls_abs_structure_Rogers                  ? 
_refine.ls_abs_structure_Rogers_esd              ? 
_refine.ls_d_res_high                            2.50 
_refine.ls_d_res_low                             46.59 
_refine.ls_extinction_coef                       ? 
_refine.ls_extinction_coef_esd                   ? 
_refine.ls_extinction_expression                 ? 
_refine.ls_extinction_method                     ? 
_refine.ls_goodness_of_fit_all                   ? 
_refine.ls_goodness_of_fit_all_esd               ? 
_refine.ls_goodness_of_fit_obs                   ? 
_refine.ls_goodness_of_fit_obs_esd               ? 
_refine.ls_hydrogen_treatment                    ? 
_refine.ls_matrix_type                           ? 
_refine.ls_number_constraints                    ? 
_refine.ls_number_parameters                     ? 
_refine.ls_number_reflns_all                     ? 
_refine.ls_number_reflns_obs                     9618 
_refine.ls_number_reflns_R_free                  536 
_refine.ls_number_reflns_R_work                  ? 
_refine.ls_number_restraints                     ? 
_refine.ls_percent_reflns_obs                    99.68 
_refine.ls_percent_reflns_R_free                 5.3 
_refine.ls_R_factor_all                          ? 
_refine.ls_R_factor_obs                          0.24140 
_refine.ls_R_factor_R_free                       0.28870 
_refine.ls_R_factor_R_free_error                 ? 
_refine.ls_R_factor_R_free_error_details         ? 
_refine.ls_R_factor_R_work                       0.23867 
_refine.ls_R_Fsqd_factor_obs                     ? 
_refine.ls_R_I_factor_obs                        ? 
_refine.ls_redundancy_reflns_all                 ? 
_refine.ls_redundancy_reflns_obs                 ? 
_refine.ls_restrained_S_all                      ? 
_refine.ls_restrained_S_obs                      ? 
_refine.ls_shift_over_esd_max                    ? 
_refine.ls_shift_over_esd_mean                   ? 
_refine.ls_structure_factor_coef                 ? 
_refine.ls_weighting_details                     ? 
_refine.ls_weighting_scheme                      ? 
_refine.ls_wR_factor_all                         ? 
_refine.ls_wR_factor_obs                         ? 
_refine.ls_wR_factor_R_free                      ? 
_refine.ls_wR_factor_R_work                      ? 
_refine.occupancy_max                            ? 
_refine.occupancy_min                            ? 
_refine.solvent_model_details                    ? 
_refine.solvent_model_param_bsol                 ? 
_refine.solvent_model_param_ksol                 ? 
_refine.ls_R_factor_gt                           ? 
_refine.ls_goodness_of_fit_gt                    ? 
_refine.ls_goodness_of_fit_ref                   ? 
_refine.ls_shift_over_su_max                     ? 
_refine.ls_shift_over_su_max_lt                  ? 
_refine.ls_shift_over_su_mean                    ? 
_refine.ls_shift_over_su_mean_lt                 ? 
_refine.pdbx_ls_sigma_I                          ? 
_refine.pdbx_ls_sigma_F                          ? 
_refine.pdbx_ls_sigma_Fsqd                       ? 
_refine.pdbx_data_cutoff_high_absF               ? 
_refine.pdbx_data_cutoff_high_rms_absF           ? 
_refine.pdbx_data_cutoff_low_absF                ? 
_refine.pdbx_isotropic_thermal_model             ? 
_refine.pdbx_ls_cross_valid_method               THROUGHOUT 
_refine.pdbx_method_to_determine_struct          SAD 
_refine.pdbx_starting_model                      ? 
_refine.pdbx_stereochemistry_target_values       ? 
_refine.pdbx_R_Free_selection_details            RANDOM 
_refine.pdbx_stereochem_target_val_spec_case     ? 
_refine.pdbx_overall_ESU_R                       0.235 
_refine.pdbx_overall_ESU_R_Free                  0.225 
_refine.pdbx_solvent_vdw_probe_radii             1.20 
_refine.pdbx_solvent_ion_probe_radii             0.80 
_refine.pdbx_solvent_shrinkage_radii             0.80 
_refine.pdbx_real_space_R                        ? 
_refine.pdbx_density_correlation                 ? 
_refine.pdbx_pd_number_of_powder_patterns        ? 
_refine.pdbx_pd_number_of_points                 ? 
_refine.pdbx_pd_meas_number_of_points            ? 
_refine.pdbx_pd_proc_ls_prof_R_factor            ? 
_refine.pdbx_pd_proc_ls_prof_wR_factor           ? 
_refine.pdbx_pd_Marquardt_correlation_coeff      ? 
_refine.pdbx_pd_Fsqrd_R_factor                   ? 
_refine.pdbx_pd_ls_matrix_band_width             ? 
_refine.pdbx_overall_phase_error                 ? 
_refine.pdbx_overall_SU_R_free_Cruickshank_DPI   ? 
_refine.pdbx_overall_SU_R_free_Blow_DPI          ? 
_refine.pdbx_overall_SU_R_Blow_DPI               ? 
_refine.pdbx_TLS_residual_ADP_flag               ? 
_refine.pdbx_diffrn_id                           1 
_refine.overall_SU_B                             8.425 
_refine.overall_SU_ML                            0.178 
_refine.overall_SU_R_Cruickshank_DPI             ? 
_refine.overall_SU_R_free                        ? 
_refine.overall_FOM_free_R_set                   ? 
_refine.overall_FOM_work_R_set                   ? 
_refine.pdbx_average_fsc_overall                 ? 
_refine.pdbx_average_fsc_work                    ? 
_refine.pdbx_average_fsc_free                    ? 
# 
_refine_hist.pdbx_refine_id                   'X-RAY DIFFRACTION' 
_refine_hist.cycle_id                         1 
_refine_hist.pdbx_number_atoms_protein        899 
_refine_hist.pdbx_number_atoms_nucleic_acid   0 
_refine_hist.pdbx_number_atoms_ligand         0 
_refine_hist.number_atoms_solvent             0 
_refine_hist.number_atoms_total               899 
_refine_hist.d_res_high                       2.50 
_refine_hist.d_res_low                        46.59 
# 
loop_
_refine_ls_restr.pdbx_refine_id 
_refine_ls_restr.criterion 
_refine_ls_restr.dev_ideal 
_refine_ls_restr.dev_ideal_target 
_refine_ls_restr.number 
_refine_ls_restr.rejects 
_refine_ls_restr.type 
_refine_ls_restr.weight 
_refine_ls_restr.pdbx_restraint_function 
'X-RAY DIFFRACTION' ? 0.008  0.014  915  ? r_bond_refined_d             ? ? 
'X-RAY DIFFRACTION' ? 0.001  0.017  827  ? r_bond_other_d               ? ? 
'X-RAY DIFFRACTION' ? 1.256  1.639  1227 ? r_angle_refined_deg          ? ? 
'X-RAY DIFFRACTION' ? 0.813  1.629  1934 ? r_angle_other_deg            ? ? 
'X-RAY DIFFRACTION' ? 7.106  5.000  111  ? r_dihedral_angle_1_deg       ? ? 
'X-RAY DIFFRACTION' ? 29.375 21.739 46   ? r_dihedral_angle_2_deg       ? ? 
'X-RAY DIFFRACTION' ? 16.401 15.000 166  ? r_dihedral_angle_3_deg       ? ? 
'X-RAY DIFFRACTION' ? 15.990 15.000 6    ? r_dihedral_angle_4_deg       ? ? 
'X-RAY DIFFRACTION' ? 0.069  0.200  113  ? r_chiral_restr               ? ? 
'X-RAY DIFFRACTION' ? 0.005  0.020  1009 ? r_gen_planes_refined         ? ? 
'X-RAY DIFFRACTION' ? 0.001  0.020  183  ? r_gen_planes_other           ? ? 
'X-RAY DIFFRACTION' ? ?      ?      ?    ? r_nbd_refined                ? ? 
'X-RAY DIFFRACTION' ? ?      ?      ?    ? r_nbd_other                  ? ? 
'X-RAY DIFFRACTION' ? ?      ?      ?    ? r_nbtor_refined              ? ? 
'X-RAY DIFFRACTION' ? ?      ?      ?    ? r_nbtor_other                ? ? 
'X-RAY DIFFRACTION' ? ?      ?      ?    ? r_xyhbond_nbd_refined        ? ? 
'X-RAY DIFFRACTION' ? ?      ?      ?    ? r_xyhbond_nbd_other          ? ? 
'X-RAY DIFFRACTION' ? ?      ?      ?    ? r_metal_ion_refined          ? ? 
'X-RAY DIFFRACTION' ? ?      ?      ?    ? r_metal_ion_other            ? ? 
'X-RAY DIFFRACTION' ? ?      ?      ?    ? r_symmetry_vdw_refined       ? ? 
'X-RAY DIFFRACTION' ? ?      ?      ?    ? r_symmetry_vdw_other         ? ? 
'X-RAY DIFFRACTION' ? ?      ?      ?    ? r_symmetry_hbond_refined     ? ? 
'X-RAY DIFFRACTION' ? ?      ?      ?    ? r_symmetry_hbond_other       ? ? 
'X-RAY DIFFRACTION' ? ?      ?      ?    ? r_symmetry_metal_ion_refined ? ? 
'X-RAY DIFFRACTION' ? ?      ?      ?    ? r_symmetry_metal_ion_other   ? ? 
'X-RAY DIFFRACTION' ? 5.601  7.545  453  ? r_mcbond_it                  ? ? 
'X-RAY DIFFRACTION' ? 5.574  7.537  452  ? r_mcbond_other               ? ? 
'X-RAY DIFFRACTION' ? 8.160  11.309 561  ? r_mcangle_it                 ? ? 
'X-RAY DIFFRACTION' ? 8.155  11.321 562  ? r_mcangle_other              ? ? 
'X-RAY DIFFRACTION' ? 7.150  8.255  461  ? r_scbond_it                  ? ? 
'X-RAY DIFFRACTION' ? 7.102  8.228  459  ? r_scbond_other               ? ? 
'X-RAY DIFFRACTION' ? ?      ?      ?    ? r_scangle_it                 ? ? 
'X-RAY DIFFRACTION' ? 10.603 12.050 666  ? r_scangle_other              ? ? 
'X-RAY DIFFRACTION' ? 12.834 80.627 912  ? r_long_range_B_refined       ? ? 
'X-RAY DIFFRACTION' ? 12.849 80.760 913  ? r_long_range_B_other         ? ? 
'X-RAY DIFFRACTION' ? ?      ?      ?    ? r_rigid_bond_restr           ? ? 
'X-RAY DIFFRACTION' ? ?      ?      ?    ? r_sphericity_free            ? ? 
'X-RAY DIFFRACTION' ? ?      ?      ?    ? r_sphericity_bonded          ? ? 
# 
_refine_ls_shell.pdbx_refine_id                   'X-RAY DIFFRACTION' 
_refine_ls_shell.d_res_high                       2.503 
_refine_ls_shell.d_res_low                        2.568 
_refine_ls_shell.number_reflns_all                ? 
_refine_ls_shell.number_reflns_obs                ? 
_refine_ls_shell.number_reflns_R_free             22 
_refine_ls_shell.number_reflns_R_work             687 
_refine_ls_shell.percent_reflns_obs               97.52 
_refine_ls_shell.percent_reflns_R_free            ? 
_refine_ls_shell.R_factor_all                     ? 
_refine_ls_shell.R_factor_obs                     ? 
_refine_ls_shell.R_factor_R_free                  0.449 
_refine_ls_shell.R_factor_R_free_error            ? 
_refine_ls_shell.R_factor_R_work                  0.397 
_refine_ls_shell.redundancy_reflns_all            ? 
_refine_ls_shell.redundancy_reflns_obs            ? 
_refine_ls_shell.wR_factor_all                    ? 
_refine_ls_shell.wR_factor_obs                    ? 
_refine_ls_shell.wR_factor_R_free                 ? 
_refine_ls_shell.wR_factor_R_work                 ? 
_refine_ls_shell.pdbx_total_number_of_bins_used   20 
_refine_ls_shell.pdbx_phase_error                 ? 
_refine_ls_shell.pdbx_fsc_work                    ? 
_refine_ls_shell.pdbx_fsc_free                    ? 
# 
_struct.entry_id                     6HFG 
_struct.title                        'Structure of the REC114 PH domain' 
_struct.pdbx_model_details           ? 
_struct.pdbx_formula_weight          ? 
_struct.pdbx_formula_weight_method   ? 
_struct.pdbx_model_type_details      ? 
_struct.pdbx_CASP_flag               N 
# 
_struct_keywords.entry_id        6HFG 
_struct_keywords.text            'Pleckstrin Homology domain Meiotic recombination, RECOMBINATION' 
_struct_keywords.pdbx_keywords   RECOMBINATION 
# 
_struct_asym.id                            A 
_struct_asym.pdbx_blank_PDB_chainid_flag   N 
_struct_asym.pdbx_modified                 N 
_struct_asym.entity_id                     1 
_struct_asym.details                       ? 
# 
_struct_ref.id                         1 
_struct_ref.db_name                    UNP 
_struct_ref.db_code                    RE114_MOUSE 
_struct_ref.pdbx_db_accession          Q9CWH4 
_struct_ref.pdbx_db_isoform            ? 
_struct_ref.entity_id                  1 
_struct_ref.pdbx_seq_one_letter_code   
;GEVSQWSLKRYGRFMLLDNVGSPGPSSEAAAAGSPTWKVFESSEESGSLVLTIVVSGHFFISQGQTLLEGFSLIGSKNWL
KIVRRMDCLLFGTTIKNKSRMFRVQFSGESKEEALERCCGCVQTLAQYVTVQEPDSTTQELQQSQ
;
_struct_ref.pdbx_align_begin           15 
# 
_struct_ref_seq.align_id                      1 
_struct_ref_seq.ref_id                        1 
_struct_ref_seq.pdbx_PDB_id_code              6HFG 
_struct_ref_seq.pdbx_strand_id                B 
_struct_ref_seq.seq_align_beg                 3 
_struct_ref_seq.pdbx_seq_align_beg_ins_code   ? 
_struct_ref_seq.seq_align_end                 147 
_struct_ref_seq.pdbx_seq_align_end_ins_code   ? 
_struct_ref_seq.pdbx_db_accession             Q9CWH4 
_struct_ref_seq.db_align_beg                  15 
_struct_ref_seq.pdbx_db_align_beg_ins_code    ? 
_struct_ref_seq.db_align_end                  159 
_struct_ref_seq.pdbx_db_align_end_ins_code    ? 
_struct_ref_seq.pdbx_auth_seq_align_beg       15 
_struct_ref_seq.pdbx_auth_seq_align_end       159 
# 
loop_
_struct_ref_seq_dif.align_id 
_struct_ref_seq_dif.pdbx_pdb_id_code 
_struct_ref_seq_dif.mon_id 
_struct_ref_seq_dif.pdbx_pdb_strand_id 
_struct_ref_seq_dif.seq_num 
_struct_ref_seq_dif.pdbx_pdb_ins_code 
_struct_ref_seq_dif.pdbx_seq_db_name 
_struct_ref_seq_dif.pdbx_seq_db_accession_code 
_struct_ref_seq_dif.db_mon_id 
_struct_ref_seq_dif.pdbx_seq_db_seq_num 
_struct_ref_seq_dif.details 
_struct_ref_seq_dif.pdbx_auth_seq_num 
_struct_ref_seq_dif.pdbx_ordinal 
1 6HFG ALA B 1 ? UNP Q9CWH4 ? ? 'expression tag' 13 1 
1 6HFG MET B 2 ? UNP Q9CWH4 ? ? 'expression tag' 14 2 
# 
_pdbx_struct_assembly.id                   1 
_pdbx_struct_assembly.details              author_and_software_defined_assembly 
_pdbx_struct_assembly.method_details       PISA 
_pdbx_struct_assembly.oligomeric_details   dimeric 
_pdbx_struct_assembly.oligomeric_count     2 
# 
loop_
_pdbx_struct_assembly_prop.biol_id 
_pdbx_struct_assembly_prop.type 
_pdbx_struct_assembly_prop.value 
_pdbx_struct_assembly_prop.details 
1 'ABSA (A^2)' 1490  ? 
1 MORE         -7    ? 
1 'SSA (A^2)'  12610 ? 
# 
_pdbx_struct_assembly_gen.assembly_id       1 
_pdbx_struct_assembly_gen.oper_expression   1,2 
_pdbx_struct_assembly_gen.asym_id_list      A 
# 
_pdbx_struct_assembly_auth_evidence.id                     1 
_pdbx_struct_assembly_auth_evidence.assembly_id            1 
_pdbx_struct_assembly_auth_evidence.experimental_support   'light scattering' 
_pdbx_struct_assembly_auth_evidence.details                ? 
# 
loop_
_pdbx_struct_oper_list.id 
_pdbx_struct_oper_list.type 
_pdbx_struct_oper_list.name 
_pdbx_struct_oper_list.symmetry_operation 
_pdbx_struct_oper_list.matrix[1][1] 
_pdbx_struct_oper_list.matrix[1][2] 
_pdbx_struct_oper_list.matrix[1][3] 
_pdbx_struct_oper_list.vector[1] 
_pdbx_struct_oper_list.matrix[2][1] 
_pdbx_struct_oper_list.matrix[2][2] 
_pdbx_struct_oper_list.matrix[2][3] 
_pdbx_struct_oper_list.vector[2] 
_pdbx_struct_oper_list.matrix[3][1] 
_pdbx_struct_oper_list.matrix[3][2] 
_pdbx_struct_oper_list.matrix[3][3] 
_pdbx_struct_oper_list.vector[3] 
1 'identity operation'         1_555 x,y,z          1.0000000000  0.0000000000 0.0000000000  0.0000000000   0.0000000000 1.0000000000 0.0000000000  0.0000000000 0.0000000000  0.0000000000  1.0000000000  0.0000000000  
2 'crystal symmetry operation' 9_554 -x,-x+y,-z-1/3 -0.9832805100 0.1605150858 -0.0859903826 -26.8800404931 0.1605150858 0.5410214525 -0.8255487237 2.1200250911 -0.0859903826 -0.8255487237 -0.5577409425 -1.2690321396 
# 
_struct_conf.conf_type_id            HELX_P 
_struct_conf.id                      HELX_P1 
_struct_conf.pdbx_PDB_helix_id       AA1 
_struct_conf.beg_label_comp_id       SER 
_struct_conf.beg_label_asym_id       A 
_struct_conf.beg_label_seq_id        112 
_struct_conf.pdbx_beg_PDB_ins_code   ? 
_struct_conf.end_label_comp_id       ALA 
_struct_conf.end_label_asym_id       A 
_struct_conf.end_label_seq_id        128 
_struct_conf.pdbx_end_PDB_ins_code   ? 
_struct_conf.beg_auth_comp_id        SER 
_struct_conf.beg_auth_asym_id        B 
_struct_conf.beg_auth_seq_id         124 
_struct_conf.end_auth_comp_id        ALA 
_struct_conf.end_auth_asym_id        B 
_struct_conf.end_auth_seq_id         140 
_struct_conf.pdbx_PDB_helix_class    1 
_struct_conf.details                 ? 
_struct_conf.pdbx_PDB_helix_length   17 
# 
_struct_conf_type.id          HELX_P 
_struct_conf_type.criteria    ? 
_struct_conf_type.reference   ? 
# 
loop_
_struct_sheet.id 
_struct_sheet.type 
_struct_sheet.number_strands 
_struct_sheet.details 
AA1 ? 5 ? 
AA2 ? 6 ? 
# 
loop_
_struct_sheet_order.sheet_id 
_struct_sheet_order.range_id_1 
_struct_sheet_order.range_id_2 
_struct_sheet_order.offset 
_struct_sheet_order.sense 
AA1 1 2 ? anti-parallel 
AA1 2 3 ? anti-parallel 
AA1 3 4 ? anti-parallel 
AA1 4 5 ? anti-parallel 
AA2 1 2 ? anti-parallel 
AA2 2 3 ? anti-parallel 
AA2 3 4 ? anti-parallel 
AA2 4 5 ? anti-parallel 
AA2 5 6 ? parallel      
# 
loop_
_struct_sheet_range.sheet_id 
_struct_sheet_range.id 
_struct_sheet_range.beg_label_comp_id 
_struct_sheet_range.beg_label_asym_id 
_struct_sheet_range.beg_label_seq_id 
_struct_sheet_range.pdbx_beg_PDB_ins_code 
_struct_sheet_range.end_label_comp_id 
_struct_sheet_range.end_label_asym_id 
_struct_sheet_range.end_label_seq_id 
_struct_sheet_range.pdbx_end_PDB_ins_code 
_struct_sheet_range.beg_auth_comp_id 
_struct_sheet_range.beg_auth_asym_id 
_struct_sheet_range.beg_auth_seq_id 
_struct_sheet_range.end_auth_comp_id 
_struct_sheet_range.end_auth_asym_id 
_struct_sheet_range.end_auth_seq_id 
AA1 1 TRP A 39  ? GLU A 43  ? TRP B 51  GLU B 55  
AA1 2 VAL A 5   ? PHE A 16  ? VAL B 17  PHE B 28  
AA1 3 LEU A 51  ? VAL A 56  ? LEU B 63  VAL B 68  
AA1 4 HIS A 60  ? GLN A 65  ? HIS B 72  GLN B 77  
AA1 5 THR A 68  ? SER A 74  ? THR B 80  SER B 86  
AA2 1 TRP A 39  ? GLU A 43  ? TRP B 51  GLU B 55  
AA2 2 VAL A 5   ? PHE A 16  ? VAL B 17  PHE B 28  
AA2 3 PHE A 104 ? PHE A 108 ? PHE B 116 PHE B 120 
AA2 4 CYS A 90  ? GLY A 94  ? CYS B 102 GLY B 106 
AA2 5 LYS A 83  ? ARG A 87  ? LYS B 95  ARG B 99  
AA2 6 VAL A 133 ? GLN A 134 ? VAL B 145 GLN B 146 
# 
loop_
_pdbx_struct_sheet_hbond.sheet_id 
_pdbx_struct_sheet_hbond.range_id_1 
_pdbx_struct_sheet_hbond.range_id_2 
_pdbx_struct_sheet_hbond.range_1_label_atom_id 
_pdbx_struct_sheet_hbond.range_1_label_comp_id 
_pdbx_struct_sheet_hbond.range_1_label_asym_id 
_pdbx_struct_sheet_hbond.range_1_label_seq_id 
_pdbx_struct_sheet_hbond.range_1_PDB_ins_code 
_pdbx_struct_sheet_hbond.range_1_auth_atom_id 
_pdbx_struct_sheet_hbond.range_1_auth_comp_id 
_pdbx_struct_sheet_hbond.range_1_auth_asym_id 
_pdbx_struct_sheet_hbond.range_1_auth_seq_id 
_pdbx_struct_sheet_hbond.range_2_label_atom_id 
_pdbx_struct_sheet_hbond.range_2_label_comp_id 
_pdbx_struct_sheet_hbond.range_2_label_asym_id 
_pdbx_struct_sheet_hbond.range_2_label_seq_id 
_pdbx_struct_sheet_hbond.range_2_PDB_ins_code 
_pdbx_struct_sheet_hbond.range_2_auth_atom_id 
_pdbx_struct_sheet_hbond.range_2_auth_comp_id 
_pdbx_struct_sheet_hbond.range_2_auth_asym_id 
_pdbx_struct_sheet_hbond.range_2_auth_seq_id 
AA1 1 2 O PHE A 42  ? O PHE B 54  N TYR A 13  ? N TYR B 25  
AA1 2 3 N TRP A 8   ? N TRP B 20  O LEU A 53  ? O LEU B 65  
AA1 3 4 N THR A 54  ? N THR B 66  O PHE A 62  ? O PHE B 74  
AA1 4 5 N PHE A 61  ? N PHE B 73  O PHE A 73  ? O PHE B 85  
AA2 1 2 O PHE A 42  ? O PHE B 54  N TYR A 13  ? N TYR B 25  
AA2 2 3 N GLY A 14  ? N GLY B 26  O ARG A 105 ? O ARG B 117 
AA2 3 4 O PHE A 104 ? O PHE B 116 N PHE A 93  ? N PHE B 105 
AA2 4 5 O GLY A 94  ? O GLY B 106 N LYS A 83  ? N LYS B 95  
AA2 5 6 N ILE A 84  ? N ILE B 96  O GLN A 134 ? O GLN B 146 
# 
loop_
_pdbx_validate_torsion.id 
_pdbx_validate_torsion.PDB_model_num 
_pdbx_validate_torsion.auth_comp_id 
_pdbx_validate_torsion.auth_asym_id 
_pdbx_validate_torsion.auth_seq_id 
_pdbx_validate_torsion.PDB_ins_code 
_pdbx_validate_torsion.label_alt_id 
_pdbx_validate_torsion.phi 
_pdbx_validate_torsion.psi 
1 1 MET B 14  ? ? -69.30 -178.79 
2 1 MET B 100 ? ? 56.77  -110.95 
# 
loop_
_pdbx_validate_planes.id 
_pdbx_validate_planes.PDB_model_num 
_pdbx_validate_planes.auth_comp_id 
_pdbx_validate_planes.auth_asym_id 
_pdbx_validate_planes.auth_seq_id 
_pdbx_validate_planes.PDB_ins_code 
_pdbx_validate_planes.label_alt_id 
_pdbx_validate_planes.rmsd 
_pdbx_validate_planes.type 
1 1 ARG B 27  ? ? 0.094 'SIDE CHAIN' 
2 1 ARG B 131 ? ? 0.168 'SIDE CHAIN' 
# 
loop_
_pdbx_unobs_or_zero_occ_residues.id 
_pdbx_unobs_or_zero_occ_residues.PDB_model_num 
_pdbx_unobs_or_zero_occ_residues.polymer_flag 
_pdbx_unobs_or_zero_occ_residues.occupancy_flag 
_pdbx_unobs_or_zero_occ_residues.auth_asym_id 
_pdbx_unobs_or_zero_occ_residues.auth_comp_id 
_pdbx_unobs_or_zero_occ_residues.auth_seq_id 
_pdbx_unobs_or_zero_occ_residues.PDB_ins_code 
_pdbx_unobs_or_zero_occ_residues.label_asym_id 
_pdbx_unobs_or_zero_occ_residues.label_comp_id 
_pdbx_unobs_or_zero_occ_residues.label_seq_id 
1  1 Y 1 B LEU 31  ? A LEU 19  
2  1 Y 1 B ASP 32  ? A ASP 20  
3  1 Y 1 B ASN 33  ? A ASN 21  
4  1 Y 1 B VAL 34  ? A VAL 22  
5  1 Y 1 B GLY 35  ? A GLY 23  
6  1 Y 1 B SER 36  ? A SER 24  
7  1 Y 1 B PRO 37  ? A PRO 25  
8  1 Y 1 B GLY 38  ? A GLY 26  
9  1 Y 1 B PRO 39  ? A PRO 27  
10 1 Y 1 B SER 40  ? A SER 28  
11 1 Y 1 B SER 41  ? A SER 29  
12 1 Y 1 B GLU 42  ? A GLU 30  
13 1 Y 1 B ALA 43  ? A ALA 31  
14 1 Y 1 B ALA 44  ? A ALA 32  
15 1 Y 1 B ALA 45  ? A ALA 33  
16 1 Y 1 B ALA 46  ? A ALA 34  
17 1 Y 1 B THR 108 ? A THR 96  
18 1 Y 1 B ILE 109 ? A ILE 97  
19 1 Y 1 B LYS 110 ? A LYS 98  
20 1 Y 1 B ASN 111 ? A ASN 99  
21 1 Y 1 B LYS 112 ? A LYS 100 
22 1 Y 1 B SER 113 ? A SER 101 
23 1 Y 1 B ARG 114 ? A ARG 102 
24 1 Y 1 B SER 150 ? A SER 138 
25 1 Y 1 B THR 151 ? A THR 139 
26 1 Y 1 B THR 152 ? A THR 140 
27 1 Y 1 B GLN 153 ? A GLN 141 
28 1 Y 1 B GLU 154 ? A GLU 142 
29 1 Y 1 B LEU 155 ? A LEU 143 
30 1 Y 1 B GLN 156 ? A GLN 144 
31 1 Y 1 B GLN 157 ? A GLN 145 
32 1 Y 1 B SER 158 ? A SER 146 
33 1 Y 1 B GLN 159 ? A GLN 147 
# 
loop_
_chem_comp_atom.comp_id 
_chem_comp_atom.atom_id 
_chem_comp_atom.type_symbol 
_chem_comp_atom.pdbx_aromatic_flag 
_chem_comp_atom.pdbx_stereo_config 
_chem_comp_atom.pdbx_ordinal 
ALA N    N N N 1   
ALA CA   C N S 2   
ALA C    C N N 3   
ALA O    O N N 4   
ALA CB   C N N 5   
ALA OXT  O N N 6   
ALA H    H N N 7   
ALA H2   H N N 8   
ALA HA   H N N 9   
ALA HB1  H N N 10  
ALA HB2  H N N 11  
ALA HB3  H N N 12  
ALA HXT  H N N 13  
ARG N    N N N 14  
ARG CA   C N S 15  
ARG C    C N N 16  
ARG O    O N N 17  
ARG CB   C N N 18  
ARG CG   C N N 19  
ARG CD   C N N 20  
ARG NE   N N N 21  
ARG CZ   C N N 22  
ARG NH1  N N N 23  
ARG NH2  N N N 24  
ARG OXT  O N N 25  
ARG H    H N N 26  
ARG H2   H N N 27  
ARG HA   H N N 28  
ARG HB2  H N N 29  
ARG HB3  H N N 30  
ARG HG2  H N N 31  
ARG HG3  H N N 32  
ARG HD2  H N N 33  
ARG HD3  H N N 34  
ARG HE   H N N 35  
ARG HH11 H N N 36  
ARG HH12 H N N 37  
ARG HH21 H N N 38  
ARG HH22 H N N 39  
ARG HXT  H N N 40  
ASN N    N N N 41  
ASN CA   C N S 42  
ASN C    C N N 43  
ASN O    O N N 44  
ASN CB   C N N 45  
ASN CG   C N N 46  
ASN OD1  O N N 47  
ASN ND2  N N N 48  
ASN OXT  O N N 49  
ASN H    H N N 50  
ASN H2   H N N 51  
ASN HA   H N N 52  
ASN HB2  H N N 53  
ASN HB3  H N N 54  
ASN HD21 H N N 55  
ASN HD22 H N N 56  
ASN HXT  H N N 57  
ASP N    N N N 58  
ASP CA   C N S 59  
ASP C    C N N 60  
ASP O    O N N 61  
ASP CB   C N N 62  
ASP CG   C N N 63  
ASP OD1  O N N 64  
ASP OD2  O N N 65  
ASP OXT  O N N 66  
ASP H    H N N 67  
ASP H2   H N N 68  
ASP HA   H N N 69  
ASP HB2  H N N 70  
ASP HB3  H N N 71  
ASP HD2  H N N 72  
ASP HXT  H N N 73  
CYS N    N N N 74  
CYS CA   C N R 75  
CYS C    C N N 76  
CYS O    O N N 77  
CYS CB   C N N 78  
CYS SG   S N N 79  
CYS OXT  O N N 80  
CYS H    H N N 81  
CYS H2   H N N 82  
CYS HA   H N N 83  
CYS HB2  H N N 84  
CYS HB3  H N N 85  
CYS HG   H N N 86  
CYS HXT  H N N 87  
GLN N    N N N 88  
GLN CA   C N S 89  
GLN C    C N N 90  
GLN O    O N N 91  
GLN CB   C N N 92  
GLN CG   C N N 93  
GLN CD   C N N 94  
GLN OE1  O N N 95  
GLN NE2  N N N 96  
GLN OXT  O N N 97  
GLN H    H N N 98  
GLN H2   H N N 99  
GLN HA   H N N 100 
GLN HB2  H N N 101 
GLN HB3  H N N 102 
GLN HG2  H N N 103 
GLN HG3  H N N 104 
GLN HE21 H N N 105 
GLN HE22 H N N 106 
GLN HXT  H N N 107 
GLU N    N N N 108 
GLU CA   C N S 109 
GLU C    C N N 110 
GLU O    O N N 111 
GLU CB   C N N 112 
GLU CG   C N N 113 
GLU CD   C N N 114 
GLU OE1  O N N 115 
GLU OE2  O N N 116 
GLU OXT  O N N 117 
GLU H    H N N 118 
GLU H2   H N N 119 
GLU HA   H N N 120 
GLU HB2  H N N 121 
GLU HB3  H N N 122 
GLU HG2  H N N 123 
GLU HG3  H N N 124 
GLU HE2  H N N 125 
GLU HXT  H N N 126 
GLY N    N N N 127 
GLY CA   C N N 128 
GLY C    C N N 129 
GLY O    O N N 130 
GLY OXT  O N N 131 
GLY H    H N N 132 
GLY H2   H N N 133 
GLY HA2  H N N 134 
GLY HA3  H N N 135 
GLY HXT  H N N 136 
HIS N    N N N 137 
HIS CA   C N S 138 
HIS C    C N N 139 
HIS O    O N N 140 
HIS CB   C N N 141 
HIS CG   C Y N 142 
HIS ND1  N Y N 143 
HIS CD2  C Y N 144 
HIS CE1  C Y N 145 
HIS NE2  N Y N 146 
HIS OXT  O N N 147 
HIS H    H N N 148 
HIS H2   H N N 149 
HIS HA   H N N 150 
HIS HB2  H N N 151 
HIS HB3  H N N 152 
HIS HD1  H N N 153 
HIS HD2  H N N 154 
HIS HE1  H N N 155 
HIS HE2  H N N 156 
HIS HXT  H N N 157 
ILE N    N N N 158 
ILE CA   C N S 159 
ILE C    C N N 160 
ILE O    O N N 161 
ILE CB   C N S 162 
ILE CG1  C N N 163 
ILE CG2  C N N 164 
ILE CD1  C N N 165 
ILE OXT  O N N 166 
ILE H    H N N 167 
ILE H2   H N N 168 
ILE HA   H N N 169 
ILE HB   H N N 170 
ILE HG12 H N N 171 
ILE HG13 H N N 172 
ILE HG21 H N N 173 
ILE HG22 H N N 174 
ILE HG23 H N N 175 
ILE HD11 H N N 176 
ILE HD12 H N N 177 
ILE HD13 H N N 178 
ILE HXT  H N N 179 
LEU N    N N N 180 
LEU CA   C N S 181 
LEU C    C N N 182 
LEU O    O N N 183 
LEU CB   C N N 184 
LEU CG   C N N 185 
LEU CD1  C N N 186 
LEU CD2  C N N 187 
LEU OXT  O N N 188 
LEU H    H N N 189 
LEU H2   H N N 190 
LEU HA   H N N 191 
LEU HB2  H N N 192 
LEU HB3  H N N 193 
LEU HG   H N N 194 
LEU HD11 H N N 195 
LEU HD12 H N N 196 
LEU HD13 H N N 197 
LEU HD21 H N N 198 
LEU HD22 H N N 199 
LEU HD23 H N N 200 
LEU HXT  H N N 201 
LYS N    N N N 202 
LYS CA   C N S 203 
LYS C    C N N 204 
LYS O    O N N 205 
LYS CB   C N N 206 
LYS CG   C N N 207 
LYS CD   C N N 208 
LYS CE   C N N 209 
LYS NZ   N N N 210 
LYS OXT  O N N 211 
LYS H    H N N 212 
LYS H2   H N N 213 
LYS HA   H N N 214 
LYS HB2  H N N 215 
LYS HB3  H N N 216 
LYS HG2  H N N 217 
LYS HG3  H N N 218 
LYS HD2  H N N 219 
LYS HD3  H N N 220 
LYS HE2  H N N 221 
LYS HE3  H N N 222 
LYS HZ1  H N N 223 
LYS HZ2  H N N 224 
LYS HZ3  H N N 225 
LYS HXT  H N N 226 
MET N    N N N 227 
MET CA   C N S 228 
MET C    C N N 229 
MET O    O N N 230 
MET CB   C N N 231 
MET CG   C N N 232 
MET SD   S N N 233 
MET CE   C N N 234 
MET OXT  O N N 235 
MET H    H N N 236 
MET H2   H N N 237 
MET HA   H N N 238 
MET HB2  H N N 239 
MET HB3  H N N 240 
MET HG2  H N N 241 
MET HG3  H N N 242 
MET HE1  H N N 243 
MET HE2  H N N 244 
MET HE3  H N N 245 
MET HXT  H N N 246 
PHE N    N N N 247 
PHE CA   C N S 248 
PHE C    C N N 249 
PHE O    O N N 250 
PHE CB   C N N 251 
PHE CG   C Y N 252 
PHE CD1  C Y N 253 
PHE CD2  C Y N 254 
PHE CE1  C Y N 255 
PHE CE2  C Y N 256 
PHE CZ   C Y N 257 
PHE OXT  O N N 258 
PHE H    H N N 259 
PHE H2   H N N 260 
PHE HA   H N N 261 
PHE HB2  H N N 262 
PHE HB3  H N N 263 
PHE HD1  H N N 264 
PHE HD2  H N N 265 
PHE HE1  H N N 266 
PHE HE2  H N N 267 
PHE HZ   H N N 268 
PHE HXT  H N N 269 
PRO N    N N N 270 
PRO CA   C N S 271 
PRO C    C N N 272 
PRO O    O N N 273 
PRO CB   C N N 274 
PRO CG   C N N 275 
PRO CD   C N N 276 
PRO OXT  O N N 277 
PRO H    H N N 278 
PRO HA   H N N 279 
PRO HB2  H N N 280 
PRO HB3  H N N 281 
PRO HG2  H N N 282 
PRO HG3  H N N 283 
PRO HD2  H N N 284 
PRO HD3  H N N 285 
PRO HXT  H N N 286 
SER N    N N N 287 
SER CA   C N S 288 
SER C    C N N 289 
SER O    O N N 290 
SER CB   C N N 291 
SER OG   O N N 292 
SER OXT  O N N 293 
SER H    H N N 294 
SER H2   H N N 295 
SER HA   H N N 296 
SER HB2  H N N 297 
SER HB3  H N N 298 
SER HG   H N N 299 
SER HXT  H N N 300 
THR N    N N N 301 
THR CA   C N S 302 
THR C    C N N 303 
THR O    O N N 304 
THR CB   C N R 305 
THR OG1  O N N 306 
THR CG2  C N N 307 
THR OXT  O N N 308 
THR H    H N N 309 
THR H2   H N N 310 
THR HA   H N N 311 
THR HB   H N N 312 
THR HG1  H N N 313 
THR HG21 H N N 314 
THR HG22 H N N 315 
THR HG23 H N N 316 
THR HXT  H N N 317 
TRP N    N N N 318 
TRP CA   C N S 319 
TRP C    C N N 320 
TRP O    O N N 321 
TRP CB   C N N 322 
TRP CG   C Y N 323 
TRP CD1  C Y N 324 
TRP CD2  C Y N 325 
TRP NE1  N Y N 326 
TRP CE2  C Y N 327 
TRP CE3  C Y N 328 
TRP CZ2  C Y N 329 
TRP CZ3  C Y N 330 
TRP CH2  C Y N 331 
TRP OXT  O N N 332 
TRP H    H N N 333 
TRP H2   H N N 334 
TRP HA   H N N 335 
TRP HB2  H N N 336 
TRP HB3  H N N 337 
TRP HD1  H N N 338 
TRP HE1  H N N 339 
TRP HE3  H N N 340 
TRP HZ2  H N N 341 
TRP HZ3  H N N 342 
TRP HH2  H N N 343 
TRP HXT  H N N 344 
TYR N    N N N 345 
TYR CA   C N S 346 
TYR C    C N N 347 
TYR O    O N N 348 
TYR CB   C N N 349 
TYR CG   C Y N 350 
TYR CD1  C Y N 351 
TYR CD2  C Y N 352 
TYR CE1  C Y N 353 
TYR CE2  C Y N 354 
TYR CZ   C Y N 355 
TYR OH   O N N 356 
TYR OXT  O N N 357 
TYR H    H N N 358 
TYR H2   H N N 359 
TYR HA   H N N 360 
TYR HB2  H N N 361 
TYR HB3  H N N 362 
TYR HD1  H N N 363 
TYR HD2  H N N 364 
TYR HE1  H N N 365 
TYR HE2  H N N 366 
TYR HH   H N N 367 
TYR HXT  H N N 368 
VAL N    N N N 369 
VAL CA   C N S 370 
VAL C    C N N 371 
VAL O    O N N 372 
VAL CB   C N N 373 
VAL CG1  C N N 374 
VAL CG2  C N N 375 
VAL OXT  O N N 376 
VAL H    H N N 377 
VAL H2   H N N 378 
VAL HA   H N N 379 
VAL HB   H N N 380 
VAL HG11 H N N 381 
VAL HG12 H N N 382 
VAL HG13 H N N 383 
VAL HG21 H N N 384 
VAL HG22 H N N 385 
VAL HG23 H N N 386 
VAL HXT  H N N 387 
# 
loop_
_chem_comp_bond.comp_id 
_chem_comp_bond.atom_id_1 
_chem_comp_bond.atom_id_2 
_chem_comp_bond.value_order 
_chem_comp_bond.pdbx_aromatic_flag 
_chem_comp_bond.pdbx_stereo_config 
_chem_comp_bond.pdbx_ordinal 
ALA N   CA   sing N N 1   
ALA N   H    sing N N 2   
ALA N   H2   sing N N 3   
ALA CA  C    sing N N 4   
ALA CA  CB   sing N N 5   
ALA CA  HA   sing N N 6   
ALA C   O    doub N N 7   
ALA C   OXT  sing N N 8   
ALA CB  HB1  sing N N 9   
ALA CB  HB2  sing N N 10  
ALA CB  HB3  sing N N 11  
ALA OXT HXT  sing N N 12  
ARG N   CA   sing N N 13  
ARG N   H    sing N N 14  
ARG N   H2   sing N N 15  
ARG CA  C    sing N N 16  
ARG CA  CB   sing N N 17  
ARG CA  HA   sing N N 18  
ARG C   O    doub N N 19  
ARG C   OXT  sing N N 20  
ARG CB  CG   sing N N 21  
ARG CB  HB2  sing N N 22  
ARG CB  HB3  sing N N 23  
ARG CG  CD   sing N N 24  
ARG CG  HG2  sing N N 25  
ARG CG  HG3  sing N N 26  
ARG CD  NE   sing N N 27  
ARG CD  HD2  sing N N 28  
ARG CD  HD3  sing N N 29  
ARG NE  CZ   sing N N 30  
ARG NE  HE   sing N N 31  
ARG CZ  NH1  sing N N 32  
ARG CZ  NH2  doub N N 33  
ARG NH1 HH11 sing N N 34  
ARG NH1 HH12 sing N N 35  
ARG NH2 HH21 sing N N 36  
ARG NH2 HH22 sing N N 37  
ARG OXT HXT  sing N N 38  
ASN N   CA   sing N N 39  
ASN N   H    sing N N 40  
ASN N   H2   sing N N 41  
ASN CA  C    sing N N 42  
ASN CA  CB   sing N N 43  
ASN CA  HA   sing N N 44  
ASN C   O    doub N N 45  
ASN C   OXT  sing N N 46  
ASN CB  CG   sing N N 47  
ASN CB  HB2  sing N N 48  
ASN CB  HB3  sing N N 49  
ASN CG  OD1  doub N N 50  
ASN CG  ND2  sing N N 51  
ASN ND2 HD21 sing N N 52  
ASN ND2 HD22 sing N N 53  
ASN OXT HXT  sing N N 54  
ASP N   CA   sing N N 55  
ASP N   H    sing N N 56  
ASP N   H2   sing N N 57  
ASP CA  C    sing N N 58  
ASP CA  CB   sing N N 59  
ASP CA  HA   sing N N 60  
ASP C   O    doub N N 61  
ASP C   OXT  sing N N 62  
ASP CB  CG   sing N N 63  
ASP CB  HB2  sing N N 64  
ASP CB  HB3  sing N N 65  
ASP CG  OD1  doub N N 66  
ASP CG  OD2  sing N N 67  
ASP OD2 HD2  sing N N 68  
ASP OXT HXT  sing N N 69  
CYS N   CA   sing N N 70  
CYS N   H    sing N N 71  
CYS N   H2   sing N N 72  
CYS CA  C    sing N N 73  
CYS CA  CB   sing N N 74  
CYS CA  HA   sing N N 75  
CYS C   O    doub N N 76  
CYS C   OXT  sing N N 77  
CYS CB  SG   sing N N 78  
CYS CB  HB2  sing N N 79  
CYS CB  HB3  sing N N 80  
CYS SG  HG   sing N N 81  
CYS OXT HXT  sing N N 82  
GLN N   CA   sing N N 83  
GLN N   H    sing N N 84  
GLN N   H2   sing N N 85  
GLN CA  C    sing N N 86  
GLN CA  CB   sing N N 87  
GLN CA  HA   sing N N 88  
GLN C   O    doub N N 89  
GLN C   OXT  sing N N 90  
GLN CB  CG   sing N N 91  
GLN CB  HB2  sing N N 92  
GLN CB  HB3  sing N N 93  
GLN CG  CD   sing N N 94  
GLN CG  HG2  sing N N 95  
GLN CG  HG3  sing N N 96  
GLN CD  OE1  doub N N 97  
GLN CD  NE2  sing N N 98  
GLN NE2 HE21 sing N N 99  
GLN NE2 HE22 sing N N 100 
GLN OXT HXT  sing N N 101 
GLU N   CA   sing N N 102 
GLU N   H    sing N N 103 
GLU N   H2   sing N N 104 
GLU CA  C    sing N N 105 
GLU CA  CB   sing N N 106 
GLU CA  HA   sing N N 107 
GLU C   O    doub N N 108 
GLU C   OXT  sing N N 109 
GLU CB  CG   sing N N 110 
GLU CB  HB2  sing N N 111 
GLU CB  HB3  sing N N 112 
GLU CG  CD   sing N N 113 
GLU CG  HG2  sing N N 114 
GLU CG  HG3  sing N N 115 
GLU CD  OE1  doub N N 116 
GLU CD  OE2  sing N N 117 
GLU OE2 HE2  sing N N 118 
GLU OXT HXT  sing N N 119 
GLY N   CA   sing N N 120 
GLY N   H    sing N N 121 
GLY N   H2   sing N N 122 
GLY CA  C    sing N N 123 
GLY CA  HA2  sing N N 124 
GLY CA  HA3  sing N N 125 
GLY C   O    doub N N 126 
GLY C   OXT  sing N N 127 
GLY OXT HXT  sing N N 128 
HIS N   CA   sing N N 129 
HIS N   H    sing N N 130 
HIS N   H2   sing N N 131 
HIS CA  C    sing N N 132 
HIS CA  CB   sing N N 133 
HIS CA  HA   sing N N 134 
HIS C   O    doub N N 135 
HIS C   OXT  sing N N 136 
HIS CB  CG   sing N N 137 
HIS CB  HB2  sing N N 138 
HIS CB  HB3  sing N N 139 
HIS CG  ND1  sing Y N 140 
HIS CG  CD2  doub Y N 141 
HIS ND1 CE1  doub Y N 142 
HIS ND1 HD1  sing N N 143 
HIS CD2 NE2  sing Y N 144 
HIS CD2 HD2  sing N N 145 
HIS CE1 NE2  sing Y N 146 
HIS CE1 HE1  sing N N 147 
HIS NE2 HE2  sing N N 148 
HIS OXT HXT  sing N N 149 
ILE N   CA   sing N N 150 
ILE N   H    sing N N 151 
ILE N   H2   sing N N 152 
ILE CA  C    sing N N 153 
ILE CA  CB   sing N N 154 
ILE CA  HA   sing N N 155 
ILE C   O    doub N N 156 
ILE C   OXT  sing N N 157 
ILE CB  CG1  sing N N 158 
ILE CB  CG2  sing N N 159 
ILE CB  HB   sing N N 160 
ILE CG1 CD1  sing N N 161 
ILE CG1 HG12 sing N N 162 
ILE CG1 HG13 sing N N 163 
ILE CG2 HG21 sing N N 164 
ILE CG2 HG22 sing N N 165 
ILE CG2 HG23 sing N N 166 
ILE CD1 HD11 sing N N 167 
ILE CD1 HD12 sing N N 168 
ILE CD1 HD13 sing N N 169 
ILE OXT HXT  sing N N 170 
LEU N   CA   sing N N 171 
LEU N   H    sing N N 172 
LEU N   H2   sing N N 173 
LEU CA  C    sing N N 174 
LEU CA  CB   sing N N 175 
LEU CA  HA   sing N N 176 
LEU C   O    doub N N 177 
LEU C   OXT  sing N N 178 
LEU CB  CG   sing N N 179 
LEU CB  HB2  sing N N 180 
LEU CB  HB3  sing N N 181 
LEU CG  CD1  sing N N 182 
LEU CG  CD2  sing N N 183 
LEU CG  HG   sing N N 184 
LEU CD1 HD11 sing N N 185 
LEU CD1 HD12 sing N N 186 
LEU CD1 HD13 sing N N 187 
LEU CD2 HD21 sing N N 188 
LEU CD2 HD22 sing N N 189 
LEU CD2 HD23 sing N N 190 
LEU OXT HXT  sing N N 191 
LYS N   CA   sing N N 192 
LYS N   H    sing N N 193 
LYS N   H2   sing N N 194 
LYS CA  C    sing N N 195 
LYS CA  CB   sing N N 196 
LYS CA  HA   sing N N 197 
LYS C   O    doub N N 198 
LYS C   OXT  sing N N 199 
LYS CB  CG   sing N N 200 
LYS CB  HB2  sing N N 201 
LYS CB  HB3  sing N N 202 
LYS CG  CD   sing N N 203 
LYS CG  HG2  sing N N 204 
LYS CG  HG3  sing N N 205 
LYS CD  CE   sing N N 206 
LYS CD  HD2  sing N N 207 
LYS CD  HD3  sing N N 208 
LYS CE  NZ   sing N N 209 
LYS CE  HE2  sing N N 210 
LYS CE  HE3  sing N N 211 
LYS NZ  HZ1  sing N N 212 
LYS NZ  HZ2  sing N N 213 
LYS NZ  HZ3  sing N N 214 
LYS OXT HXT  sing N N 215 
MET N   CA   sing N N 216 
MET N   H    sing N N 217 
MET N   H2   sing N N 218 
MET CA  C    sing N N 219 
MET CA  CB   sing N N 220 
MET CA  HA   sing N N 221 
MET C   O    doub N N 222 
MET C   OXT  sing N N 223 
MET CB  CG   sing N N 224 
MET CB  HB2  sing N N 225 
MET CB  HB3  sing N N 226 
MET CG  SD   sing N N 227 
MET CG  HG2  sing N N 228 
MET CG  HG3  sing N N 229 
MET SD  CE   sing N N 230 
MET CE  HE1  sing N N 231 
MET CE  HE2  sing N N 232 
MET CE  HE3  sing N N 233 
MET OXT HXT  sing N N 234 
PHE N   CA   sing N N 235 
PHE N   H    sing N N 236 
PHE N   H2   sing N N 237 
PHE CA  C    sing N N 238 
PHE CA  CB   sing N N 239 
PHE CA  HA   sing N N 240 
PHE C   O    doub N N 241 
PHE C   OXT  sing N N 242 
PHE CB  CG   sing N N 243 
PHE CB  HB2  sing N N 244 
PHE CB  HB3  sing N N 245 
PHE CG  CD1  doub Y N 246 
PHE CG  CD2  sing Y N 247 
PHE CD1 CE1  sing Y N 248 
PHE CD1 HD1  sing N N 249 
PHE CD2 CE2  doub Y N 250 
PHE CD2 HD2  sing N N 251 
PHE CE1 CZ   doub Y N 252 
PHE CE1 HE1  sing N N 253 
PHE CE2 CZ   sing Y N 254 
PHE CE2 HE2  sing N N 255 
PHE CZ  HZ   sing N N 256 
PHE OXT HXT  sing N N 257 
PRO N   CA   sing N N 258 
PRO N   CD   sing N N 259 
PRO N   H    sing N N 260 
PRO CA  C    sing N N 261 
PRO CA  CB   sing N N 262 
PRO CA  HA   sing N N 263 
PRO C   O    doub N N 264 
PRO C   OXT  sing N N 265 
PRO CB  CG   sing N N 266 
PRO CB  HB2  sing N N 267 
PRO CB  HB3  sing N N 268 
PRO CG  CD   sing N N 269 
PRO CG  HG2  sing N N 270 
PRO CG  HG3  sing N N 271 
PRO CD  HD2  sing N N 272 
PRO CD  HD3  sing N N 273 
PRO OXT HXT  sing N N 274 
SER N   CA   sing N N 275 
SER N   H    sing N N 276 
SER N   H2   sing N N 277 
SER CA  C    sing N N 278 
SER CA  CB   sing N N 279 
SER CA  HA   sing N N 280 
SER C   O    doub N N 281 
SER C   OXT  sing N N 282 
SER CB  OG   sing N N 283 
SER CB  HB2  sing N N 284 
SER CB  HB3  sing N N 285 
SER OG  HG   sing N N 286 
SER OXT HXT  sing N N 287 
THR N   CA   sing N N 288 
THR N   H    sing N N 289 
THR N   H2   sing N N 290 
THR CA  C    sing N N 291 
THR CA  CB   sing N N 292 
THR CA  HA   sing N N 293 
THR C   O    doub N N 294 
THR C   OXT  sing N N 295 
THR CB  OG1  sing N N 296 
THR CB  CG2  sing N N 297 
THR CB  HB   sing N N 298 
THR OG1 HG1  sing N N 299 
THR CG2 HG21 sing N N 300 
THR CG2 HG22 sing N N 301 
THR CG2 HG23 sing N N 302 
THR OXT HXT  sing N N 303 
TRP N   CA   sing N N 304 
TRP N   H    sing N N 305 
TRP N   H2   sing N N 306 
TRP CA  C    sing N N 307 
TRP CA  CB   sing N N 308 
TRP CA  HA   sing N N 309 
TRP C   O    doub N N 310 
TRP C   OXT  sing N N 311 
TRP CB  CG   sing N N 312 
TRP CB  HB2  sing N N 313 
TRP CB  HB3  sing N N 314 
TRP CG  CD1  doub Y N 315 
TRP CG  CD2  sing Y N 316 
TRP CD1 NE1  sing Y N 317 
TRP CD1 HD1  sing N N 318 
TRP CD2 CE2  doub Y N 319 
TRP CD2 CE3  sing Y N 320 
TRP NE1 CE2  sing Y N 321 
TRP NE1 HE1  sing N N 322 
TRP CE2 CZ2  sing Y N 323 
TRP CE3 CZ3  doub Y N 324 
TRP CE3 HE3  sing N N 325 
TRP CZ2 CH2  doub Y N 326 
TRP CZ2 HZ2  sing N N 327 
TRP CZ3 CH2  sing Y N 328 
TRP CZ3 HZ3  sing N N 329 
TRP CH2 HH2  sing N N 330 
TRP OXT HXT  sing N N 331 
TYR N   CA   sing N N 332 
TYR N   H    sing N N 333 
TYR N   H2   sing N N 334 
TYR CA  C    sing N N 335 
TYR CA  CB   sing N N 336 
TYR CA  HA   sing N N 337 
TYR C   O    doub N N 338 
TYR C   OXT  sing N N 339 
TYR CB  CG   sing N N 340 
TYR CB  HB2  sing N N 341 
TYR CB  HB3  sing N N 342 
TYR CG  CD1  doub Y N 343 
TYR CG  CD2  sing Y N 344 
TYR CD1 CE1  sing Y N 345 
TYR CD1 HD1  sing N N 346 
TYR CD2 CE2  doub Y N 347 
TYR CD2 HD2  sing N N 348 
TYR CE1 CZ   doub Y N 349 
TYR CE1 HE1  sing N N 350 
TYR CE2 CZ   sing Y N 351 
TYR CE2 HE2  sing N N 352 
TYR CZ  OH   sing N N 353 
TYR OH  HH   sing N N 354 
TYR OXT HXT  sing N N 355 
VAL N   CA   sing N N 356 
VAL N   H    sing N N 357 
VAL N   H2   sing N N 358 
VAL CA  C    sing N N 359 
VAL CA  CB   sing N N 360 
VAL CA  HA   sing N N 361 
VAL C   O    doub N N 362 
VAL C   OXT  sing N N 363 
VAL CB  CG1  sing N N 364 
VAL CB  CG2  sing N N 365 
VAL CB  HB   sing N N 366 
VAL CG1 HG11 sing N N 367 
VAL CG1 HG12 sing N N 368 
VAL CG1 HG13 sing N N 369 
VAL CG2 HG21 sing N N 370 
VAL CG2 HG22 sing N N 371 
VAL CG2 HG23 sing N N 372 
VAL OXT HXT  sing N N 373 
# 
_atom_sites.entry_id                    6HFG 
_atom_sites.fract_transf_matrix[1][1]   0.00745108 
_atom_sites.fract_transf_matrix[1][2]   0.00303672 
_atom_sites.fract_transf_matrix[1][3]   0.00711711 
_atom_sites.fract_transf_matrix[2][1]   0.00287491 
_atom_sites.fract_transf_matrix[2][2]   -0.00664761 
_atom_sites.fract_transf_matrix[2][3]   0.00793314 
_atom_sites.fract_transf_matrix[3][1]   0.00863050 
_atom_sites.fract_transf_matrix[3][2]   -0.00467159 
_atom_sites.fract_transf_matrix[3][3]   -0.00704222 
_atom_sites.fract_transf_vector[1]      0.101443 
_atom_sites.fract_transf_vector[2]      -0.348048 
_atom_sites.fract_transf_vector[3]      -0.050192 
# 
loop_
_atom_type.symbol 
C 
N 
O 
S 
# 
loop_
_atom_site.group_PDB 
_atom_site.id 
_atom_site.type_symbol 
_atom_site.label_atom_id 
_atom_site.label_alt_id 
_atom_site.label_comp_id 
_atom_site.label_asym_id 
_atom_site.label_entity_id 
_atom_site.label_seq_id 
_atom_site.pdbx_PDB_ins_code 
_atom_site.Cartn_x 
_atom_site.Cartn_y 
_atom_site.Cartn_z 
_atom_site.occupancy 
_atom_site.B_iso_or_equiv 
_atom_site.pdbx_formal_charge 
_atom_site.auth_seq_id 
_atom_site.auth_comp_id 
_atom_site.auth_asym_id 
_atom_site.auth_atom_id 
_atom_site.pdbx_PDB_model_num 
ATOM 1   N N   . ALA A 1 1   ? -12.234 6.428   7.427   1.00 99.77  ? 13  ALA B N   1 
ATOM 2   C CA  . ALA A 1 1   ? -13.221 7.241   8.209   1.00 112.08 ? 13  ALA B CA  1 
ATOM 3   C C   . ALA A 1 1   ? -13.861 6.397   9.332   1.00 118.09 ? 13  ALA B C   1 
ATOM 4   O O   . ALA A 1 1   ? -13.738 6.735   10.515  1.00 129.59 ? 13  ALA B O   1 
ATOM 5   C CB  . ALA A 1 1   ? -14.249 7.825   7.264   1.00 111.11 ? 13  ALA B CB  1 
ATOM 6   N N   . MET A 1 2   ? -14.514 5.289   8.953   1.00 116.95 ? 14  MET B N   1 
ATOM 7   C CA  . MET A 1 2   ? -15.347 4.429   9.837   1.00 105.80 ? 14  MET B CA  1 
ATOM 8   C C   . MET A 1 2   ? -14.483 3.671   10.863  1.00 102.83 ? 14  MET B C   1 
ATOM 9   O O   . MET A 1 2   ? -13.268 3.846   10.908  1.00 100.32 ? 14  MET B O   1 
ATOM 10  C CB  . MET A 1 2   ? -16.133 3.420   8.987   1.00 102.53 ? 14  MET B CB  1 
ATOM 11  C CG  . MET A 1 2   ? -17.305 4.033   8.242   1.00 105.35 ? 14  MET B CG  1 
ATOM 12  S SD  . MET A 1 2   ? -18.508 4.846   9.341   1.00 132.36 ? 14  MET B SD  1 
ATOM 13  C CE  . MET A 1 2   ? -18.756 3.614   10.622  1.00 113.05 ? 14  MET B CE  1 
ATOM 14  N N   . GLY A 1 3   ? -15.137 2.843   11.698  1.00 91.18  ? 15  GLY B N   1 
ATOM 15  C CA  . GLY A 1 3   ? -14.478 1.843   12.553  1.00 80.11  ? 15  GLY B CA  1 
ATOM 16  C C   . GLY A 1 3   ? -14.458 0.469   11.896  1.00 83.95  ? 15  GLY B C   1 
ATOM 17  O O   . GLY A 1 3   ? -14.200 -0.553  12.522  1.00 88.87  ? 15  GLY B O   1 
ATOM 18  N N   . GLU A 1 4   ? -14.721 0.459   10.593  1.00 86.41  ? 16  GLU B N   1 
ATOM 19  C CA  . GLU A 1 4   ? -14.826 -0.737  9.792   1.00 83.81  ? 16  GLU B CA  1 
ATOM 20  C C   . GLU A 1 4   ? -13.655 -0.807  8.806   1.00 75.82  ? 16  GLU B C   1 
ATOM 21  O O   . GLU A 1 4   ? -13.448 -1.808  8.128   1.00 70.98  ? 16  GLU B O   1 
ATOM 22  C CB  . GLU A 1 4   ? -16.176 -0.683  9.083   1.00 84.48  ? 16  GLU B CB  1 
ATOM 23  C CG  . GLU A 1 4   ? -17.278 -1.259  9.945   1.00 88.17  ? 16  GLU B CG  1 
ATOM 24  C CD  . GLU A 1 4   ? -17.332 -2.762  9.799   1.00 95.81  ? 16  GLU B CD  1 
ATOM 25  O OE1 . GLU A 1 4   ? -17.461 -3.460  10.835  1.00 94.23  ? 16  GLU B OE1 1 
ATOM 26  O OE2 . GLU A 1 4   ? -17.231 -3.222  8.627   1.00 97.59  ? 16  GLU B OE2 1 
ATOM 27  N N   . VAL A 1 5   ? -12.891 0.281   8.756   1.00 70.74  ? 17  VAL B N   1 
ATOM 28  C CA  . VAL A 1 5   ? -11.850 0.480   7.800   1.00 71.42  ? 17  VAL B CA  1 
ATOM 29  C C   . VAL A 1 5   ? -10.736 1.273   8.474   1.00 66.00  ? 17  VAL B C   1 
ATOM 30  O O   . VAL A 1 5   ? -10.981 2.039   9.383   1.00 82.77  ? 17  VAL B O   1 
ATOM 31  C CB  . VAL A 1 5   ? -12.395 1.216   6.566   1.00 72.62  ? 17  VAL B CB  1 
ATOM 32  C CG1 . VAL A 1 5   ? -11.308 1.593   5.593   1.00 84.71  ? 17  VAL B CG1 1 
ATOM 33  C CG2 . VAL A 1 5   ? -13.420 0.365   5.867   1.00 76.40  ? 17  VAL B CG2 1 
ATOM 34  N N   . SER A 1 6   ? -9.507  1.032   8.032   1.00 67.54  ? 18  SER B N   1 
ATOM 35  C CA  . SER A 1 6   ? -8.403  1.957   8.236   1.00 66.04  ? 18  SER B CA  1 
ATOM 36  C C   . SER A 1 6   ? -7.921  2.438   6.863   1.00 60.54  ? 18  SER B C   1 
ATOM 37  O O   . SER A 1 6   ? -7.957  1.690   5.875   1.00 57.80  ? 18  SER B O   1 
ATOM 38  C CB  . SER A 1 6   ? -7.309  1.311   9.035   1.00 67.62  ? 18  SER B CB  1 
ATOM 39  O OG  . SER A 1 6   ? -7.779  0.969   10.327  1.00 70.62  ? 18  SER B OG  1 
ATOM 40  N N   . GLN A 1 7   ? -7.508  3.701   6.801   1.00 60.60  ? 19  GLN B N   1 
ATOM 41  C CA  . GLN A 1 7   ? -7.084  4.302   5.554   1.00 61.84  ? 19  GLN B CA  1 
ATOM 42  C C   . GLN A 1 7   ? -5.845  5.154   5.794   1.00 54.93  ? 19  GLN B C   1 
ATOM 43  O O   . GLN A 1 7   ? -5.715  5.775   6.831   1.00 56.53  ? 19  GLN B O   1 
ATOM 44  C CB  . GLN A 1 7   ? -8.205  5.144   4.957   1.00 64.73  ? 19  GLN B CB  1 
ATOM 45  C CG  . GLN A 1 7   ? -9.337  4.294   4.395   1.00 75.15  ? 19  GLN B CG  1 
ATOM 46  C CD  . GLN A 1 7   ? -10.372 5.141   3.698   1.00 79.42  ? 19  GLN B CD  1 
ATOM 47  O OE1 . GLN A 1 7   ? -10.955 6.039   4.308   1.00 71.19  ? 19  GLN B OE1 1 
ATOM 48  N NE2 . GLN A 1 7   ? -10.589 4.867   2.415   1.00 69.19  ? 19  GLN B NE2 1 
ATOM 49  N N   . TRP A 1 8   ? -4.948  5.144   4.809   1.00 58.33  ? 20  TRP B N   1 
ATOM 50  C CA  . TRP A 1 8   ? -3.699  5.916   4.807   1.00 57.14  ? 20  TRP B CA  1 
ATOM 51  C C   . TRP A 1 8   ? -3.536  6.489   3.416   1.00 57.42  ? 20  TRP B C   1 
ATOM 52  O O   . TRP A 1 8   ? -3.795  5.770   2.429   1.00 62.83  ? 20  TRP B O   1 
ATOM 53  C CB  . TRP A 1 8   ? -2.478  5.038   5.120   1.00 60.15  ? 20  TRP B CB  1 
ATOM 54  C CG  . TRP A 1 8   ? -2.545  4.341   6.439   1.00 60.92  ? 20  TRP B CG  1 
ATOM 55  C CD1 . TRP A 1 8   ? -2.003  4.769   7.613   1.00 60.98  ? 20  TRP B CD1 1 
ATOM 56  C CD2 . TRP A 1 8   ? -3.215  3.103   6.728   1.00 62.80  ? 20  TRP B CD2 1 
ATOM 57  N NE1 . TRP A 1 8   ? -2.279  3.875   8.608   1.00 62.52  ? 20  TRP B NE1 1 
ATOM 58  C CE2 . TRP A 1 8   ? -3.019  2.843   8.101   1.00 64.95  ? 20  TRP B CE2 1 
ATOM 59  C CE3 . TRP A 1 8   ? -3.958  2.192   5.969   1.00 68.04  ? 20  TRP B CE3 1 
ATOM 60  C CZ2 . TRP A 1 8   ? -3.534  1.706   8.729   1.00 66.41  ? 20  TRP B CZ2 1 
ATOM 61  C CZ3 . TRP A 1 8   ? -4.470  1.068   6.586   1.00 71.37  ? 20  TRP B CZ3 1 
ATOM 62  C CH2 . TRP A 1 8   ? -4.254  0.829   7.947   1.00 72.94  ? 20  TRP B CH2 1 
ATOM 63  N N   . SER A 1 9   ? -3.057  7.728   3.339   1.00 59.25  ? 21  SER B N   1 
ATOM 64  C CA  . SER A 1 9   ? -2.821  8.323   2.045   1.00 65.22  ? 21  SER B CA  1 
ATOM 65  C C   . SER A 1 9   ? -1.387  8.015   1.593   1.00 62.97  ? 21  SER B C   1 
ATOM 66  O O   . SER A 1 9   ? -0.468  7.945   2.414   1.00 60.43  ? 21  SER B O   1 
ATOM 67  C CB  . SER A 1 9   ? -3.126  9.798   2.062   1.00 68.54  ? 21  SER B CB  1 
ATOM 68  O OG  . SER A 1 9   ? -2.130  10.485  2.768   1.00 73.15  ? 21  SER B OG  1 
ATOM 69  N N   . LEU A 1 10  ? -1.234  7.832   0.279   1.00 59.17  ? 22  LEU B N   1 
ATOM 70  C CA  . LEU A 1 10  ? -0.009  7.459   -0.375  1.00 57.92  ? 22  LEU B CA  1 
ATOM 71  C C   . LEU A 1 10  ? 0.499   8.628   -1.216  1.00 62.87  ? 22  LEU B C   1 
ATOM 72  O O   . LEU A 1 10  ? -0.286  9.291   -1.842  1.00 67.20  ? 22  LEU B O   1 
ATOM 73  C CB  . LEU A 1 10  ? -0.296  6.291   -1.320  1.00 54.50  ? 22  LEU B CB  1 
ATOM 74  C CG  . LEU A 1 10  ? -0.890  5.040   -0.699  1.00 55.76  ? 22  LEU B CG  1 
ATOM 75  C CD1 . LEU A 1 10  ? -1.036  3.969   -1.763  1.00 56.24  ? 22  LEU B CD1 1 
ATOM 76  C CD2 . LEU A 1 10  ? -0.032  4.562   0.469   1.00 57.07  ? 22  LEU B CD2 1 
ATOM 77  N N   . LYS A 1 11  ? 1.824   8.769   -1.307  1.00 69.46  ? 23  LYS B N   1 
ATOM 78  C CA  . LYS A 1 11  ? 2.477   9.689   -2.214  1.00 67.56  ? 23  LYS B CA  1 
ATOM 79  C C   . LYS A 1 11  ? 2.531   9.051   -3.605  1.00 70.08  ? 23  LYS B C   1 
ATOM 80  O O   . LYS A 1 11  ? 2.242   9.707   -4.593  1.00 73.42  ? 23  LYS B O   1 
ATOM 81  C CB  . LYS A 1 11  ? 3.888   10.007  -1.712  1.00 76.75  ? 23  LYS B CB  1 
ATOM 82  C CG  . LYS A 1 11  ? 4.536   11.248  -2.308  1.00 86.52  ? 23  LYS B CG  1 
ATOM 83  C CD  . LYS A 1 11  ? 5.928   11.534  -1.766  1.00 99.13  ? 23  LYS B CD  1 
ATOM 84  C CE  . LYS A 1 11  ? 6.627   12.679  -2.473  1.00 104.75 ? 23  LYS B CE  1 
ATOM 85  N NZ  . LYS A 1 11  ? 8.098   12.488  -2.509  1.00 112.63 ? 23  LYS B NZ  1 
ATOM 86  N N   . ARG A 1 12  ? 2.906   7.769   -3.661  1.00 67.49  ? 24  ARG B N   1 
ATOM 87  C CA  . ARG A 1 12  ? 3.124   7.069   -4.922  1.00 69.88  ? 24  ARG B CA  1 
ATOM 88  C C   . ARG A 1 12  ? 2.669   5.616   -4.815  1.00 66.16  ? 24  ARG B C   1 
ATOM 89  O O   . ARG A 1 12  ? 2.758   5.019   -3.768  1.00 63.36  ? 24  ARG B O   1 
ATOM 90  C CB  . ARG A 1 12  ? 4.603   6.956   -5.298  1.00 78.93  ? 24  ARG B CB  1 
ATOM 91  C CG  . ARG A 1 12  ? 5.227   8.211   -5.878  1.00 92.90  ? 24  ARG B CG  1 
ATOM 92  C CD  . ARG A 1 12  ? 6.727   8.049   -6.065  1.00 94.56  ? 24  ARG B CD  1 
ATOM 93  N NE  . ARG A 1 12  ? 7.402   9.268   -5.640  1.00 97.52  ? 24  ARG B NE  1 
ATOM 94  C CZ  . ARG A 1 12  ? 7.325   10.421  -6.290  1.00 102.73 ? 24  ARG B CZ  1 
ATOM 95  N NH1 . ARG A 1 12  ? 6.844   10.441  -7.520  1.00 113.06 ? 24  ARG B NH1 1 
ATOM 96  N NH2 . ARG A 1 12  ? 7.701   11.544  -5.706  1.00 110.17 ? 24  ARG B NH2 1 
ATOM 97  N N   . TYR A 1 13  ? 2.286   5.053   -5.962  1.00 61.29  ? 25  TYR B N   1 
ATOM 98  C CA  . TYR A 1 13  ? 2.060   3.648   -6.110  1.00 60.57  ? 25  TYR B CA  1 
ATOM 99  C C   . TYR A 1 13  ? 2.622   3.238   -7.467  1.00 58.09  ? 25  TYR B C   1 
ATOM 100 O O   . TYR A 1 13  ? 2.425   3.942   -8.443  1.00 60.40  ? 25  TYR B O   1 
ATOM 101 C CB  . TYR A 1 13  ? 0.566   3.347   -5.967  1.00 63.01  ? 25  TYR B CB  1 
ATOM 102 C CG  . TYR A 1 13  ? 0.073   2.117   -6.685  1.00 62.76  ? 25  TYR B CG  1 
ATOM 103 C CD1 . TYR A 1 13  ? -0.553  2.221   -7.916  1.00 61.86  ? 25  TYR B CD1 1 
ATOM 104 C CD2 . TYR A 1 13  ? 0.202   0.855   -6.129  1.00 61.31  ? 25  TYR B CD2 1 
ATOM 105 C CE1 . TYR A 1 13  ? -1.041  1.106   -8.578  1.00 62.12  ? 25  TYR B CE1 1 
ATOM 106 C CE2 . TYR A 1 13  ? -0.272  -0.273  -6.783  1.00 62.78  ? 25  TYR B CE2 1 
ATOM 107 C CZ  . TYR A 1 13  ? -0.899  -0.147  -8.014  1.00 65.09  ? 25  TYR B CZ  1 
ATOM 108 O OH  . TYR A 1 13  ? -1.382  -1.243  -8.683  1.00 66.91  ? 25  TYR B OH  1 
ATOM 109 N N   . GLY A 1 14  ? 3.325   2.107   -7.503  1.00 59.02  ? 26  GLY B N   1 
ATOM 110 C CA  . GLY A 1 14  ? 3.890   1.597   -8.734  1.00 63.67  ? 26  GLY B CA  1 
ATOM 111 C C   . GLY A 1 14  ? 3.554   0.132   -8.931  1.00 66.34  ? 26  GLY B C   1 
ATOM 112 O O   . GLY A 1 14  ? 3.781   -0.683  -8.028  1.00 66.32  ? 26  GLY B O   1 
ATOM 113 N N   . ARG A 1 15  ? 3.013   -0.175  -10.116 1.00 67.25  ? 27  ARG B N   1 
ATOM 114 C CA  . ARG A 1 15  ? 2.614   -1.514  -10.548 1.00 68.54  ? 27  ARG B CA  1 
ATOM 115 C C   . ARG A 1 15  ? 3.760   -2.128  -11.349 1.00 68.96  ? 27  ARG B C   1 
ATOM 116 O O   . ARG A 1 15  ? 4.199   -1.522  -12.306 1.00 69.55  ? 27  ARG B O   1 
ATOM 117 C CB  . ARG A 1 15  ? 1.418   -1.434  -11.503 1.00 76.33  ? 27  ARG B CB  1 
ATOM 118 C CG  . ARG A 1 15  ? 0.103   -1.978  -10.979 1.00 80.83  ? 27  ARG B CG  1 
ATOM 119 C CD  . ARG A 1 15  ? -0.720  -2.606  -12.085 1.00 78.87  ? 27  ARG B CD  1 
ATOM 120 N NE  . ARG A 1 15  ? -1.639  -1.660  -12.697 1.00 83.85  ? 27  ARG B NE  1 
ATOM 121 C CZ  . ARG A 1 15  ? -2.835  -1.349  -12.208 1.00 89.29  ? 27  ARG B CZ  1 
ATOM 122 N NH1 . ARG A 1 15  ? -3.130  -1.604  -10.945 1.00 86.49  ? 27  ARG B NH1 1 
ATOM 123 N NH2 . ARG A 1 15  ? -3.743  -0.800  -12.989 1.00 96.40  ? 27  ARG B NH2 1 
ATOM 124 N N   . PHE A 1 16  ? 4.251   -3.303  -10.958 1.00 70.85  ? 28  PHE B N   1 
ATOM 125 C CA  . PHE A 1 16  ? 5.192   -4.026  -11.796 1.00 79.48  ? 28  PHE B CA  1 
ATOM 126 C C   . PHE A 1 16  ? 4.429   -4.558  -13.008 1.00 78.86  ? 28  PHE B C   1 
ATOM 127 O O   . PHE A 1 16  ? 3.445   -5.223  -12.831 1.00 83.49  ? 28  PHE B O   1 
ATOM 128 C CB  . PHE A 1 16  ? 5.838   -5.170  -11.024 1.00 85.10  ? 28  PHE B CB  1 
ATOM 129 C CG  . PHE A 1 16  ? 7.021   -5.794  -11.712 1.00 91.31  ? 28  PHE B CG  1 
ATOM 130 C CD1 . PHE A 1 16  ? 6.975   -7.111  -12.144 1.00 96.93  ? 28  PHE B CD1 1 
ATOM 131 C CD2 . PHE A 1 16  ? 8.183   -5.068  -11.911 1.00 89.28  ? 28  PHE B CD2 1 
ATOM 132 C CE1 . PHE A 1 16  ? 8.069   -7.687  -12.767 1.00 99.44  ? 28  PHE B CE1 1 
ATOM 133 C CE2 . PHE A 1 16  ? 9.276   -5.644  -12.540 1.00 91.37  ? 28  PHE B CE2 1 
ATOM 134 C CZ  . PHE A 1 16  ? 9.215   -6.950  -12.967 1.00 97.79  ? 28  PHE B CZ  1 
ATOM 135 N N   . MET A 1 17  ? 4.874   -4.213  -14.219 1.00 87.62  ? 29  MET B N   1 
ATOM 136 C CA  . MET A 1 17  ? 4.085   -4.449  -15.433 1.00 88.06  ? 29  MET B CA  1 
ATOM 137 C C   . MET A 1 17  ? 4.462   -5.795  -16.063 1.00 92.77  ? 29  MET B C   1 
ATOM 138 O O   . MET A 1 17  ? 3.641   -6.420  -16.728 1.00 106.32 ? 29  MET B O   1 
ATOM 139 C CB  . MET A 1 17  ? 4.292   -3.338  -16.461 1.00 86.81  ? 29  MET B CB  1 
ATOM 140 C CG  . MET A 1 17  ? 2.993   -2.858  -17.068 1.00 96.65  ? 29  MET B CG  1 
ATOM 141 S SD  . MET A 1 17  ? 1.785   -2.400  -15.811 1.00 96.64  ? 29  MET B SD  1 
ATOM 142 C CE  . MET A 1 17  ? 2.884   -1.571  -14.671 1.00 105.17 ? 29  MET B CE  1 
ATOM 143 N N   . LEU A 1 18  ? 5.704   -6.227  -15.850 1.00 95.02  ? 30  LEU B N   1 
ATOM 144 C CA  . LEU A 1 18  ? 6.158   -7.540  -16.268 1.00 98.35  ? 30  LEU B CA  1 
ATOM 145 C C   . LEU A 1 18  ? 5.664   -8.582  -15.255 1.00 104.05 ? 30  LEU B C   1 
ATOM 146 O O   . LEU A 1 18  ? 5.745   -9.790  -15.491 1.00 105.90 ? 30  LEU B O   1 
ATOM 147 C CB  . LEU A 1 18  ? 7.686   -7.524  -16.366 1.00 104.05 ? 30  LEU B CB  1 
ATOM 148 C CG  . LEU A 1 18  ? 8.291   -6.388  -17.196 1.00 114.95 ? 30  LEU B CG  1 
ATOM 149 C CD1 . LEU A 1 18  ? 9.811   -6.401  -17.088 1.00 113.09 ? 30  LEU B CD1 1 
ATOM 150 C CD2 . LEU A 1 18  ? 7.845   -6.462  -18.656 1.00 113.45 ? 30  LEU B CD2 1 
ATOM 151 N N   . GLY A 1 35  ? 5.871   0.231   -25.929 1.00 89.64  ? 47  GLY B N   1 
ATOM 152 C CA  . GLY A 1 35  ? 6.726   -0.948  -25.763 1.00 96.40  ? 47  GLY B CA  1 
ATOM 153 C C   . GLY A 1 35  ? 6.405   -1.676  -24.465 1.00 100.86 ? 47  GLY B C   1 
ATOM 154 O O   . GLY A 1 35  ? 5.247   -1.748  -24.065 1.00 103.99 ? 47  GLY B O   1 
ATOM 155 N N   . SER A 1 36  ? 7.444   -2.187  -23.792 1.00 101.27 ? 48  SER B N   1 
ATOM 156 C CA  . SER A 1 36  ? 7.293   -2.990  -22.577 1.00 96.92  ? 48  SER B CA  1 
ATOM 157 C C   . SER A 1 36  ? 7.825   -2.238  -21.354 1.00 86.19  ? 48  SER B C   1 
ATOM 158 O O   . SER A 1 36  ? 8.981   -2.421  -20.965 1.00 86.41  ? 48  SER B O   1 
ATOM 159 C CB  . SER A 1 36  ? 7.989   -4.309  -22.752 1.00 103.90 ? 48  SER B CB  1 
ATOM 160 O OG  . SER A 1 36  ? 7.473   -4.993  -23.884 1.00 119.83 ? 48  SER B OG  1 
ATOM 161 N N   . PRO A 1 37  ? 7.016   -1.371  -20.698 1.00 75.22  ? 49  PRO B N   1 
ATOM 162 C CA  . PRO A 1 37  ? 7.456   -0.706  -19.471 1.00 81.40  ? 49  PRO B CA  1 
ATOM 163 C C   . PRO A 1 37  ? 7.540   -1.711  -18.314 1.00 81.48  ? 49  PRO B C   1 
ATOM 164 O O   . PRO A 1 37  ? 6.888   -2.744  -18.333 1.00 87.74  ? 49  PRO B O   1 
ATOM 165 C CB  . PRO A 1 37  ? 6.391   0.365   -19.216 1.00 78.54  ? 49  PRO B CB  1 
ATOM 166 C CG  . PRO A 1 37  ? 5.153   -0.180  -19.891 1.00 74.64  ? 49  PRO B CG  1 
ATOM 167 C CD  . PRO A 1 37  ? 5.656   -0.967  -21.087 1.00 74.38  ? 49  PRO B CD  1 
ATOM 168 N N   . THR A 1 38  ? 8.385   -1.400  -17.336 1.00 77.89  ? 50  THR B N   1 
ATOM 169 C CA  . THR A 1 38  ? 8.593   -2.251  -16.184 1.00 77.02  ? 50  THR B CA  1 
ATOM 170 C C   . THR A 1 38  ? 7.634   -1.840  -15.062 1.00 71.67  ? 50  THR B C   1 
ATOM 171 O O   . THR A 1 38  ? 7.134   -2.685  -14.340 1.00 73.22  ? 50  THR B O   1 
ATOM 172 C CB  . THR A 1 38  ? 10.059  -2.181  -15.752 1.00 80.76  ? 50  THR B CB  1 
ATOM 173 O OG1 . THR A 1 38  ? 10.847  -2.544  -16.889 1.00 90.40  ? 50  THR B OG1 1 
ATOM 174 C CG2 . THR A 1 38  ? 10.357  -3.077  -14.573 1.00 87.11  ? 50  THR B CG2 1 
ATOM 175 N N   . TRP A 1 39  ? 7.396   -0.529  -14.944 1.00 71.35  ? 51  TRP B N   1 
ATOM 176 C CA  . TRP A 1 39  ? 6.560   0.066   -13.927 1.00 70.23  ? 51  TRP B CA  1 
ATOM 177 C C   . TRP A 1 39  ? 5.601   1.073   -14.566 1.00 71.27  ? 51  TRP B C   1 
ATOM 178 O O   . TRP A 1 39  ? 5.929   1.780   -15.510 1.00 77.69  ? 51  TRP B O   1 
ATOM 179 C CB  . TRP A 1 39  ? 7.383   0.773   -12.842 1.00 66.76  ? 51  TRP B CB  1 
ATOM 180 C CG  . TRP A 1 39  ? 8.282   -0.111  -12.041 1.00 71.09  ? 51  TRP B CG  1 
ATOM 181 C CD1 . TRP A 1 39  ? 9.610   -0.333  -12.256 1.00 73.73  ? 51  TRP B CD1 1 
ATOM 182 C CD2 . TRP A 1 39  ? 7.937   -0.872  -10.868 1.00 73.89  ? 51  TRP B CD2 1 
ATOM 183 N NE1 . TRP A 1 39  ? 10.112  -1.182  -11.305 1.00 75.43  ? 51  TRP B NE1 1 
ATOM 184 C CE2 . TRP A 1 39  ? 9.110   -1.527  -10.438 1.00 71.38  ? 51  TRP B CE2 1 
ATOM 185 C CE3 . TRP A 1 39  ? 6.763   -1.052  -10.132 1.00 70.29  ? 51  TRP B CE3 1 
ATOM 186 C CZ2 . TRP A 1 39  ? 9.138   -2.354  -9.317  1.00 70.37  ? 51  TRP B CZ2 1 
ATOM 187 C CZ3 . TRP A 1 39  ? 6.791   -1.867  -9.025  1.00 68.32  ? 51  TRP B CZ3 1 
ATOM 188 C CH2 . TRP A 1 39  ? 7.961   -2.514  -8.627  1.00 71.44  ? 51  TRP B CH2 1 
ATOM 189 N N   . LYS A 1 40  ? 4.410   1.133   -13.978 1.00 72.80  ? 52  LYS B N   1 
ATOM 190 C CA  . LYS A 1 40  ? 3.451   2.160   -14.170 1.00 74.92  ? 52  LYS B CA  1 
ATOM 191 C C   . LYS A 1 40  ? 3.294   2.814   -12.796 1.00 71.98  ? 52  LYS B C   1 
ATOM 192 O O   . LYS A 1 40  ? 3.009   2.141   -11.812 1.00 82.39  ? 52  LYS B O   1 
ATOM 193 C CB  . LYS A 1 40  ? 2.198   1.497   -14.740 1.00 83.26  ? 52  LYS B CB  1 
ATOM 194 C CG  . LYS A 1 40  ? 1.108   2.411   -15.266 1.00 99.42  ? 52  LYS B CG  1 
ATOM 195 C CD  . LYS A 1 40  ? 0.020   1.630   -15.983 1.00 105.03 ? 52  LYS B CD  1 
ATOM 196 C CE  . LYS A 1 40  ? 0.483   1.045   -17.298 1.00 102.83 ? 52  LYS B CE  1 
ATOM 197 N NZ  . LYS A 1 40  ? -0.667  0.613   -18.123 1.00 104.71 ? 52  LYS B NZ  1 
ATOM 198 N N   . VAL A 1 41  ? 3.566   4.114   -12.735 1.00 66.38  ? 53  VAL B N   1 
ATOM 199 C CA  . VAL A 1 41  ? 3.723   4.830   -11.497 1.00 64.88  ? 53  VAL B CA  1 
ATOM 200 C C   . VAL A 1 41  ? 2.600   5.860   -11.388 1.00 69.81  ? 53  VAL B C   1 
ATOM 201 O O   . VAL A 1 41  ? 2.432   6.708   -12.267 1.00 67.25  ? 53  VAL B O   1 
ATOM 202 C CB  . VAL A 1 41  ? 5.107   5.503   -11.418 1.00 66.11  ? 53  VAL B CB  1 
ATOM 203 C CG1 . VAL A 1 41  ? 5.233   6.403   -10.197 1.00 63.50  ? 53  VAL B CG1 1 
ATOM 204 C CG2 . VAL A 1 41  ? 6.221   4.471   -11.445 1.00 64.40  ? 53  VAL B CG2 1 
ATOM 205 N N   . PHE A 1 42  ? 1.846   5.767   -10.290 1.00 70.78  ? 54  PHE B N   1 
ATOM 206 C CA  . PHE A 1 42  ? 0.733   6.643   -10.014 1.00 72.41  ? 54  PHE B CA  1 
ATOM 207 C C   . PHE A 1 42  ? 1.112   7.557   -8.850  1.00 70.00  ? 54  PHE B C   1 
ATOM 208 O O   . PHE A 1 42  ? 1.728   7.114   -7.900  1.00 73.54  ? 54  PHE B O   1 
ATOM 209 C CB  . PHE A 1 42  ? -0.517  5.840   -9.657  1.00 68.22  ? 54  PHE B CB  1 
ATOM 210 C CG  . PHE A 1 42  ? -0.993  4.863   -10.700 1.00 68.44  ? 54  PHE B CG  1 
ATOM 211 C CD1 . PHE A 1 42  ? -2.163  5.096   -11.408 1.00 68.74  ? 54  PHE B CD1 1 
ATOM 212 C CD2 . PHE A 1 42  ? -0.311  3.679   -10.924 1.00 62.66  ? 54  PHE B CD2 1 
ATOM 213 C CE1 . PHE A 1 42  ? -2.634  4.170   -12.325 1.00 64.74  ? 54  PHE B CE1 1 
ATOM 214 C CE2 . PHE A 1 42  ? -0.776  2.759   -11.851 1.00 67.73  ? 54  PHE B CE2 1 
ATOM 215 C CZ  . PHE A 1 42  ? -1.933  3.008   -12.555 1.00 66.48  ? 54  PHE B CZ  1 
ATOM 216 N N   . GLU A 1 43  ? 0.700   8.822   -8.937  1.00 78.31  ? 55  GLU B N   1 
ATOM 217 C CA  . GLU A 1 43  ? 1.014   9.823   -7.944  1.00 82.00  ? 55  GLU B CA  1 
ATOM 218 C C   . GLU A 1 43  ? -0.272  10.542  -7.546  1.00 82.86  ? 55  GLU B C   1 
ATOM 219 O O   . GLU A 1 43  ? -1.227  10.568  -8.319  1.00 100.29 ? 55  GLU B O   1 
ATOM 220 C CB  . GLU A 1 43  ? 2.039   10.806  -8.498  1.00 83.39  ? 55  GLU B CB  1 
ATOM 221 C CG  . GLU A 1 43  ? 3.408   10.187  -8.684  1.00 86.84  ? 55  GLU B CG  1 
ATOM 222 C CD  . GLU A 1 43  ? 4.428   11.097  -9.345  1.00 94.72  ? 55  GLU B CD  1 
ATOM 223 O OE1 . GLU A 1 43  ? 4.125   12.308  -9.513  1.00 94.63  ? 55  GLU B OE1 1 
ATOM 224 O OE2 . GLU A 1 43  ? 5.522   10.588  -9.699  1.00 87.96  ? 55  GLU B OE2 1 
ATOM 225 N N   . SER A 1 44  ? -0.278  11.084  -6.326  1.00 85.49  ? 56  SER B N   1 
ATOM 226 C CA  . SER A 1 44  ? -1.365  11.917  -5.838  1.00 93.21  ? 56  SER B CA  1 
ATOM 227 C C   . SER A 1 44  ? -1.289  13.306  -6.486  1.00 94.49  ? 56  SER B C   1 
ATOM 228 O O   . SER A 1 44  ? -0.416  14.090  -6.170  1.00 89.20  ? 56  SER B O   1 
ATOM 229 C CB  . SER A 1 44  ? -1.345  12.006  -4.342  1.00 88.92  ? 56  SER B CB  1 
ATOM 230 O OG  . SER A 1 44  ? -1.843  10.804  -3.789  1.00 84.07  ? 56  SER B OG  1 
ATOM 231 N N   . SER A 1 45  ? -2.203  13.567  -7.423  1.00 105.93 ? 57  SER B N   1 
ATOM 232 C CA  . SER A 1 45  ? -2.291  14.835  -8.125  1.00 113.72 ? 57  SER B CA  1 
ATOM 233 C C   . SER A 1 45  ? -3.637  15.477  -7.787  1.00 122.51 ? 57  SER B C   1 
ATOM 234 O O   . SER A 1 45  ? -4.538  14.816  -7.267  1.00 127.01 ? 57  SER B O   1 
ATOM 235 C CB  . SER A 1 45  ? -2.135  14.675  -9.629  1.00 116.22 ? 57  SER B CB  1 
ATOM 236 O OG  . SER A 1 45  ? -1.325  13.558  -9.974  1.00 121.84 ? 57  SER B OG  1 
ATOM 237 N N   . GLU A 1 46  ? -3.757  16.766  -8.113  1.00 136.43 ? 58  GLU B N   1 
ATOM 238 C CA  . GLU A 1 46  ? -4.992  17.517  -7.961  1.00 132.45 ? 58  GLU B CA  1 
ATOM 239 C C   . GLU A 1 46  ? -5.961  17.057  -9.063  1.00 123.02 ? 58  GLU B C   1 
ATOM 240 O O   . GLU A 1 46  ? -7.141  16.837  -8.793  1.00 112.92 ? 58  GLU B O   1 
ATOM 241 C CB  . GLU A 1 46  ? -4.695  19.022  -7.979  1.00 138.30 ? 58  GLU B CB  1 
ATOM 242 C CG  . GLU A 1 46  ? -3.834  19.507  -6.809  1.00 142.60 ? 58  GLU B CG  1 
ATOM 243 C CD  . GLU A 1 46  ? -2.352  19.136  -6.821  1.00 147.46 ? 58  GLU B CD  1 
ATOM 244 O OE1 . GLU A 1 46  ? -1.797  18.881  -7.912  1.00 144.92 ? 58  GLU B OE1 1 
ATOM 245 O OE2 . GLU A 1 46  ? -1.748  19.100  -5.729  1.00 145.91 ? 58  GLU B OE2 1 
ATOM 246 N N   . GLU A 1 47  ? -5.432  16.866  -10.282 1.00 124.91 ? 59  GLU B N   1 
ATOM 247 C CA  . GLU A 1 47  ? -6.198  16.388  -11.456 1.00 137.76 ? 59  GLU B CA  1 
ATOM 248 C C   . GLU A 1 47  ? -6.426  14.873  -11.369 1.00 134.40 ? 59  GLU B C   1 
ATOM 249 O O   . GLU A 1 47  ? -7.582  14.401  -11.346 1.00 115.40 ? 59  GLU B O   1 
ATOM 250 C CB  . GLU A 1 47  ? -5.452  16.689  -12.761 1.00 151.94 ? 59  GLU B CB  1 
ATOM 251 C CG  . GLU A 1 47  ? -5.680  18.094  -13.299 1.00 156.62 ? 59  GLU B CG  1 
ATOM 252 C CD  . GLU A 1 47  ? -5.208  18.320  -14.728 1.00 152.36 ? 59  GLU B CD  1 
ATOM 253 O OE1 . GLU A 1 47  ? -4.586  17.402  -15.307 1.00 137.72 ? 59  GLU B OE1 1 
ATOM 254 O OE2 . GLU A 1 47  ? -5.467  19.416  -15.265 1.00 146.12 ? 59  GLU B OE2 1 
ATOM 255 N N   . SER A 1 48  ? -5.304  14.138  -11.364 1.00 126.61 ? 60  SER B N   1 
ATOM 256 C CA  . SER A 1 48  ? -5.231  12.667  -11.298 1.00 117.40 ? 60  SER B CA  1 
ATOM 257 C C   . SER A 1 48  ? -6.049  12.112  -10.118 1.00 107.60 ? 60  SER B C   1 
ATOM 258 O O   . SER A 1 48  ? -6.739  11.110  -10.273 1.00 104.78 ? 60  SER B O   1 
ATOM 259 C CB  . SER A 1 48  ? -3.789  12.222  -11.229 1.00 119.60 ? 60  SER B CB  1 
ATOM 260 O OG  . SER A 1 48  ? -3.616  10.941  -11.812 1.00 129.76 ? 60  SER B OG  1 
ATOM 261 N N   . GLY A 1 49  ? -5.976  12.772  -8.952  1.00 99.03  ? 61  GLY B N   1 
ATOM 262 C CA  . GLY A 1 49  ? -6.700  12.358  -7.734  1.00 98.36  ? 61  GLY B CA  1 
ATOM 263 C C   . GLY A 1 49  ? -5.759  11.687  -6.741  1.00 99.23  ? 61  GLY B C   1 
ATOM 264 O O   . GLY A 1 49  ? -4.649  11.263  -7.122  1.00 92.58  ? 61  GLY B O   1 
ATOM 265 N N   . SER A 1 50  ? -6.192  11.573  -5.477  1.00 83.98  ? 62  SER B N   1 
ATOM 266 C CA  . SER A 1 50  ? -5.285  11.150  -4.399  1.00 85.81  ? 62  SER B CA  1 
ATOM 267 C C   . SER A 1 50  ? -5.321  9.628   -4.177  1.00 78.92  ? 62  SER B C   1 
ATOM 268 O O   . SER A 1 50  ? -6.318  8.952   -4.437  1.00 79.63  ? 62  SER B O   1 
ATOM 269 C CB  . SER A 1 50  ? -5.562  11.894  -3.142  1.00 79.95  ? 62  SER B CB  1 
ATOM 270 O OG  . SER A 1 50  ? -6.915  11.754  -2.810  1.00 84.30  ? 62  SER B OG  1 
ATOM 271 N N   . LEU A 1 51  ? -4.172  9.106   -3.733  1.00 73.43  ? 63  LEU B N   1 
ATOM 272 C CA  . LEU A 1 51  ? -3.946  7.691   -3.554  1.00 65.75  ? 63  LEU B CA  1 
ATOM 273 C C   . LEU A 1 51  ? -4.214  7.343   -2.098  1.00 59.77  ? 63  LEU B C   1 
ATOM 274 O O   . LEU A 1 51  ? -3.733  7.998   -1.194  1.00 65.20  ? 63  LEU B O   1 
ATOM 275 C CB  . LEU A 1 51  ? -2.513  7.342   -3.946  1.00 67.65  ? 63  LEU B CB  1 
ATOM 276 C CG  . LEU A 1 51  ? -2.232  7.358   -5.443  1.00 72.25  ? 63  LEU B CG  1 
ATOM 277 C CD1 . LEU A 1 51  ? -0.739  7.417   -5.707  1.00 78.76  ? 63  LEU B CD1 1 
ATOM 278 C CD2 . LEU A 1 51  ? -2.842  6.139   -6.115  1.00 75.08  ? 63  LEU B CD2 1 
ATOM 279 N N   . VAL A 1 52  ? -5.033  6.316   -1.918  1.00 62.11  ? 64  VAL B N   1 
ATOM 280 C CA  . VAL A 1 52  ? -5.476  5.861   -0.651  1.00 63.18  ? 64  VAL B CA  1 
ATOM 281 C C   . VAL A 1 52  ? -5.266  4.353   -0.616  1.00 60.97  ? 64  VAL B C   1 
ATOM 282 O O   . VAL A 1 52  ? -5.611  3.664   -1.591  1.00 61.23  ? 64  VAL B O   1 
ATOM 283 C CB  . VAL A 1 52  ? -6.952  6.232   -0.440  1.00 65.54  ? 64  VAL B CB  1 
ATOM 284 C CG1 . VAL A 1 52  ? -7.487  5.718   0.885   1.00 67.55  ? 64  VAL B CG1 1 
ATOM 285 C CG2 . VAL A 1 52  ? -7.133  7.733   -0.551  1.00 70.93  ? 64  VAL B CG2 1 
ATOM 286 N N   . LEU A 1 53  ? -4.666  3.879   0.485   1.00 62.34  ? 65  LEU B N   1 
ATOM 287 C CA  . LEU A 1 53  ? -4.555  2.462   0.810   1.00 58.58  ? 65  LEU B CA  1 
ATOM 288 C C   . LEU A 1 53  ? -5.571  2.185   1.909   1.00 58.61  ? 65  LEU B C   1 
ATOM 289 O O   . LEU A 1 53  ? -5.578  2.867   2.937   1.00 61.56  ? 65  LEU B O   1 
ATOM 290 C CB  . LEU A 1 53  ? -3.131  2.154   1.277   1.00 64.46  ? 65  LEU B CB  1 
ATOM 291 C CG  . LEU A 1 53  ? -2.777  0.677   1.480   1.00 64.74  ? 65  LEU B CG  1 
ATOM 292 C CD1 . LEU A 1 53  ? -1.266  0.491   1.533   1.00 62.06  ? 65  LEU B CD1 1 
ATOM 293 C CD2 . LEU A 1 53  ? -3.426  0.106   2.735   1.00 60.60  ? 65  LEU B CD2 1 
ATOM 294 N N   . THR A 1 54  ? -6.427  1.195   1.670   1.00 55.82  ? 66  THR B N   1 
ATOM 295 C CA  . THR A 1 54  ? -7.544  0.923   2.541   1.00 56.60  ? 66  THR B CA  1 
ATOM 296 C C   . THR A 1 54  ? -7.434  -0.520  3.014   1.00 55.86  ? 66  THR B C   1 
ATOM 297 O O   . THR A 1 54  ? -7.241  -1.422  2.199   1.00 60.66  ? 66  THR B O   1 
ATOM 298 C CB  . THR A 1 54  ? -8.892  1.114   1.827   1.00 61.84  ? 66  THR B CB  1 
ATOM 299 O OG1 . THR A 1 54  ? -9.052  2.465   1.397   1.00 64.62  ? 66  THR B OG1 1 
ATOM 300 C CG2 . THR A 1 54  ? -10.071 0.795   2.717   1.00 63.61  ? 66  THR B CG2 1 
ATOM 301 N N   . ILE A 1 55  ? -7.579  -0.729  4.321   1.00 54.25  ? 67  ILE B N   1 
ATOM 302 C CA  . ILE A 1 55  ? -7.711  -2.064  4.829   1.00 57.66  ? 67  ILE B CA  1 
ATOM 303 C C   . ILE A 1 55  ? -9.012  -2.146  5.616   1.00 53.84  ? 67  ILE B C   1 
ATOM 304 O O   . ILE A 1 55  ? -9.202  -1.430  6.588   1.00 61.15  ? 67  ILE B O   1 
ATOM 305 C CB  . ILE A 1 55  ? -6.498  -2.516  5.667   1.00 58.44  ? 67  ILE B CB  1 
ATOM 306 C CG1 . ILE A 1 55  ? -5.210  -2.518  4.843   1.00 62.00  ? 67  ILE B CG1 1 
ATOM 307 C CG2 . ILE A 1 55  ? -6.775  -3.890  6.246   1.00 59.15  ? 67  ILE B CG2 1 
ATOM 308 C CD1 . ILE A 1 55  ? -3.942  -2.667  5.656   1.00 62.83  ? 67  ILE B CD1 1 
ATOM 309 N N   . VAL A 1 56  ? -9.864  -3.064  5.175   1.00 56.10  ? 68  VAL B N   1 
ATOM 310 C CA  . VAL A 1 56  ? -11.152 -3.324  5.740   1.00 61.74  ? 68  VAL B CA  1 
ATOM 311 C C   . VAL A 1 56  ? -10.976 -4.407  6.807   1.00 63.06  ? 68  VAL B C   1 
ATOM 312 O O   . VAL A 1 56  ? -10.178 -5.303  6.635   1.00 71.03  ? 68  VAL B O   1 
ATOM 313 C CB  . VAL A 1 56  ? -12.137 -3.766  4.644   1.00 62.60  ? 68  VAL B CB  1 
ATOM 314 C CG1 . VAL A 1 56  ? -13.549 -3.904  5.183   1.00 66.49  ? 68  VAL B CG1 1 
ATOM 315 C CG2 . VAL A 1 56  ? -12.100 -2.838  3.445   1.00 61.81  ? 68  VAL B CG2 1 
ATOM 316 N N   . VAL A 1 57  ? -11.763 -4.320  7.875   1.00 69.90  ? 69  VAL B N   1 
ATOM 317 C CA  . VAL A 1 57  ? -11.631 -5.169  9.050   1.00 74.59  ? 69  VAL B CA  1 
ATOM 318 C C   . VAL A 1 57  ? -11.791 -6.660  8.698   1.00 75.28  ? 69  VAL B C   1 
ATOM 319 O O   . VAL A 1 57  ? -11.221 -7.493  9.384   1.00 82.08  ? 69  VAL B O   1 
ATOM 320 C CB  . VAL A 1 57  ? -12.607 -4.714  10.156  1.00 83.48  ? 69  VAL B CB  1 
ATOM 321 C CG1 . VAL A 1 57  ? -12.800 -5.766  11.232  1.00 101.83 ? 69  VAL B CG1 1 
ATOM 322 C CG2 . VAL A 1 57  ? -12.154 -3.415  10.796  1.00 83.67  ? 69  VAL B CG2 1 
ATOM 323 N N   . SER A 1 58  ? -12.532 -7.029  7.645   1.00 81.71  ? 70  SER B N   1 
ATOM 324 C CA  . SER A 1 58  ? -12.607 -8.474  7.254   1.00 85.72  ? 70  SER B CA  1 
ATOM 325 C C   . SER A 1 58  ? -11.272 -8.964  6.660   1.00 82.91  ? 70  SER B C   1 
ATOM 326 O O   . SER A 1 58  ? -11.103 -10.159 6.458   1.00 86.38  ? 70  SER B O   1 
ATOM 327 C CB  . SER A 1 58  ? -13.763 -8.754  6.310   1.00 85.05  ? 70  SER B CB  1 
ATOM 328 O OG  . SER A 1 58  ? -13.705 -7.909  5.173   1.00 106.26 ? 70  SER B OG  1 
ATOM 329 N N   . GLY A 1 59  ? -10.353 -8.032  6.347   1.00 83.52  ? 71  GLY B N   1 
ATOM 330 C CA  . GLY A 1 59  ? -8.990  -8.304  5.851   1.00 70.93  ? 71  GLY B CA  1 
ATOM 331 C C   . GLY A 1 59  ? -8.796  -7.985  4.366   1.00 70.56  ? 71  GLY B C   1 
ATOM 332 O O   . GLY A 1 59  ? -7.840  -8.467  3.739   1.00 71.72  ? 71  GLY B O   1 
ATOM 333 N N   . HIS A 1 60  ? -9.671  -7.163  3.778   1.00 65.87  ? 72  HIS B N   1 
ATOM 334 C CA  . HIS A 1 60  ? -9.533  -6.807  2.369   1.00 63.98  ? 72  HIS B CA  1 
ATOM 335 C C   . HIS A 1 60  ? -8.652  -5.564  2.249   1.00 61.60  ? 72  HIS B C   1 
ATOM 336 O O   . HIS A 1 60  ? -8.731  -4.661  3.055   1.00 64.84  ? 72  HIS B O   1 
ATOM 337 C CB  . HIS A 1 60  ? -10.899 -6.645  1.695   1.00 64.01  ? 72  HIS B CB  1 
ATOM 338 C CG  . HIS A 1 60  ? -11.571 -7.957  1.517   1.00 78.60  ? 72  HIS B CG  1 
ATOM 339 N ND1 . HIS A 1 60  ? -11.460 -8.703  0.344   1.00 76.20  ? 72  HIS B ND1 1 
ATOM 340 C CD2 . HIS A 1 60  ? -12.293 -8.694  2.389   1.00 76.09  ? 72  HIS B CD2 1 
ATOM 341 C CE1 . HIS A 1 60  ? -12.109 -9.840  0.508   1.00 83.20  ? 72  HIS B CE1 1 
ATOM 342 N NE2 . HIS A 1 60  ? -12.638 -9.851  1.749   1.00 90.29  ? 72  HIS B NE2 1 
ATOM 343 N N   . PHE A 1 61  ? -7.819  -5.568  1.212   1.00 60.60  ? 73  PHE B N   1 
ATOM 344 C CA  . PHE A 1 61  ? -6.804  -4.589  0.983   1.00 57.09  ? 73  PHE B CA  1 
ATOM 345 C C   . PHE A 1 61  ? -7.091  -3.943  -0.364  1.00 56.22  ? 73  PHE B C   1 
ATOM 346 O O   . PHE A 1 61  ? -7.260  -4.645  -1.352  1.00 56.57  ? 73  PHE B O   1 
ATOM 347 C CB  . PHE A 1 61  ? -5.440  -5.274  0.982   1.00 57.75  ? 73  PHE B CB  1 
ATOM 348 C CG  . PHE A 1 61  ? -4.286  -4.384  0.609   1.00 61.24  ? 73  PHE B CG  1 
ATOM 349 C CD1 . PHE A 1 61  ? -4.065  -4.031  -0.709  1.00 59.09  ? 73  PHE B CD1 1 
ATOM 350 C CD2 . PHE A 1 61  ? -3.410  -3.919  1.576   1.00 62.05  ? 73  PHE B CD2 1 
ATOM 351 C CE1 . PHE A 1 61  ? -3.016  -3.202  -1.054  1.00 60.97  ? 73  PHE B CE1 1 
ATOM 352 C CE2 . PHE A 1 61  ? -2.353  -3.100  1.227   1.00 64.71  ? 73  PHE B CE2 1 
ATOM 353 C CZ  . PHE A 1 61  ? -2.156  -2.746  -0.087  1.00 67.97  ? 73  PHE B CZ  1 
ATOM 354 N N   . PHE A 1 62  ? -7.157  -2.613  -0.376  1.00 56.22  ? 74  PHE B N   1 
ATOM 355 C CA  . PHE A 1 62  ? -7.323  -1.876  -1.597  1.00 57.08  ? 74  PHE B CA  1 
ATOM 356 C C   . PHE A 1 62  ? -6.339  -0.712  -1.649  1.00 56.30  ? 74  PHE B C   1 
ATOM 357 O O   . PHE A 1 62  ? -5.974  -0.131  -0.603  1.00 54.53  ? 74  PHE B O   1 
ATOM 358 C CB  . PHE A 1 62  ? -8.737  -1.314  -1.706  1.00 60.16  ? 74  PHE B CB  1 
ATOM 359 C CG  . PHE A 1 62  ? -9.815  -2.360  -1.658  1.00 56.62  ? 74  PHE B CG  1 
ATOM 360 C CD1 . PHE A 1 62  ? -10.164 -3.055  -2.797  1.00 56.58  ? 74  PHE B CD1 1 
ATOM 361 C CD2 . PHE A 1 62  ? -10.460 -2.652  -0.474  1.00 54.99  ? 74  PHE B CD2 1 
ATOM 362 C CE1 . PHE A 1 62  ? -11.135 -4.033  -2.744  1.00 59.85  ? 74  PHE B CE1 1 
ATOM 363 C CE2 . PHE A 1 62  ? -11.442 -3.619  -0.429  1.00 57.41  ? 74  PHE B CE2 1 
ATOM 364 C CZ  . PHE A 1 62  ? -11.774 -4.313  -1.559  1.00 58.29  ? 74  PHE B CZ  1 
ATOM 365 N N   . ILE A 1 63  ? -5.933  -0.393  -2.877  1.00 54.96  ? 75  ILE B N   1 
ATOM 366 C CA  . ILE A 1 63  ? -5.388  0.902   -3.214  1.00 61.20  ? 75  ILE B CA  1 
ATOM 367 C C   . ILE A 1 63  ? -6.316  1.534   -4.246  1.00 61.72  ? 75  ILE B C   1 
ATOM 368 O O   . ILE A 1 63  ? -6.745  0.877   -5.194  1.00 64.67  ? 75  ILE B O   1 
ATOM 369 C CB  . ILE A 1 63  ? -3.959  0.786   -3.751  1.00 62.16  ? 75  ILE B CB  1 
ATOM 370 C CG1 . ILE A 1 63  ? -3.000  0.345   -2.647  1.00 63.61  ? 75  ILE B CG1 1 
ATOM 371 C CG2 . ILE A 1 63  ? -3.527  2.095   -4.391  1.00 64.65  ? 75  ILE B CG2 1 
ATOM 372 C CD1 . ILE A 1 63  ? -1.799  -0.363  -3.176  1.00 71.42  ? 75  ILE B CD1 1 
ATOM 373 N N   . SER A 1 64  ? -6.633  2.806   -4.039  1.00 63.04  ? 76  SER B N   1 
ATOM 374 C CA  . SER A 1 64  ? -7.504  3.481   -4.937  1.00 67.76  ? 76  SER B CA  1 
ATOM 375 C C   . SER A 1 64  ? -6.969  4.886   -5.201  1.00 72.94  ? 76  SER B C   1 
ATOM 376 O O   . SER A 1 64  ? -6.359  5.494   -4.341  1.00 78.59  ? 76  SER B O   1 
ATOM 377 C CB  . SER A 1 64  ? -8.918  3.473   -4.418  1.00 66.94  ? 76  SER B CB  1 
ATOM 378 O OG  . SER A 1 64  ? -9.027  4.199   -3.211  1.00 70.37  ? 76  SER B OG  1 
ATOM 379 N N   . GLN A 1 65  ? -7.173  5.341   -6.439  1.00 81.12  ? 77  GLN B N   1 
ATOM 380 C CA  . GLN A 1 65  ? -6.899  6.694   -6.888  1.00 83.03  ? 77  GLN B CA  1 
ATOM 381 C C   . GLN A 1 65  ? -8.238  7.296   -7.321  1.00 88.50  ? 77  GLN B C   1 
ATOM 382 O O   . GLN A 1 65  ? -8.861  6.834   -8.290  1.00 87.19  ? 77  GLN B O   1 
ATOM 383 C CB  . GLN A 1 65  ? -5.885  6.655   -8.028  1.00 81.83  ? 77  GLN B CB  1 
ATOM 384 C CG  . GLN A 1 65  ? -5.363  8.018   -8.463  1.00 81.00  ? 77  GLN B CG  1 
ATOM 385 C CD  . GLN A 1 65  ? -4.538  7.881   -9.722  1.00 88.13  ? 77  GLN B CD  1 
ATOM 386 O OE1 . GLN A 1 65  ? -4.968  7.280   -10.717 1.00 86.67  ? 77  GLN B OE1 1 
ATOM 387 N NE2 . GLN A 1 65  ? -3.336  8.439   -9.682  1.00 93.32  ? 77  GLN B NE2 1 
ATOM 388 N N   . GLY A 1 66  ? -8.688  8.299   -6.566  1.00 94.01  ? 78  GLY B N   1 
ATOM 389 C CA  . GLY A 1 66  ? -10.067 8.728   -6.606  1.00 92.18  ? 78  GLY B CA  1 
ATOM 390 C C   . GLY A 1 66  ? -10.984 7.547   -6.369  1.00 98.73  ? 78  GLY B C   1 
ATOM 391 O O   . GLY A 1 66  ? -11.073 7.036   -5.248  1.00 110.37 ? 78  GLY B O   1 
ATOM 392 N N   . GLN A 1 67  ? -11.614 7.078   -7.447  1.00 100.49 ? 79  GLN B N   1 
ATOM 393 C CA  . GLN A 1 67  ? -12.651 6.065   -7.354  1.00 108.02 ? 79  GLN B CA  1 
ATOM 394 C C   . GLN A 1 67  ? -12.275 4.803   -8.138  1.00 96.73  ? 79  GLN B C   1 
ATOM 395 O O   . GLN A 1 67  ? -12.961 3.785   -7.998  1.00 101.17 ? 79  GLN B O   1 
ATOM 396 C CB  . GLN A 1 67  ? -13.978 6.671   -7.812  1.00 120.63 ? 79  GLN B CB  1 
ATOM 397 C CG  . GLN A 1 67  ? -14.396 7.852   -6.947  1.00 129.91 ? 79  GLN B CG  1 
ATOM 398 C CD  . GLN A 1 67  ? -15.892 8.042   -6.932  1.00 132.89 ? 79  GLN B CD  1 
ATOM 399 O OE1 . GLN A 1 67  ? -16.546 7.973   -7.971  1.00 157.46 ? 79  GLN B OE1 1 
ATOM 400 N NE2 . GLN A 1 67  ? -16.441 8.258   -5.743  1.00 123.28 ? 79  GLN B NE2 1 
ATOM 401 N N   . THR A 1 68  ? -11.182 4.854   -8.914  1.00 83.68  ? 80  THR B N   1 
ATOM 402 C CA  . THR A 1 68  ? -10.663 3.659   -9.586  1.00 86.72  ? 80  THR B CA  1 
ATOM 403 C C   . THR A 1 68  ? -9.878  2.829   -8.555  1.00 76.83  ? 80  THR B C   1 
ATOM 404 O O   . THR A 1 68  ? -9.129  3.362   -7.739  1.00 71.52  ? 80  THR B O   1 
ATOM 405 C CB  . THR A 1 68  ? -9.856  4.003   -10.850 1.00 86.94  ? 80  THR B CB  1 
ATOM 406 O OG1 . THR A 1 68  ? -8.484  4.126   -10.489 1.00 110.17 ? 80  THR B OG1 1 
ATOM 407 C CG2 . THR A 1 68  ? -10.312 5.271   -11.545 1.00 86.84  ? 80  THR B CG2 1 
ATOM 408 N N   . LEU A 1 69  ? -10.105 1.515   -8.573  1.00 73.79  ? 81  LEU B N   1 
ATOM 409 C CA  . LEU A 1 69  ? -9.427  0.576   -7.714  1.00 74.56  ? 81  LEU B CA  1 
ATOM 410 C C   . LEU A 1 69  ? -8.237  -0.002  -8.484  1.00 74.21  ? 81  LEU B C   1 
ATOM 411 O O   . LEU A 1 69  ? -8.404  -0.700  -9.477  1.00 75.95  ? 81  LEU B O   1 
ATOM 412 C CB  . LEU A 1 69  ? -10.394 -0.532  -7.293  1.00 74.52  ? 81  LEU B CB  1 
ATOM 413 C CG  . LEU A 1 69  ? -11.500 -0.126  -6.328  1.00 76.02  ? 81  LEU B CG  1 
ATOM 414 C CD1 . LEU A 1 69  ? -12.395 -1.317  -6.040  1.00 83.91  ? 81  LEU B CD1 1 
ATOM 415 C CD2 . LEU A 1 69  ? -10.931 0.433   -5.035  1.00 78.68  ? 81  LEU B CD2 1 
ATOM 416 N N   . LEU A 1 70  ? -7.040  0.321   -8.000  1.00 71.59  ? 82  LEU B N   1 
ATOM 417 C CA  . LEU A 1 70  ? -5.812  -0.083  -8.598  1.00 65.78  ? 82  LEU B CA  1 
ATOM 418 C C   . LEU A 1 70  ? -5.394  -1.450  -8.053  1.00 62.28  ? 82  LEU B C   1 
ATOM 419 O O   . LEU A 1 70  ? -4.666  -2.171  -8.696  1.00 63.18  ? 82  LEU B O   1 
ATOM 420 C CB  . LEU A 1 70  ? -4.765  0.984   -8.277  1.00 69.08  ? 82  LEU B CB  1 
ATOM 421 C CG  . LEU A 1 70  ? -5.099  2.390   -8.774  1.00 73.86  ? 82  LEU B CG  1 
ATOM 422 C CD1 . LEU A 1 70  ? -3.978  3.358   -8.418  1.00 75.28  ? 82  LEU B CD1 1 
ATOM 423 C CD2 . LEU A 1 70  ? -5.342  2.396   -10.280 1.00 69.49  ? 82  LEU B CD2 1 
ATOM 424 N N   . GLU A 1 71  ? -5.829  -1.788  -6.842  1.00 64.54  ? 83  GLU B N   1 
ATOM 425 C CA  . GLU A 1 71  ? -5.419  -3.036  -6.238  1.00 66.47  ? 83  GLU B CA  1 
ATOM 426 C C   . GLU A 1 71  ? -6.539  -3.492  -5.309  1.00 61.74  ? 83  GLU B C   1 
ATOM 427 O O   . GLU A 1 71  ? -7.201  -2.657  -4.702  1.00 67.18  ? 83  GLU B O   1 
ATOM 428 C CB  . GLU A 1 71  ? -4.075  -2.856  -5.522  1.00 69.61  ? 83  GLU B CB  1 
ATOM 429 C CG  . GLU A 1 71  ? -3.157  -4.055  -5.665  1.00 74.08  ? 83  GLU B CG  1 
ATOM 430 C CD  . GLU A 1 71  ? -2.308  -4.114  -6.923  1.00 77.79  ? 83  GLU B CD  1 
ATOM 431 O OE1 . GLU A 1 71  ? -2.026  -3.059  -7.516  1.00 84.53  ? 83  GLU B OE1 1 
ATOM 432 O OE2 . GLU A 1 71  ? -1.915  -5.229  -7.301  1.00 94.41  ? 83  GLU B OE2 1 
ATOM 433 N N   . GLY A 1 72  ? -6.762  -4.807  -5.238  1.00 60.76  ? 84  GLY B N   1 
ATOM 434 C CA  . GLY A 1 72  ? -7.856  -5.338  -4.424  1.00 63.89  ? 84  GLY B CA  1 
ATOM 435 C C   . GLY A 1 72  ? -7.771  -6.836  -4.224  1.00 61.28  ? 84  GLY B C   1 
ATOM 436 O O   . GLY A 1 72  ? -8.005  -7.605  -5.148  1.00 67.65  ? 84  GLY B O   1 
ATOM 437 N N   . PHE A 1 73  ? -7.454  -7.252  -2.996  1.00 63.81  ? 85  PHE B N   1 
ATOM 438 C CA  . PHE A 1 73  ? -7.331  -8.663  -2.695  1.00 62.04  ? 85  PHE B CA  1 
ATOM 439 C C   . PHE A 1 73  ? -7.496  -8.900  -1.190  1.00 65.75  ? 85  PHE B C   1 
ATOM 440 O O   . PHE A 1 73  ? -7.498  -7.962  -0.394  1.00 62.96  ? 85  PHE B O   1 
ATOM 441 C CB  . PHE A 1 73  ? -6.001  -9.184  -3.231  1.00 64.99  ? 85  PHE B CB  1 
ATOM 442 C CG  . PHE A 1 73  ? -4.786  -8.459  -2.715  1.00 68.89  ? 85  PHE B CG  1 
ATOM 443 C CD1 . PHE A 1 73  ? -4.259  -8.754  -1.473  1.00 64.44  ? 85  PHE B CD1 1 
ATOM 444 C CD2 . PHE A 1 73  ? -4.166  -7.484  -3.476  1.00 70.92  ? 85  PHE B CD2 1 
ATOM 445 C CE1 . PHE A 1 73  ? -3.136  -8.096  -1.002  1.00 65.54  ? 85  PHE B CE1 1 
ATOM 446 C CE2 . PHE A 1 73  ? -3.051  -6.815  -2.996  1.00 74.70  ? 85  PHE B CE2 1 
ATOM 447 C CZ  . PHE A 1 73  ? -2.536  -7.126  -1.760  1.00 66.59  ? 85  PHE B CZ  1 
ATOM 448 N N   . SER A 1 74  ? -7.676  -10.175 -0.827  1.00 69.61  ? 86  SER B N   1 
ATOM 449 C CA  . SER A 1 74  ? -7.831  -10.579 0.556   1.00 70.60  ? 86  SER B CA  1 
ATOM 450 C C   . SER A 1 74  ? -6.452  -10.789 1.175   1.00 65.65  ? 86  SER B C   1 
ATOM 451 O O   . SER A 1 74  ? -5.576  -11.334 0.537   1.00 71.57  ? 86  SER B O   1 
ATOM 452 C CB  . SER A 1 74  ? -8.664  -11.830 0.690   1.00 71.89  ? 86  SER B CB  1 
ATOM 453 O OG  . SER A 1 74  ? -8.775  -12.220 2.060   1.00 74.35  ? 86  SER B OG  1 
ATOM 454 N N   . LEU A 1 75  ? -6.304  -10.369 2.432   1.00 70.76  ? 87  LEU B N   1 
ATOM 455 C CA  . LEU A 1 75  ? -5.106  -10.626 3.208   1.00 73.13  ? 87  LEU B CA  1 
ATOM 456 C C   . LEU A 1 75  ? -5.220  -11.966 3.952   1.00 77.87  ? 87  LEU B C   1 
ATOM 457 O O   . LEU A 1 75  ? -4.210  -12.504 4.387   1.00 81.01  ? 87  LEU B O   1 
ATOM 458 C CB  . LEU A 1 75  ? -4.907  -9.482  4.203   1.00 68.02  ? 87  LEU B CB  1 
ATOM 459 C CG  . LEU A 1 75  ? -4.442  -8.156  3.614   1.00 70.08  ? 87  LEU B CG  1 
ATOM 460 C CD1 . LEU A 1 75  ? -4.315  -7.097  4.702   1.00 67.76  ? 87  LEU B CD1 1 
ATOM 461 C CD2 . LEU A 1 75  ? -3.111  -8.319  2.895   1.00 74.50  ? 87  LEU B CD2 1 
ATOM 462 N N   . ILE A 1 76  ? -6.445  -12.476 4.138   1.00 79.07  ? 88  ILE B N   1 
ATOM 463 C CA  . ILE A 1 76  ? -6.672  -13.774 4.780   1.00 78.87  ? 88  ILE B CA  1 
ATOM 464 C C   . ILE A 1 76  ? -6.000  -14.865 3.931   1.00 80.78  ? 88  ILE B C   1 
ATOM 465 O O   . ILE A 1 76  ? -6.225  -14.957 2.710   1.00 75.37  ? 88  ILE B O   1 
ATOM 466 C CB  . ILE A 1 76  ? -8.176  -14.054 4.971   1.00 81.62  ? 88  ILE B CB  1 
ATOM 467 C CG1 . ILE A 1 76  ? -8.779  -13.222 6.105   1.00 90.22  ? 88  ILE B CG1 1 
ATOM 468 C CG2 . ILE A 1 76  ? -8.435  -15.541 5.177   1.00 82.61  ? 88  ILE B CG2 1 
ATOM 469 C CD1 . ILE A 1 76  ? -10.302 -13.157 6.063   1.00 94.19  ? 88  ILE B CD1 1 
ATOM 470 N N   . GLY A 1 77  ? -5.171  -15.678 4.595   1.00 77.75  ? 89  GLY B N   1 
ATOM 471 C CA  . GLY A 1 77  ? -4.433  -16.769 3.971   1.00 82.28  ? 89  GLY B CA  1 
ATOM 472 C C   . GLY A 1 77  ? -3.396  -16.293 2.969   1.00 82.11  ? 89  GLY B C   1 
ATOM 473 O O   . GLY A 1 77  ? -3.032  -17.047 2.066   1.00 88.20  ? 89  GLY B O   1 
ATOM 474 N N   . SER A 1 78  ? -2.904  -15.059 3.142   1.00 82.91  ? 90  SER B N   1 
ATOM 475 C CA  . SER A 1 78  ? -1.920  -14.457 2.237   1.00 84.64  ? 90  SER B CA  1 
ATOM 476 C C   . SER A 1 78  ? -0.496  -14.850 2.656   1.00 82.18  ? 90  SER B C   1 
ATOM 477 O O   . SER A 1 78  ? 0.436   -14.690 1.879   1.00 92.10  ? 90  SER B O   1 
ATOM 478 C CB  . SER A 1 78  ? -2.108  -12.942 2.112   1.00 90.28  ? 90  SER B CB  1 
ATOM 479 O OG  . SER A 1 78  ? -1.824  -12.248 3.327   1.00 77.85  ? 90  SER B OG  1 
ATOM 480 N N   . LYS A 1 79  ? -0.345  -15.410 3.863   1.00 93.82  ? 91  LYS B N   1 
ATOM 481 C CA  . LYS A 1 79  ? 0.924   -16.034 4.310   1.00 102.93 ? 91  LYS B CA  1 
ATOM 482 C C   . LYS A 1 79  ? 1.473   -16.974 3.230   1.00 95.08  ? 91  LYS B C   1 
ATOM 483 O O   . LYS A 1 79  ? 2.673   -17.055 3.024   1.00 95.57  ? 91  LYS B O   1 
ATOM 484 C CB  . LYS A 1 79  ? 0.720   -16.769 5.639   1.00 112.33 ? 91  LYS B CB  1 
ATOM 485 C CG  . LYS A 1 79  ? 0.538   -15.825 6.820   1.00 134.48 ? 91  LYS B CG  1 
ATOM 486 C CD  . LYS A 1 79  ? 0.488   -16.459 8.197   1.00 144.43 ? 91  LYS B CD  1 
ATOM 487 C CE  . LYS A 1 79  ? 0.374   -15.402 9.281   1.00 143.43 ? 91  LYS B CE  1 
ATOM 488 N NZ  . LYS A 1 79  ? 0.007   -15.973 10.595  1.00 143.93 ? 91  LYS B NZ  1 
ATOM 489 N N   . ASN A 1 80  ? 0.577   -17.652 2.513   1.00 95.16  ? 92  ASN B N   1 
ATOM 490 C CA  . ASN A 1 80  ? 0.955   -18.701 1.586   1.00 102.08 ? 92  ASN B CA  1 
ATOM 491 C C   . ASN A 1 80  ? 1.568   -18.090 0.316   1.00 100.69 ? 92  ASN B C   1 
ATOM 492 O O   . ASN A 1 80  ? 2.534   -18.633 -0.205  1.00 122.35 ? 92  ASN B O   1 
ATOM 493 C CB  . ASN A 1 80  ? -0.227  -19.646 1.336   1.00 112.29 ? 92  ASN B CB  1 
ATOM 494 C CG  . ASN A 1 80  ? -0.830  -20.183 2.624   1.00 113.36 ? 92  ASN B CG  1 
ATOM 495 O OD1 . ASN A 1 80  ? -0.109  -20.479 3.574   1.00 117.31 ? 92  ASN B OD1 1 
ATOM 496 N ND2 . ASN A 1 80  ? -2.149  -20.298 2.682   1.00 99.30  ? 92  ASN B ND2 1 
ATOM 497 N N   . TRP A 1 81  ? 1.049   -16.949 -0.153  1.00 96.49  ? 93  TRP B N   1 
ATOM 498 C CA  . TRP A 1 81  ? 1.366   -16.454 -1.509  1.00 86.81  ? 93  TRP B CA  1 
ATOM 499 C C   . TRP A 1 81  ? 1.935   -15.023 -1.526  1.00 86.52  ? 93  TRP B C   1 
ATOM 500 O O   . TRP A 1 81  ? 2.437   -14.599 -2.582  1.00 79.79  ? 93  TRP B O   1 
ATOM 501 C CB  . TRP A 1 81  ? 0.116   -16.551 -2.391  1.00 93.21  ? 93  TRP B CB  1 
ATOM 502 C CG  . TRP A 1 81  ? -1.015  -15.695 -1.912  1.00 97.03  ? 93  TRP B CG  1 
ATOM 503 C CD1 . TRP A 1 81  ? -2.012  -16.049 -1.049  1.00 98.87  ? 93  TRP B CD1 1 
ATOM 504 C CD2 . TRP A 1 81  ? -1.248  -14.320 -2.259  1.00 96.60  ? 93  TRP B CD2 1 
ATOM 505 N NE1 . TRP A 1 81  ? -2.854  -14.991 -0.835  1.00 99.63  ? 93  TRP B NE1 1 
ATOM 506 C CE2 . TRP A 1 81  ? -2.410  -13.918 -1.564  1.00 99.04  ? 93  TRP B CE2 1 
ATOM 507 C CE3 . TRP A 1 81  ? -0.595  -13.400 -3.091  1.00 97.50  ? 93  TRP B CE3 1 
ATOM 508 C CZ2 . TRP A 1 81  ? -2.932  -12.630 -1.681  1.00 92.44  ? 93  TRP B CZ2 1 
ATOM 509 C CZ3 . TRP A 1 81  ? -1.107  -12.127 -3.202  1.00 93.61  ? 93  TRP B CZ3 1 
ATOM 510 C CH2 . TRP A 1 81  ? -2.260  -11.753 -2.505  1.00 97.52  ? 93  TRP B CH2 1 
ATOM 511 N N   . LEU A 1 82  ? 1.854   -14.283 -0.403  1.00 76.62  ? 94  LEU B N   1 
ATOM 512 C CA  . LEU A 1 82  ? 2.166   -12.843 -0.379  1.00 72.25  ? 94  LEU B CA  1 
ATOM 513 C C   . LEU A 1 82  ? 3.339   -12.541 0.560   1.00 70.70  ? 94  LEU B C   1 
ATOM 514 O O   . LEU A 1 82  ? 3.343   -12.936 1.721   1.00 78.67  ? 94  LEU B O   1 
ATOM 515 C CB  . LEU A 1 82  ? 0.934   -12.050 0.066   1.00 75.33  ? 94  LEU B CB  1 
ATOM 516 C CG  . LEU A 1 82  ? 1.164   -10.554 0.295   1.00 75.00  ? 94  LEU B CG  1 
ATOM 517 C CD1 . LEU A 1 82  ? 1.252   -9.811  -1.022  1.00 71.68  ? 94  LEU B CD1 1 
ATOM 518 C CD2 . LEU A 1 82  ? 0.072   -9.956  1.168   1.00 75.82  ? 94  LEU B CD2 1 
ATOM 519 N N   . LYS A 1 83  ? 4.257   -11.730 0.036   1.00 68.91  ? 95  LYS B N   1 
ATOM 520 C CA  . LYS A 1 83  ? 5.464   -11.264 0.675   1.00 68.44  ? 95  LYS B CA  1 
ATOM 521 C C   . LYS A 1 83  ? 5.415   -9.728  0.718   1.00 65.25  ? 95  LYS B C   1 
ATOM 522 O O   . LYS A 1 83  ? 5.204   -9.074  -0.306  1.00 67.41  ? 95  LYS B O   1 
ATOM 523 C CB  . LYS A 1 83  ? 6.661   -11.797 -0.123  1.00 71.63  ? 95  LYS B CB  1 
ATOM 524 C CG  . LYS A 1 83  ? 7.968   -11.037 0.046   1.00 88.26  ? 95  LYS B CG  1 
ATOM 525 C CD  . LYS A 1 83  ? 9.173   -11.700 -0.597  1.00 94.74  ? 95  LYS B CD  1 
ATOM 526 C CE  . LYS A 1 83  ? 10.465  -11.292 0.083   1.00 106.88 ? 95  LYS B CE  1 
ATOM 527 N NZ  . LYS A 1 83  ? 11.594  -12.177 -0.279  1.00 114.72 ? 95  LYS B NZ  1 
ATOM 528 N N   . ILE A 1 84  ? 5.611   -9.152  1.904   1.00 63.74  ? 96  ILE B N   1 
ATOM 529 C CA  . ILE A 1 84  ? 5.694   -7.717  2.076   1.00 63.76  ? 96  ILE B CA  1 
ATOM 530 C C   . ILE A 1 84  ? 7.050   -7.369  2.688   1.00 62.02  ? 96  ILE B C   1 
ATOM 531 O O   . ILE A 1 84  ? 7.428   -7.965  3.673   1.00 61.20  ? 96  ILE B O   1 
ATOM 532 C CB  . ILE A 1 84  ? 4.549   -7.178  2.957   1.00 68.34  ? 96  ILE B CB  1 
ATOM 533 C CG1 . ILE A 1 84  ? 3.174   -7.519  2.383   1.00 68.17  ? 96  ILE B CG1 1 
ATOM 534 C CG2 . ILE A 1 84  ? 4.703   -5.673  3.163   1.00 69.67  ? 96  ILE B CG2 1 
ATOM 535 C CD1 . ILE A 1 84  ? 2.030   -7.169  3.303   1.00 68.78  ? 96  ILE B CD1 1 
ATOM 536 N N   . VAL A 1 85  ? 7.706   -6.334  2.143   1.00 62.29  ? 97  VAL B N   1 
ATOM 537 C CA  . VAL A 1 85  ? 8.945   -5.801  2.680   1.00 63.25  ? 97  VAL B CA  1 
ATOM 538 C C   . VAL A 1 85  ? 8.833   -4.279  2.845   1.00 66.07  ? 97  VAL B C   1 
ATOM 539 O O   . VAL A 1 85  ? 8.385   -3.582  1.951   1.00 76.55  ? 97  VAL B O   1 
ATOM 540 C CB  . VAL A 1 85  ? 10.119  -6.187  1.765   1.00 66.28  ? 97  VAL B CB  1 
ATOM 541 C CG1 . VAL A 1 85  ? 11.451  -5.628  2.248   1.00 66.18  ? 97  VAL B CG1 1 
ATOM 542 C CG2 . VAL A 1 85  ? 10.194  -7.696  1.607   1.00 70.48  ? 97  VAL B CG2 1 
ATOM 543 N N   . ARG A 1 86  ? 9.285   -3.772  3.998   1.00 66.38  ? 98  ARG B N   1 
ATOM 544 C CA  . ARG A 1 86  ? 9.318   -2.346  4.290   1.00 63.60  ? 98  ARG B CA  1 
ATOM 545 C C   . ARG A 1 86  ? 10.760  -1.819  4.202   1.00 69.38  ? 98  ARG B C   1 
ATOM 546 O O   . ARG A 1 86  ? 11.633  -2.354  4.854   1.00 77.12  ? 98  ARG B O   1 
ATOM 547 C CB  . ARG A 1 86  ? 8.772   -2.089  5.698   1.00 61.94  ? 98  ARG B CB  1 
ATOM 548 C CG  . ARG A 1 86  ? 8.714   -0.611  6.055   1.00 61.75  ? 98  ARG B CG  1 
ATOM 549 C CD  . ARG A 1 86  ? 8.302   -0.317  7.475   1.00 57.55  ? 98  ARG B CD  1 
ATOM 550 N NE  . ARG A 1 86  ? 9.375   -0.606  8.399   1.00 68.81  ? 98  ARG B NE  1 
ATOM 551 C CZ  . ARG A 1 86  ? 10.379  0.211   8.698   1.00 68.74  ? 98  ARG B CZ  1 
ATOM 552 N NH1 . ARG A 1 86  ? 10.544  1.339   8.029   1.00 67.33  ? 98  ARG B NH1 1 
ATOM 553 N NH2 . ARG A 1 86  ? 11.202  -0.104  9.686   1.00 69.02  ? 98  ARG B NH2 1 
ATOM 554 N N   . ARG A 1 87  ? 10.980  -0.782  3.382   1.00 69.05  ? 99  ARG B N   1 
ATOM 555 C CA  . ARG A 1 87  ? 12.160  0.053   3.401   1.00 67.85  ? 99  ARG B CA  1 
ATOM 556 C C   . ARG A 1 87  ? 11.724  1.475   3.758   1.00 70.87  ? 99  ARG B C   1 
ATOM 557 O O   . ARG A 1 87  ? 11.172  2.163   2.923   1.00 72.30  ? 99  ARG B O   1 
ATOM 558 C CB  . ARG A 1 87  ? 12.842  0.139   2.032   1.00 83.50  ? 99  ARG B CB  1 
ATOM 559 C CG  . ARG A 1 87  ? 13.483  -1.144  1.528   1.00 103.03 ? 99  ARG B CG  1 
ATOM 560 C CD  . ARG A 1 87  ? 13.952  -1.040  0.082   1.00 106.33 ? 99  ARG B CD  1 
ATOM 561 N NE  . ARG A 1 87  ? 14.246  -2.344  -0.514  1.00 115.09 ? 99  ARG B NE  1 
ATOM 562 C CZ  . ARG A 1 87  ? 15.399  -2.997  -0.383  1.00 116.90 ? 99  ARG B CZ  1 
ATOM 563 N NH1 . ARG A 1 87  ? 15.594  -4.134  -1.034  1.00 114.55 ? 99  ARG B NH1 1 
ATOM 564 N NH2 . ARG A 1 87  ? 16.352  -2.511  0.397   1.00 103.16 ? 99  ARG B NH2 1 
ATOM 565 N N   . MET A 1 88  ? 11.997  1.895   4.996   1.00 74.90  ? 100 MET B N   1 
ATOM 566 C CA  . MET A 1 88  ? 11.676  3.220   5.511   1.00 72.99  ? 100 MET B CA  1 
ATOM 567 C C   . MET A 1 88  ? 10.168  3.477   5.370   1.00 74.20  ? 100 MET B C   1 
ATOM 568 O O   . MET A 1 88  ? 9.374   2.819   6.031   1.00 71.58  ? 100 MET B O   1 
ATOM 569 C CB  . MET A 1 88  ? 12.505  4.294   4.801   1.00 77.97  ? 100 MET B CB  1 
ATOM 570 C CG  . MET A 1 88  ? 13.893  4.459   5.396   1.00 87.04  ? 100 MET B CG  1 
ATOM 571 S SD  . MET A 1 88  ? 15.093  5.069   4.180   1.00 105.94 ? 100 MET B SD  1 
ATOM 572 C CE  . MET A 1 88  ? 14.384  6.657   3.734   1.00 100.94 ? 100 MET B CE  1 
ATOM 573 N N   . ASP A 1 89  ? 9.769   4.396   4.481   1.00 68.95  ? 101 ASP B N   1 
ATOM 574 C CA  . ASP A 1 89  ? 8.370   4.800   4.341   1.00 65.59  ? 101 ASP B CA  1 
ATOM 575 C C   . ASP A 1 89  ? 7.696   4.120   3.129   1.00 67.33  ? 101 ASP B C   1 
ATOM 576 O O   . ASP A 1 89  ? 6.641   4.572   2.698   1.00 60.77  ? 101 ASP B O   1 
ATOM 577 C CB  . ASP A 1 89  ? 8.271   6.320   4.209   1.00 66.62  ? 101 ASP B CB  1 
ATOM 578 C CG  . ASP A 1 89  ? 9.056   6.889   3.037   1.00 69.22  ? 101 ASP B CG  1 
ATOM 579 O OD1 . ASP A 1 89  ? 8.978   8.102   2.824   1.00 80.17  ? 101 ASP B OD1 1 
ATOM 580 O OD2 . ASP A 1 89  ? 9.741   6.113   2.348   1.00 78.98  ? 101 ASP B OD2 1 
ATOM 581 N N   . CYS A 1 90  ? 8.311   3.063   2.575   1.00 62.88  ? 102 CYS B N   1 
ATOM 582 C CA  . CYS A 1 90  ? 7.790   2.325   1.433   1.00 63.70  ? 102 CYS B CA  1 
ATOM 583 C C   . CYS A 1 90  ? 7.493   0.875   1.818   1.00 66.20  ? 102 CYS B C   1 
ATOM 584 O O   . CYS A 1 90  ? 8.159   0.318   2.686   1.00 65.34  ? 102 CYS B O   1 
ATOM 585 C CB  . CYS A 1 90  ? 8.785   2.277   0.284   1.00 63.71  ? 102 CYS B CB  1 
ATOM 586 S SG  . CYS A 1 90  ? 9.155   3.912   -0.402  1.00 79.50  ? 102 CYS B SG  1 
ATOM 587 N N   . LEU A 1 91  ? 6.504   0.282   1.137   1.00 63.55  ? 103 LEU B N   1 
ATOM 588 C CA  . LEU A 1 91  ? 6.260   -1.151  1.173   1.00 65.77  ? 103 LEU B CA  1 
ATOM 589 C C   . LEU A 1 91  ? 6.344   -1.703  -0.251  1.00 64.85  ? 103 LEU B C   1 
ATOM 590 O O   . LEU A 1 91  ? 5.817   -1.091  -1.186  1.00 64.97  ? 103 LEU B O   1 
ATOM 591 C CB  . LEU A 1 91  ? 4.879   -1.413  1.769   1.00 66.79  ? 103 LEU B CB  1 
ATOM 592 C CG  . LEU A 1 91  ? 4.665   -0.888  3.183   1.00 64.92  ? 103 LEU B CG  1 
ATOM 593 C CD1 . LEU A 1 91  ? 3.216   -1.077  3.608   1.00 60.03  ? 103 LEU B CD1 1 
ATOM 594 C CD2 . LEU A 1 91  ? 5.605   -1.576  4.161   1.00 66.65  ? 103 LEU B CD2 1 
ATOM 595 N N   . LEU A 1 92  ? 7.029   -2.842  -0.391  1.00 65.08  ? 104 LEU B N   1 
ATOM 596 C CA  . LEU A 1 92  ? 7.026   -3.639  -1.607  1.00 68.02  ? 104 LEU B CA  1 
ATOM 597 C C   . LEU A 1 92  ? 6.162   -4.876  -1.335  1.00 67.02  ? 104 LEU B C   1 
ATOM 598 O O   . LEU A 1 92  ? 6.264   -5.491  -0.284  1.00 64.96  ? 104 LEU B O   1 
ATOM 599 C CB  . LEU A 1 92  ? 8.463   -4.009  -2.001  1.00 76.96  ? 104 LEU B CB  1 
ATOM 600 C CG  . LEU A 1 92  ? 8.612   -4.810  -3.305  1.00 90.30  ? 104 LEU B CG  1 
ATOM 601 C CD1 . LEU A 1 92  ? 8.362   -3.952  -4.544  1.00 86.94  ? 104 LEU B CD1 1 
ATOM 602 C CD2 . LEU A 1 92  ? 9.980   -5.480  -3.395  1.00 90.04  ? 104 LEU B CD2 1 
ATOM 603 N N   . PHE A 1 93  ? 5.283   -5.195  -2.284  1.00 64.93  ? 105 PHE B N   1 
ATOM 604 C CA  . PHE A 1 93  ? 4.385   -6.323  -2.202  1.00 67.58  ? 105 PHE B CA  1 
ATOM 605 C C   . PHE A 1 93  ? 4.732   -7.286  -3.347  1.00 72.94  ? 105 PHE B C   1 
ATOM 606 O O   . PHE A 1 93  ? 4.687   -6.897  -4.505  1.00 71.95  ? 105 PHE B O   1 
ATOM 607 C CB  . PHE A 1 93  ? 2.928   -5.853  -2.314  1.00 66.20  ? 105 PHE B CB  1 
ATOM 608 C CG  . PHE A 1 93  ? 2.391   -5.060  -1.146  1.00 60.01  ? 105 PHE B CG  1 
ATOM 609 C CD1 . PHE A 1 93  ? 1.518   -5.637  -0.239  1.00 58.32  ? 105 PHE B CD1 1 
ATOM 610 C CD2 . PHE A 1 93  ? 2.728   -3.728  -0.966  1.00 61.32  ? 105 PHE B CD2 1 
ATOM 611 C CE1 . PHE A 1 93  ? 1.013   -4.910  0.827   1.00 56.20  ? 105 PHE B CE1 1 
ATOM 612 C CE2 . PHE A 1 93  ? 2.224   -3.000  0.101   1.00 59.22  ? 105 PHE B CE2 1 
ATOM 613 C CZ  . PHE A 1 93  ? 1.366   -3.593  0.996   1.00 58.22  ? 105 PHE B CZ  1 
ATOM 614 N N   . GLY A 1 94  ? 5.071   -8.534  -3.010  1.00 72.58  ? 106 GLY B N   1 
ATOM 615 C CA  . GLY A 1 94  ? 5.387   -9.561  -3.999  1.00 76.80  ? 106 GLY B CA  1 
ATOM 616 C C   . GLY A 1 94  ? 4.644   -10.857 -3.729  1.00 87.22  ? 106 GLY B C   1 
ATOM 617 O O   . GLY A 1 94  ? 3.956   -10.974 -2.721  1.00 85.25  ? 106 GLY B O   1 
ATOM 618 N N   . THR A 1 95  ? 4.808   -11.830 -4.640  1.00 107.43 ? 107 THR B N   1 
ATOM 619 C CA  . THR A 1 95  ? 4.147   -13.149 -4.576  1.00 106.42 ? 107 THR B CA  1 
ATOM 620 C C   . THR A 1 95  ? 5.192   -14.268 -4.701  1.00 102.06 ? 107 THR B C   1 
ATOM 621 O O   . THR A 1 95  ? 6.311   -14.143 -4.206  1.00 94.27  ? 107 THR B O   1 
ATOM 622 C CB  . THR A 1 95  ? 3.075   -13.288 -5.667  1.00 105.71 ? 107 THR B CB  1 
ATOM 623 O OG1 . THR A 1 95  ? 3.750   -13.277 -6.924  1.00 98.65  ? 107 THR B OG1 1 
ATOM 624 C CG2 . THR A 1 95  ? 2.032   -12.191 -5.640  1.00 106.76 ? 107 THR B CG2 1 
ATOM 625 N N   . MET A 1 103 ? 3.487   -8.068  -8.133  1.00 77.10  ? 115 MET B N   1 
ATOM 626 C CA  . MET A 1 103 ? 4.404   -7.164  -7.492  1.00 73.60  ? 115 MET B CA  1 
ATOM 627 C C   . MET A 1 103 ? 3.896   -5.712  -7.649  1.00 75.21  ? 115 MET B C   1 
ATOM 628 O O   . MET A 1 103 ? 3.466   -5.272  -8.715  1.00 68.01  ? 115 MET B O   1 
ATOM 629 C CB  . MET A 1 103 ? 5.810   -7.340  -8.075  1.00 83.32  ? 115 MET B CB  1 
ATOM 630 C CG  . MET A 1 103 ? 6.876   -6.501  -7.362  1.00 103.20 ? 115 MET B CG  1 
ATOM 631 S SD  . MET A 1 103 ? 8.597   -6.890  -7.823  1.00 110.35 ? 115 MET B SD  1 
ATOM 632 C CE  . MET A 1 103 ? 8.687   -8.606  -7.304  1.00 111.54 ? 115 MET B CE  1 
ATOM 633 N N   . PHE A 1 104 ? 3.891   -4.968  -6.543  1.00 71.02  ? 116 PHE B N   1 
ATOM 634 C CA  . PHE A 1 104 ? 3.641   -3.548  -6.564  1.00 65.07  ? 116 PHE B CA  1 
ATOM 635 C C   . PHE A 1 104 ? 4.327   -2.942  -5.343  1.00 64.44  ? 116 PHE B C   1 
ATOM 636 O O   . PHE A 1 104 ? 4.767   -3.650  -4.454  1.00 67.84  ? 116 PHE B O   1 
ATOM 637 C CB  . PHE A 1 104 ? 2.142   -3.229  -6.642  1.00 65.23  ? 116 PHE B CB  1 
ATOM 638 C CG  . PHE A 1 104 ? 1.310   -3.597  -5.432  1.00 67.09  ? 116 PHE B CG  1 
ATOM 639 C CD1 . PHE A 1 104 ? 1.123   -2.698  -4.392  1.00 64.69  ? 116 PHE B CD1 1 
ATOM 640 C CD2 . PHE A 1 104 ? 0.660   -4.823  -5.362  1.00 63.83  ? 116 PHE B CD2 1 
ATOM 641 C CE1 . PHE A 1 104 ? 0.354   -3.035  -3.287  1.00 63.69  ? 116 PHE B CE1 1 
ATOM 642 C CE2 . PHE A 1 104 ? -0.101  -5.162  -4.252  1.00 61.20  ? 116 PHE B CE2 1 
ATOM 643 C CZ  . PHE A 1 104 ? -0.242  -4.272  -3.213  1.00 64.99  ? 116 PHE B CZ  1 
ATOM 644 N N   . ARG A 1 105 ? 4.377   -1.614  -5.334  1.00 63.34  ? 117 ARG B N   1 
ATOM 645 C CA  . ARG A 1 105 ? 5.202   -0.811  -4.463  1.00 67.07  ? 117 ARG B CA  1 
ATOM 646 C C   . ARG A 1 105 ? 4.393   0.445   -4.123  1.00 61.38  ? 117 ARG B C   1 
ATOM 647 O O   . ARG A 1 105 ? 3.699   0.994   -4.964  1.00 66.67  ? 117 ARG B O   1 
ATOM 648 C CB  . ARG A 1 105 ? 6.500   -0.463  -5.209  1.00 80.39  ? 117 ARG B CB  1 
ATOM 649 C CG  . ARG A 1 105 ? 7.614   0.140   -4.367  1.00 97.62  ? 117 ARG B CG  1 
ATOM 650 C CD  . ARG A 1 105 ? 8.711   0.799   -5.200  1.00 116.30 ? 117 ARG B CD  1 
ATOM 651 N NE  . ARG A 1 105 ? 8.612   2.260   -5.190  1.00 134.03 ? 117 ARG B NE  1 
ATOM 652 C CZ  . ARG A 1 105 ? 9.076   3.055   -4.222  1.00 131.01 ? 117 ARG B CZ  1 
ATOM 653 N NH1 . ARG A 1 105 ? 8.783   4.347   -4.220  1.00 121.88 ? 117 ARG B NH1 1 
ATOM 654 N NH2 . ARG A 1 105 ? 9.821   2.552   -3.253  1.00 121.56 ? 117 ARG B NH2 1 
ATOM 655 N N   . VAL A 1 106 ? 4.519   0.902   -2.884  1.00 61.99  ? 118 VAL B N   1 
ATOM 656 C CA  . VAL A 1 106 ? 3.728   1.964   -2.340  1.00 56.14  ? 118 VAL B CA  1 
ATOM 657 C C   . VAL A 1 106 ? 4.650   2.832   -1.479  1.00 63.22  ? 118 VAL B C   1 
ATOM 658 O O   . VAL A 1 106 ? 5.606   2.340   -0.896  1.00 64.57  ? 118 VAL B O   1 
ATOM 659 C CB  . VAL A 1 106 ? 2.571   1.349   -1.540  1.00 64.41  ? 118 VAL B CB  1 
ATOM 660 C CG1 . VAL A 1 106 ? 2.243   2.108   -0.278  1.00 72.33  ? 118 VAL B CG1 1 
ATOM 661 C CG2 . VAL A 1 106 ? 1.347   1.174   -2.418  1.00 69.24  ? 118 VAL B CG2 1 
ATOM 662 N N   . GLN A 1 107 ? 4.367   4.132   -1.449  1.00 60.98  ? 119 GLN B N   1 
ATOM 663 C CA  . GLN A 1 107 ? 5.059   5.057   -0.618  1.00 60.36  ? 119 GLN B CA  1 
ATOM 664 C C   . GLN A 1 107 ? 4.024   5.967   0.040   1.00 60.18  ? 119 GLN B C   1 
ATOM 665 O O   . GLN A 1 107 ? 3.229   6.616   -0.668  1.00 63.11  ? 119 GLN B O   1 
ATOM 666 C CB  . GLN A 1 107 ? 6.055   5.858   -1.449  1.00 66.32  ? 119 GLN B CB  1 
ATOM 667 C CG  . GLN A 1 107 ? 6.539   7.109   -0.737  1.00 74.85  ? 119 GLN B CG  1 
ATOM 668 C CD  . GLN A 1 107 ? 7.769   7.726   -1.355  1.00 80.41  ? 119 GLN B CD  1 
ATOM 669 O OE1 . GLN A 1 107 ? 8.528   8.398   -0.666  1.00 81.14  ? 119 GLN B OE1 1 
ATOM 670 N NE2 . GLN A 1 107 ? 7.981   7.494   -2.646  1.00 80.54  ? 119 GLN B NE2 1 
ATOM 671 N N   . PHE A 1 108 ? 4.059   6.007   1.375   1.00 54.11  ? 120 PHE B N   1 
ATOM 672 C CA  . PHE A 1 108 ? 3.127   6.767   2.187   1.00 59.83  ? 120 PHE B CA  1 
ATOM 673 C C   . PHE A 1 108 ? 3.513   8.241   2.124   1.00 61.64  ? 120 PHE B C   1 
ATOM 674 O O   . PHE A 1 108 ? 4.670   8.553   1.934   1.00 69.22  ? 120 PHE B O   1 
ATOM 675 C CB  . PHE A 1 108 ? 3.110   6.257   3.632   1.00 59.18  ? 120 PHE B CB  1 
ATOM 676 C CG  . PHE A 1 108 ? 2.569   4.858   3.766   1.00 60.62  ? 120 PHE B CG  1 
ATOM 677 C CD1 . PHE A 1 108 ? 1.237   4.635   4.047   1.00 60.83  ? 120 PHE B CD1 1 
ATOM 678 C CD2 . PHE A 1 108 ? 3.382   3.757   3.564   1.00 66.35  ? 120 PHE B CD2 1 
ATOM 679 C CE1 . PHE A 1 108 ? 0.733   3.347   4.139   1.00 60.12  ? 120 PHE B CE1 1 
ATOM 680 C CE2 . PHE A 1 108 ? 2.877   2.468   3.668   1.00 65.87  ? 120 PHE B CE2 1 
ATOM 681 C CZ  . PHE A 1 108 ? 1.548   2.266   3.943   1.00 59.95  ? 120 PHE B CZ  1 
ATOM 682 N N   . SER A 1 109 ? 2.524   9.129   2.275   1.00 69.67  ? 121 SER B N   1 
ATOM 683 C CA  . SER A 1 109 ? 2.761   10.571  2.195   1.00 72.24  ? 121 SER B CA  1 
ATOM 684 C C   . SER A 1 109 ? 2.993   11.159  3.592   1.00 74.93  ? 121 SER B C   1 
ATOM 685 O O   . SER A 1 109 ? 2.839   10.481  4.599   1.00 78.57  ? 121 SER B O   1 
ATOM 686 C CB  . SER A 1 109 ? 1.661   11.288  1.436   1.00 71.06  ? 121 SER B CB  1 
ATOM 687 O OG  . SER A 1 109 ? 0.382   10.777  1.733   1.00 64.88  ? 121 SER B OG  1 
ATOM 688 N N   . GLY A 1 110 ? 3.434   12.418  3.608   1.00 79.94  ? 122 GLY B N   1 
ATOM 689 C CA  . GLY A 1 110 ? 3.592   13.222  4.815   1.00 81.15  ? 122 GLY B CA  1 
ATOM 690 C C   . GLY A 1 110 ? 4.404   14.475  4.525   1.00 84.01  ? 122 GLY B C   1 
ATOM 691 O O   . GLY A 1 110 ? 5.167   14.509  3.571   1.00 68.91  ? 122 GLY B O   1 
ATOM 692 N N   . GLU A 1 111 ? 4.240   15.505  5.362   1.00 95.80  ? 123 GLU B N   1 
ATOM 693 C CA  . GLU A 1 111 ? 4.932   16.779  5.186   1.00 101.08 ? 123 GLU B CA  1 
ATOM 694 C C   . GLU A 1 111 ? 6.423   16.604  5.499   1.00 95.01  ? 123 GLU B C   1 
ATOM 695 O O   . GLU A 1 111 ? 7.235   17.332  4.957   1.00 105.22 ? 123 GLU B O   1 
ATOM 696 C CB  . GLU A 1 111 ? 4.299   17.864  6.055   1.00 115.17 ? 123 GLU B CB  1 
ATOM 697 C CG  . GLU A 1 111 ? 2.851   18.165  5.692   1.00 126.38 ? 123 GLU B CG  1 
ATOM 698 C CD  . GLU A 1 111 ? 2.007   18.677  6.850   1.00 138.99 ? 123 GLU B CD  1 
ATOM 699 O OE1 . GLU A 1 111 ? 0.891   18.150  7.046   1.00 143.84 ? 123 GLU B OE1 1 
ATOM 700 O OE2 . GLU A 1 111 ? 2.465   19.600  7.558   1.00 139.88 ? 123 GLU B OE2 1 
ATOM 701 N N   . SER A 1 112 ? 6.764   15.632  6.355   1.00 90.15  ? 124 SER B N   1 
ATOM 702 C CA  . SER A 1 112 ? 8.165   15.278  6.656   1.00 84.87  ? 124 SER B CA  1 
ATOM 703 C C   . SER A 1 112 ? 8.382   13.774  6.480   1.00 84.57  ? 124 SER B C   1 
ATOM 704 O O   . SER A 1 112 ? 7.416   13.016  6.376   1.00 95.41  ? 124 SER B O   1 
ATOM 705 C CB  . SER A 1 112 ? 8.530   15.692  8.054   1.00 86.11  ? 124 SER B CB  1 
ATOM 706 O OG  . SER A 1 112 ? 7.612   15.161  8.996   1.00 82.82  ? 124 SER B OG  1 
ATOM 707 N N   . LYS A 1 113 ? 9.656   13.367  6.488   1.00 82.95  ? 125 LYS B N   1 
ATOM 708 C CA  . LYS A 1 113 ? 10.077  11.948  6.459   1.00 86.14  ? 125 LYS B CA  1 
ATOM 709 C C   . LYS A 1 113 ? 9.537   11.182  7.679   1.00 83.16  ? 125 LYS B C   1 
ATOM 710 O O   . LYS A 1 113 ? 9.250   10.000  7.550   1.00 82.31  ? 125 LYS B O   1 
ATOM 711 C CB  . LYS A 1 113 ? 11.604  11.819  6.420   1.00 91.59  ? 125 LYS B CB  1 
ATOM 712 C CG  . LYS A 1 113 ? 12.231  11.881  5.035   1.00 102.98 ? 125 LYS B CG  1 
ATOM 713 C CD  . LYS A 1 113 ? 13.732  11.665  5.013   1.00 113.19 ? 125 LYS B CD  1 
ATOM 714 C CE  . LYS A 1 113 ? 14.344  12.062  3.682   1.00 126.99 ? 125 LYS B CE  1 
ATOM 715 N NZ  . LYS A 1 113 ? 15.825  11.999  3.701   1.00 130.86 ? 125 LYS B NZ  1 
ATOM 716 N N   . GLU A 1 114 ? 9.435   11.850  8.840   1.00 77.70  ? 126 GLU B N   1 
ATOM 717 C CA  . GLU A 1 114 ? 8.877   11.284  10.073  1.00 85.19  ? 126 GLU B CA  1 
ATOM 718 C C   . GLU A 1 114 ? 7.384   10.970  9.923   1.00 81.44  ? 126 GLU B C   1 
ATOM 719 O O   . GLU A 1 114 ? 6.910   9.924   10.357  1.00 76.46  ? 126 GLU B O   1 
ATOM 720 C CB  . GLU A 1 114 ? 8.926   12.271  11.238  1.00 94.75  ? 126 GLU B CB  1 
ATOM 721 C CG  . GLU A 1 114 ? 10.312  12.640  11.706  1.00 122.09 ? 126 GLU B CG  1 
ATOM 722 C CD  . GLU A 1 114 ? 10.300  13.545  12.929  1.00 143.59 ? 126 GLU B CD  1 
ATOM 723 O OE1 . GLU A 1 114 ? 9.369   13.407  13.764  1.00 136.89 ? 126 GLU B OE1 1 
ATOM 724 O OE2 . GLU A 1 114 ? 11.212  14.392  13.045  1.00 167.01 ? 126 GLU B OE2 1 
ATOM 725 N N   . GLU A 1 115 ? 6.642   11.944  9.392   1.00 80.69  ? 127 GLU B N   1 
ATOM 726 C CA  . GLU A 1 115 ? 5.212   11.858  9.274   1.00 78.30  ? 127 GLU B CA  1 
ATOM 727 C C   . GLU A 1 115 ? 4.861   10.720  8.303   1.00 69.78  ? 127 GLU B C   1 
ATOM 728 O O   . GLU A 1 115 ? 3.923   9.971   8.544   1.00 72.99  ? 127 GLU B O   1 
ATOM 729 C CB  . GLU A 1 115 ? 4.644   13.211  8.843   1.00 90.59  ? 127 GLU B CB  1 
ATOM 730 C CG  . GLU A 1 115 ? 3.131   13.294  8.983   1.00 105.73 ? 127 GLU B CG  1 
ATOM 731 C CD  . GLU A 1 115 ? 2.457   14.437  8.243   1.00 109.49 ? 127 GLU B CD  1 
ATOM 732 O OE1 . GLU A 1 115 ? 3.157   15.407  7.879   1.00 119.38 ? 127 GLU B OE1 1 
ATOM 733 O OE2 . GLU A 1 115 ? 1.233   14.350  8.027   1.00 109.53 ? 127 GLU B OE2 1 
ATOM 734 N N   . ALA A 1 116 ? 5.636   10.580  7.222   1.00 59.66  ? 128 ALA B N   1 
ATOM 735 C CA  . ALA A 1 116 ? 5.432   9.501   6.267   1.00 61.02  ? 128 ALA B CA  1 
ATOM 736 C C   . ALA A 1 116 ? 5.749   8.161   6.938   1.00 62.63  ? 128 ALA B C   1 
ATOM 737 O O   . ALA A 1 116 ? 4.985   7.207   6.835   1.00 63.99  ? 128 ALA B O   1 
ATOM 738 C CB  . ALA A 1 116 ? 6.274   9.717   5.037   1.00 58.90  ? 128 ALA B CB  1 
ATOM 739 N N   . LEU A 1 117 ? 6.880   8.112   7.643   1.00 64.59  ? 129 LEU B N   1 
ATOM 740 C CA  . LEU A 1 117 ? 7.308   6.921   8.347   1.00 62.69  ? 129 LEU B CA  1 
ATOM 741 C C   . LEU A 1 117 ? 6.248   6.509   9.378   1.00 59.92  ? 129 LEU B C   1 
ATOM 742 O O   . LEU A 1 117 ? 5.928   5.350   9.485   1.00 63.43  ? 129 LEU B O   1 
ATOM 743 C CB  . LEU A 1 117 ? 8.664   7.189   9.003   1.00 66.91  ? 129 LEU B CB  1 
ATOM 744 C CG  . LEU A 1 117 ? 9.309   5.976   9.671   1.00 68.65  ? 129 LEU B CG  1 
ATOM 745 C CD1 . LEU A 1 117 ? 9.452   4.840   8.676   1.00 68.21  ? 129 LEU B CD1 1 
ATOM 746 C CD2 . LEU A 1 117 ? 10.654  6.335   10.285  1.00 74.00  ? 129 LEU B CD2 1 
ATOM 747 N N   . GLU A 1 118 ? 5.682   7.480   10.093  1.00 61.38  ? 130 GLU B N   1 
ATOM 748 C CA  . GLU A 1 118 ? 4.658   7.240   11.111  1.00 64.04  ? 130 GLU B CA  1 
ATOM 749 C C   . GLU A 1 118 ? 3.380   6.684   10.474  1.00 62.19  ? 130 GLU B C   1 
ATOM 750 O O   . GLU A 1 118 ? 2.713   5.868   11.071  1.00 65.46  ? 130 GLU B O   1 
ATOM 751 C CB  . GLU A 1 118 ? 4.324   8.531   11.866  1.00 58.86  ? 130 GLU B CB  1 
ATOM 752 C CG  . GLU A 1 118 ? 3.201   8.391   12.894  1.00 65.66  ? 130 GLU B CG  1 
ATOM 753 C CD  . GLU A 1 118 ? 3.404   7.412   14.047  1.00 75.43  ? 130 GLU B CD  1 
ATOM 754 O OE1 . GLU A 1 118 ? 4.545   6.943   14.227  1.00 82.70  ? 130 GLU B OE1 1 
ATOM 755 O OE2 . GLU A 1 118 ? 2.414   7.124   14.783  1.00 81.12  ? 130 GLU B OE2 1 
ATOM 756 N N   . ARG A 1 119 ? 3.024   7.188   9.293   1.00 63.66  ? 131 ARG B N   1 
ATOM 757 C CA  . ARG A 1 119 ? 1.917   6.658   8.528   1.00 67.76  ? 131 ARG B CA  1 
ATOM 758 C C   . ARG A 1 119 ? 2.195   5.196   8.171   1.00 65.49  ? 131 ARG B C   1 
ATOM 759 O O   . ARG A 1 119 ? 1.405   4.315   8.502   1.00 69.81  ? 131 ARG B O   1 
ATOM 760 C CB  . ARG A 1 119 ? 1.715   7.433   7.223   1.00 73.34  ? 131 ARG B CB  1 
ATOM 761 C CG  . ARG A 1 119 ? 0.700   8.553   7.314   1.00 74.87  ? 131 ARG B CG  1 
ATOM 762 C CD  . ARG A 1 119 ? 0.287   9.045   5.939   1.00 79.15  ? 131 ARG B CD  1 
ATOM 763 N NE  . ARG A 1 119 ? -0.487  10.259  6.136   1.00 91.63  ? 131 ARG B NE  1 
ATOM 764 C CZ  . ARG A 1 119 ? -0.027  11.358  6.730   1.00 79.30  ? 131 ARG B CZ  1 
ATOM 765 N NH1 . ARG A 1 119 ? 1.239   11.716  6.600   1.00 85.69  ? 131 ARG B NH1 1 
ATOM 766 N NH2 . ARG A 1 119 ? -0.835  12.069  7.487   1.00 79.50  ? 131 ARG B NH2 1 
ATOM 767 N N   . CYS A 1 120 ? 3.323   4.974   7.490   1.00 62.13  ? 132 CYS B N   1 
ATOM 768 C CA  . CYS A 1 120 ? 3.785   3.652   7.092   1.00 70.37  ? 132 CYS B CA  1 
ATOM 769 C C   . CYS A 1 120 ? 3.698   2.632   8.240   1.00 64.33  ? 132 CYS B C   1 
ATOM 770 O O   . CYS A 1 120 ? 3.223   1.526   8.056   1.00 66.86  ? 132 CYS B O   1 
ATOM 771 C CB  . CYS A 1 120 ? 5.222   3.703   6.594   1.00 67.58  ? 132 CYS B CB  1 
ATOM 772 S SG  . CYS A 1 120 ? 5.709   2.158   5.782   1.00 68.68  ? 132 CYS B SG  1 
ATOM 773 N N   . CYS A 1 121 ? 4.148   3.022   9.427   1.00 62.30  ? 133 CYS B N   1 
ATOM 774 C CA  . CYS A 1 121 ? 4.262   2.115   10.547  1.00 71.04  ? 133 CYS B CA  1 
ATOM 775 C C   . CYS A 1 121 ? 2.865   1.709   11.043  1.00 63.34  ? 133 CYS B C   1 
ATOM 776 O O   . CYS A 1 121 ? 2.607   0.537   11.329  1.00 60.32  ? 133 CYS B O   1 
ATOM 777 C CB  . CYS A 1 121 ? 5.100   2.748   11.653  1.00 83.92  ? 133 CYS B CB  1 
ATOM 778 S SG  . CYS A 1 121 ? 5.460   1.626   13.031  1.00 106.96 ? 133 CYS B SG  1 
ATOM 779 N N   . GLY A 1 122 ? 1.963   2.685   11.147  1.00 63.70  ? 134 GLY B N   1 
ATOM 780 C CA  . GLY A 1 122 ? 0.562   2.439   11.495  1.00 61.16  ? 134 GLY B CA  1 
ATOM 781 C C   . GLY A 1 122 ? -0.078  1.393   10.590  1.00 61.40  ? 134 GLY B C   1 
ATOM 782 O O   . GLY A 1 122 ? -0.851  0.538   11.028  1.00 72.79  ? 134 GLY B O   1 
ATOM 783 N N   . CYS A 1 123 ? 0.252   1.464   9.304   1.00 59.08  ? 135 CYS B N   1 
ATOM 784 C CA  . CYS A 1 123 ? -0.291  0.573   8.332   1.00 58.62  ? 135 CYS B CA  1 
ATOM 785 C C   . CYS A 1 123 ? 0.337   -0.811  8.523   1.00 59.27  ? 135 CYS B C   1 
ATOM 786 O O   . CYS A 1 123 ? -0.350  -1.831  8.485   1.00 65.21  ? 135 CYS B O   1 
ATOM 787 C CB  . CYS A 1 123 ? -0.058  1.127   6.934   1.00 57.03  ? 135 CYS B CB  1 
ATOM 788 S SG  . CYS A 1 123 ? -0.672  0.061   5.607   1.00 63.77  ? 135 CYS B SG  1 
ATOM 789 N N   . VAL A 1 124 ? 1.650   -0.832  8.743   1.00 59.95  ? 136 VAL B N   1 
ATOM 790 C CA  . VAL A 1 124 ? 2.362   -2.072  8.990   1.00 61.27  ? 136 VAL B CA  1 
ATOM 791 C C   . VAL A 1 124 ? 1.685   -2.815  10.151  1.00 58.65  ? 136 VAL B C   1 
ATOM 792 O O   . VAL A 1 124 ? 1.534   -4.030  10.096  1.00 59.70  ? 136 VAL B O   1 
ATOM 793 C CB  . VAL A 1 124 ? 3.856   -1.801  9.243   1.00 65.63  ? 136 VAL B CB  1 
ATOM 794 C CG1 . VAL A 1 124 ? 4.552   -2.950  9.963   1.00 67.89  ? 136 VAL B CG1 1 
ATOM 795 C CG2 . VAL A 1 124 ? 4.572   -1.472  7.942   1.00 63.48  ? 136 VAL B CG2 1 
ATOM 796 N N   . GLN A 1 125 ? 1.253   -2.064  11.170  1.00 58.79  ? 137 GLN B N   1 
ATOM 797 C CA  . GLN A 1 125 ? 0.597   -2.603  12.356  1.00 56.93  ? 137 GLN B CA  1 
ATOM 798 C C   . GLN A 1 125 ? -0.692  -3.338  11.993  1.00 59.26  ? 137 GLN B C   1 
ATOM 799 O O   . GLN A 1 125 ? -0.960  -4.367  12.578  1.00 72.05  ? 137 GLN B O   1 
ATOM 800 C CB  . GLN A 1 125 ? 0.260   -1.503  13.359  1.00 59.16  ? 137 GLN B CB  1 
ATOM 801 C CG  . GLN A 1 125 ? 1.400   -1.188  14.300  1.00 65.57  ? 137 GLN B CG  1 
ATOM 802 C CD  . GLN A 1 125 ? 1.168   0.067   15.101  1.00 68.74  ? 137 GLN B CD  1 
ATOM 803 O OE1 . GLN A 1 125 ? 1.876   1.050   14.924  1.00 71.39  ? 137 GLN B OE1 1 
ATOM 804 N NE2 . GLN A 1 125 ? 0.190   0.035   15.998  1.00 63.56  ? 137 GLN B NE2 1 
ATOM 805 N N   . THR A 1 126 ? -1.506  -2.809  11.066  1.00 66.10  ? 138 THR B N   1 
ATOM 806 C CA  . THR A 1 126 ? -2.713  -3.543  10.714  1.00 64.54  ? 138 THR B CA  1 
ATOM 807 C C   . THR A 1 126 ? -2.311  -4.679  9.763   1.00 60.52  ? 138 THR B C   1 
ATOM 808 O O   . THR A 1 126 ? -2.715  -5.790  9.991   1.00 66.38  ? 138 THR B O   1 
ATOM 809 C CB  . THR A 1 126 ? -3.890  -2.646  10.294  1.00 68.67  ? 138 THR B CB  1 
ATOM 810 O OG1 . THR A 1 126 ? -3.967  -2.560  8.875   1.00 89.33  ? 138 THR B OG1 1 
ATOM 811 C CG2 . THR A 1 126 ? -3.840  -1.268  10.916  1.00 70.90  ? 138 THR B CG2 1 
ATOM 812 N N   . LEU A 1 127 ? -1.455  -4.411  8.770   1.00 61.68  ? 139 LEU B N   1 
ATOM 813 C CA  . LEU A 1 127 ? -1.005  -5.430  7.807   1.00 62.96  ? 139 LEU B CA  1 
ATOM 814 C C   . LEU A 1 127 ? -0.451  -6.655  8.536   1.00 66.95  ? 139 LEU B C   1 
ATOM 815 O O   . LEU A 1 127 ? -0.683  -7.800  8.138   1.00 74.78  ? 139 LEU B O   1 
ATOM 816 C CB  . LEU A 1 127 ? 0.114   -4.864  6.933   1.00 64.02  ? 139 LEU B CB  1 
ATOM 817 C CG  . LEU A 1 127 ? -0.313  -4.010  5.753   1.00 65.83  ? 139 LEU B CG  1 
ATOM 818 C CD1 . LEU A 1 127 ? 0.907   -3.478  5.019   1.00 65.21  ? 139 LEU B CD1 1 
ATOM 819 C CD2 . LEU A 1 127 ? -1.189  -4.812  4.813   1.00 72.58  ? 139 LEU B CD2 1 
ATOM 820 N N   . ALA A 1 128 ? 0.348   -6.395  9.569   1.00 65.83  ? 140 ALA B N   1 
ATOM 821 C CA  . ALA A 1 128 ? 1.063   -7.448  10.274  1.00 62.03  ? 140 ALA B CA  1 
ATOM 822 C C   . ALA A 1 128 ? 0.099   -8.369  11.041  1.00 65.39  ? 140 ALA B C   1 
ATOM 823 O O   . ALA A 1 128 ? 0.511   -9.421  11.489  1.00 70.54  ? 140 ALA B O   1 
ATOM 824 C CB  . ALA A 1 128 ? 2.074   -6.836  11.201  1.00 58.28  ? 140 ALA B CB  1 
ATOM 825 N N   . GLN A 1 129 ? -1.168  -7.970  11.208  1.00 64.68  ? 141 GLN B N   1 
ATOM 826 C CA  . GLN A 1 129 ? -2.190  -8.850  11.797  1.00 68.57  ? 141 GLN B CA  1 
ATOM 827 C C   . GLN A 1 129 ? -2.485  -10.054 10.882  1.00 75.06  ? 141 GLN B C   1 
ATOM 828 O O   . GLN A 1 129 ? -2.966  -11.069 11.369  1.00 73.34  ? 141 GLN B O   1 
ATOM 829 C CB  . GLN A 1 129 ? -3.468  -8.070  12.099  1.00 64.44  ? 141 GLN B CB  1 
ATOM 830 C CG  . GLN A 1 129 ? -3.301  -7.035  13.203  1.00 65.55  ? 141 GLN B CG  1 
ATOM 831 C CD  . GLN A 1 129 ? -4.537  -6.179  13.339  1.00 79.91  ? 141 GLN B CD  1 
ATOM 832 O OE1 . GLN A 1 129 ? -5.658  -6.671  13.250  1.00 89.55  ? 141 GLN B OE1 1 
ATOM 833 N NE2 . GLN A 1 129 ? -4.349  -4.885  13.550  1.00 82.01  ? 141 GLN B NE2 1 
ATOM 834 N N   . TYR A 1 130 ? -2.188  -9.940  9.579   1.00 75.51  ? 142 TYR B N   1 
ATOM 835 C CA  . TYR A 1 130 ? -2.536  -10.949 8.573   1.00 72.23  ? 142 TYR B CA  1 
ATOM 836 C C   . TYR A 1 130 ? -1.292  -11.630 7.994   1.00 74.40  ? 142 TYR B C   1 
ATOM 837 O O   . TYR A 1 130 ? -1.340  -12.813 7.662   1.00 84.50  ? 142 TYR B O   1 
ATOM 838 C CB  . TYR A 1 130 ? -3.328  -10.307 7.431   1.00 71.29  ? 142 TYR B CB  1 
ATOM 839 C CG  . TYR A 1 130 ? -4.562  -9.574  7.886   1.00 67.60  ? 142 TYR B CG  1 
ATOM 840 C CD1 . TYR A 1 130 ? -5.761  -10.237 8.071   1.00 66.29  ? 142 TYR B CD1 1 
ATOM 841 C CD2 . TYR A 1 130 ? -4.526  -8.223  8.166   1.00 68.24  ? 142 TYR B CD2 1 
ATOM 842 C CE1 . TYR A 1 130 ? -6.891  -9.577  8.521   1.00 61.23  ? 142 TYR B CE1 1 
ATOM 843 C CE2 . TYR A 1 130 ? -5.651  -7.545  8.605   1.00 69.72  ? 142 TYR B CE2 1 
ATOM 844 C CZ  . TYR A 1 130 ? -6.837  -8.228  8.789   1.00 67.29  ? 142 TYR B CZ  1 
ATOM 845 O OH  . TYR A 1 130 ? -7.952  -7.570  9.212   1.00 76.18  ? 142 TYR B OH  1 
ATOM 846 N N   . VAL A 1 131 ? -0.214  -10.865 7.804   1.00 77.49  ? 143 VAL B N   1 
ATOM 847 C CA  . VAL A 1 131 ? 1.017   -11.341 7.164   1.00 80.06  ? 143 VAL B CA  1 
ATOM 848 C C   . VAL A 1 131 ? 2.200   -10.889 8.006   1.00 74.45  ? 143 VAL B C   1 
ATOM 849 O O   . VAL A 1 131 ? 2.046   -10.037 8.866   1.00 97.76  ? 143 VAL B O   1 
ATOM 850 C CB  . VAL A 1 131 ? 1.181   -10.769 5.747   1.00 87.63  ? 143 VAL B CB  1 
ATOM 851 C CG1 . VAL A 1 131 ? 1.992   -11.705 4.859   1.00 88.80  ? 143 VAL B CG1 1 
ATOM 852 C CG2 . VAL A 1 131 ? -0.165  -10.445 5.125   1.00 99.97  ? 143 VAL B CG2 1 
ATOM 853 N N   . THR A 1 132 ? 3.386   -11.409 7.709   1.00 69.43  ? 144 THR B N   1 
ATOM 854 C CA  . THR A 1 132 ? 4.543   -10.815 8.293   1.00 72.84  ? 144 THR B CA  1 
ATOM 855 C C   . THR A 1 132 ? 5.132   -9.821  7.290   1.00 72.27  ? 144 THR B C   1 
ATOM 856 O O   . THR A 1 132 ? 5.157   -10.069 6.081   1.00 77.03  ? 144 THR B O   1 
ATOM 857 C CB  . THR A 1 132 ? 5.512   -11.865 8.850   1.00 71.69  ? 144 THR B CB  1 
ATOM 858 O OG1 . THR A 1 132 ? 6.456   -12.139 7.829   1.00 73.70  ? 144 THR B OG1 1 
ATOM 859 C CG2 . THR A 1 132 ? 4.826   -13.121 9.347   1.00 74.72  ? 144 THR B CG2 1 
ATOM 860 N N   . VAL A 1 133 ? 5.597   -8.694  7.841   1.00 70.87  ? 145 VAL B N   1 
ATOM 861 C CA  . VAL A 1 133 ? 6.226   -7.619  7.130   1.00 65.28  ? 145 VAL B CA  1 
ATOM 862 C C   . VAL A 1 133 ? 7.733   -7.673  7.409   1.00 67.89  ? 145 VAL B C   1 
ATOM 863 O O   . VAL A 1 133 ? 8.194   -7.273  8.465   1.00 65.43  ? 145 VAL B O   1 
ATOM 864 C CB  . VAL A 1 133 ? 5.606   -6.274  7.548   1.00 62.25  ? 145 VAL B CB  1 
ATOM 865 C CG1 . VAL A 1 133 ? 6.274   -5.090  6.859   1.00 63.57  ? 145 VAL B CG1 1 
ATOM 866 C CG2 . VAL A 1 133 ? 4.112   -6.268  7.281   1.00 66.88  ? 145 VAL B CG2 1 
ATOM 867 N N   . GLN A 1 134 ? 8.483   -8.133  6.405   1.00 72.69  ? 146 GLN B N   1 
ATOM 868 C CA  . GLN A 1 134 ? 9.898   -8.402  6.494   1.00 71.26  ? 146 GLN B CA  1 
ATOM 869 C C   . GLN A 1 134 ? 10.708  -7.114  6.321   1.00 72.95  ? 146 GLN B C   1 
ATOM 870 O O   . GLN A 1 134 ? 10.219  -6.106  5.827   1.00 74.52  ? 146 GLN B O   1 
ATOM 871 C CB  . GLN A 1 134 ? 10.292  -9.431  5.431   1.00 74.44  ? 146 GLN B CB  1 
ATOM 872 C CG  . GLN A 1 134 ? 9.703   -10.809 5.686   1.00 78.81  ? 146 GLN B CG  1 
ATOM 873 C CD  . GLN A 1 134 ? 9.379   -11.510 4.394   1.00 90.20  ? 146 GLN B CD  1 
ATOM 874 O OE1 . GLN A 1 134 ? 10.268  -11.921 3.656   1.00 99.53  ? 146 GLN B OE1 1 
ATOM 875 N NE2 . GLN A 1 134 ? 8.091   -11.624 4.100   1.00 97.84  ? 146 GLN B NE2 1 
ATOM 876 N N   . GLU A 1 135 ? 11.974  -7.198  6.741   1.00 83.37  ? 147 GLU B N   1 
ATOM 877 C CA  . GLU A 1 135 ? 12.987  -6.182  6.519   1.00 86.63  ? 147 GLU B CA  1 
ATOM 878 C C   . GLU A 1 135 ? 13.690  -6.528  5.213   1.00 79.03  ? 147 GLU B C   1 
ATOM 879 O O   . GLU A 1 135 ? 13.583  -7.647  4.723   1.00 80.41  ? 147 GLU B O   1 
ATOM 880 C CB  . GLU A 1 135 ? 13.951  -6.119  7.710   1.00 95.36  ? 147 GLU B CB  1 
ATOM 881 C CG  . GLU A 1 135 ? 13.253  -6.275  9.056   1.00 111.29 ? 147 GLU B CG  1 
ATOM 882 C CD  . GLU A 1 135 ? 13.979  -5.726  10.276  1.00 126.69 ? 147 GLU B CD  1 
ATOM 883 O OE1 . GLU A 1 135 ? 15.169  -5.358  10.141  1.00 133.91 ? 147 GLU B OE1 1 
ATOM 884 O OE2 . GLU A 1 135 ? 13.349  -5.671  11.368  1.00 127.21 ? 147 GLU B OE2 1 
ATOM 885 N N   . PRO A 1 136 ? 14.404  -5.584  4.571   1.00 83.53  ? 148 PRO B N   1 
ATOM 886 C CA  . PRO A 1 136 ? 15.042  -5.869  3.285   1.00 90.06  ? 148 PRO B CA  1 
ATOM 887 C C   . PRO A 1 136 ? 16.126  -6.958  3.365   1.00 102.49 ? 148 PRO B C   1 
ATOM 888 O O   . PRO A 1 136 ? 16.765  -7.124  4.401   1.00 98.67  ? 148 PRO B O   1 
ATOM 889 C CB  . PRO A 1 136 ? 15.668  -4.529  2.889   1.00 86.90  ? 148 PRO B CB  1 
ATOM 890 C CG  . PRO A 1 136 ? 14.936  -3.503  3.734   1.00 85.60  ? 148 PRO B CG  1 
ATOM 891 C CD  . PRO A 1 136 ? 14.625  -4.207  5.033   1.00 78.75  ? 148 PRO B CD  1 
ATOM 892 N N   . ASP A 1 137 ? 16.341  -7.640  2.234   1.00 124.07 ? 149 ASP B N   1 
ATOM 893 C CA  . ASP A 1 137 ? 17.168  -8.845  2.113   1.00 122.66 ? 149 ASP B CA  1 
ATOM 894 C C   . ASP A 1 137 ? 18.618  -8.428  1.845   1.00 116.90 ? 149 ASP B C   1 
ATOM 895 O O   . ASP A 1 137 ? 19.376  -8.178  2.775   1.00 105.32 ? 149 ASP B O   1 
ATOM 896 C CB  . ASP A 1 137 ? 16.624  -9.759  1.005   1.00 124.02 ? 149 ASP B CB  1 
ATOM 897 C CG  . ASP A 1 137 ? 15.099  -9.827  0.945   1.00 140.44 ? 149 ASP B CG  1 
ATOM 898 O OD1 . ASP A 1 137 ? 14.497  -10.425 1.860   1.00 150.41 ? 149 ASP B OD1 1 
ATOM 899 O OD2 . ASP A 1 137 ? 14.515  -9.264  -0.009  1.00 132.97 ? 149 ASP B OD2 1 
# 
